data_3WKT
#
_entry.id   3WKT
#
_cell.length_a   290.336
_cell.length_b   290.336
_cell.length_c   83.646
_cell.angle_alpha   90.00
_cell.angle_beta   90.00
_cell.angle_gamma   120.00
#
_symmetry.space_group_name_H-M   'P 61'
#
loop_
_entity.id
_entity.type
_entity.pdbx_description
1 polymer 'NADPH-cytochrome P450 reductase'
2 polymer 'Heme oxygenase 1'
3 non-polymer 'FLAVIN-ADENINE DINUCLEOTIDE'
4 non-polymer 'FLAVIN MONONUCLEOTIDE'
5 non-polymer 'NADP NICOTINAMIDE-ADENINE-DINUCLEOTIDE PHOSPHATE'
6 non-polymer 'PROTOPORPHYRIN IX CONTAINING FE'
#
loop_
_entity_poly.entity_id
_entity_poly.type
_entity_poly.pdbx_seq_one_letter_code
_entity_poly.pdbx_strand_id
1 'polypeptide(L)'
;MQTTAPPVKESSFVEKMKKTGRNIIVFYGSQTGTAEEFANRLSKDAHRYGMRGMSADPEEYDLADLSSLPEIDKSLVVFC
MATYGEGDPTDNAQDFYDWLQETDVDLTGVKFAVFGLGNKTYEHFNAMGKYVDQRLEQLGAQRIFELGLGDDDGNLEEDF
ITWREQFWPAVCEFFGVEASSIRQYELVVHEDMDVAKVYTGEMGRLKSYENQKPPFDAKNPFLAAVTANRKLNQGTERHL
MHLELDISDSKIRYESGDHVAVYPANDSALVNQIGEILGADLDVIMSLNNLDEESNKKHPFPCPTTYRTALTYYLDITNP
PRTNVLYELAQYASEPSEQEHLHKMASSSGEGKELYLSWVVEARRHILAILQDYPSLRPPIDHLCELLPRLQARYYSIAS
SSKVHPNSVHICAVAVEYEAKSGRVNKGVATSWLRAKEPAGENGGRALVPMFVRKSQFRLPFKSTTPVIMVGPGTGIAPF
MGFIQERAWLREQGKEVGETLLYYGCRRSDEDYLYREELARFHKDGALTQLNVAFSREQAHKVYVQHLLKRDREHLWKLI
HEGGAHIYVCGDARNMAKDVQNTFYDIVAEFGPMEHTQAVDYVKKLMTKGRYSLDVWS
;
A,B
2 'polypeptide(L)'
;MERPQLDSMSQDLSEALKEATKEVHIRAENSEFMRNFQKGQVSREGFKLVMASLYHIYTALEEEIERNKQNPVYAPLYFP
EELHRRAALEQDMAFWYGPHWQEAIPYTPATQHYVKRLHEVGGTHPELLVAHAYTRYLGDLSGGQVLKKIAQKAMALPSS
GEGLAFFTFPSIDNPTKFKQLYRARMNTLEMTPEVKHRVTEEAKTAFLLNIELFEELQALLTEEHKDQSPSQTEFLRQRP
ASLVQDTTSAETPRGKSQISTSSSQTP
;
C,D
#
loop_
_chem_comp.id
_chem_comp.type
_chem_comp.name
_chem_comp.formula
FAD non-polymer 'FLAVIN-ADENINE DINUCLEOTIDE' 'C27 H33 N9 O15 P2'
FMN non-polymer 'FLAVIN MONONUCLEOTIDE' 'C17 H21 N4 O9 P'
HEM non-polymer 'PROTOPORPHYRIN IX CONTAINING FE' 'C34 H32 Fe N4 O4'
NAP non-polymer 'NADP NICOTINAMIDE-ADENINE-DINUCLEOTIDE PHOSPHATE' 'C21 H28 N7 O17 P3'
#
# COMPACT_ATOMS: atom_id res chain seq x y z
N GLU A 10 2.88 -60.72 1.56
CA GLU A 10 3.44 -60.52 0.19
C GLU A 10 4.97 -60.33 0.20
N SER A 11 5.58 -60.49 -0.97
CA SER A 11 7.01 -60.27 -1.09
C SER A 11 7.34 -58.80 -0.86
N SER A 12 8.34 -58.58 -0.02
CA SER A 12 8.76 -57.25 0.47
C SER A 12 8.55 -56.03 -0.45
N PHE A 13 8.12 -54.93 0.16
CA PHE A 13 7.74 -53.74 -0.57
C PHE A 13 8.91 -52.98 -1.12
N VAL A 14 10.07 -53.07 -0.47
CA VAL A 14 11.31 -52.45 -0.96
C VAL A 14 11.63 -53.00 -2.36
N GLU A 15 11.58 -54.32 -2.43
CA GLU A 15 11.92 -55.03 -3.66
C GLU A 15 10.90 -54.63 -4.76
N LYS A 16 9.63 -54.62 -4.37
CA LYS A 16 8.54 -54.42 -5.31
C LYS A 16 8.48 -53.00 -5.83
N MET A 17 8.97 -52.03 -5.06
CA MET A 17 9.15 -50.66 -5.56
C MET A 17 10.18 -50.56 -6.68
N LYS A 18 11.41 -51.03 -6.44
CA LYS A 18 12.43 -51.02 -7.45
C LYS A 18 12.03 -51.90 -8.62
N LYS A 19 11.19 -52.90 -8.37
CA LYS A 19 10.74 -53.85 -9.41
C LYS A 19 9.60 -53.28 -10.28
N THR A 20 8.71 -52.49 -9.65
CA THR A 20 7.60 -51.81 -10.35
C THR A 20 7.96 -50.38 -10.79
N GLY A 21 9.16 -49.95 -10.40
CA GLY A 21 9.79 -48.73 -10.93
C GLY A 21 9.45 -47.43 -10.22
N ARG A 22 9.32 -47.49 -8.89
CA ARG A 22 8.87 -46.34 -8.11
C ARG A 22 9.81 -45.94 -6.96
N ASN A 23 9.54 -44.76 -6.40
CA ASN A 23 10.31 -44.17 -5.28
C ASN A 23 9.45 -43.80 -4.04
N ILE A 24 8.20 -43.46 -4.31
CA ILE A 24 7.24 -43.01 -3.31
C ILE A 24 6.22 -44.11 -2.98
N ILE A 25 6.00 -44.35 -1.70
CA ILE A 25 4.99 -45.31 -1.26
C ILE A 25 3.99 -44.73 -0.22
N VAL A 26 2.70 -45.05 -0.41
CA VAL A 26 1.61 -44.53 0.43
C VAL A 26 0.81 -45.66 1.10
N PHE A 27 0.80 -45.68 2.44
CA PHE A 27 0.03 -46.66 3.19
C PHE A 27 -1.26 -46.07 3.77
N TYR A 28 -2.35 -46.82 3.68
CA TYR A 28 -3.65 -46.37 4.19
C TYR A 28 -4.28 -47.25 5.29
N GLY A 29 -4.57 -46.63 6.44
CA GLY A 29 -5.36 -47.27 7.51
C GLY A 29 -6.82 -46.85 7.42
N SER A 30 -7.60 -47.63 6.68
CA SER A 30 -8.99 -47.28 6.36
C SER A 30 -10.01 -48.25 6.93
N GLN A 31 -11.04 -47.68 7.55
CA GLN A 31 -12.19 -48.42 8.09
C GLN A 31 -13.37 -48.31 7.13
N THR A 32 -13.78 -47.09 6.81
CA THR A 32 -14.91 -46.86 5.91
C THR A 32 -14.50 -46.33 4.53
N GLY A 33 -13.21 -46.48 4.19
CA GLY A 33 -12.74 -46.25 2.83
C GLY A 33 -12.50 -44.81 2.43
N THR A 34 -12.50 -43.92 3.44
CA THR A 34 -12.22 -42.50 3.23
C THR A 34 -10.71 -42.28 3.12
N ALA A 35 -9.98 -42.93 4.03
CA ALA A 35 -8.52 -42.85 4.04
C ALA A 35 -7.96 -43.40 2.73
N GLU A 36 -8.53 -44.52 2.29
CA GLU A 36 -8.12 -45.17 1.04
C GLU A 36 -8.29 -44.21 -0.13
N GLU A 37 -9.45 -43.53 -0.15
CA GLU A 37 -9.80 -42.55 -1.17
C GLU A 37 -8.75 -41.46 -1.24
N PHE A 38 -8.29 -40.98 -0.08
CA PHE A 38 -7.27 -39.95 0.02
C PHE A 38 -5.92 -40.44 -0.48
N ALA A 39 -5.58 -41.66 -0.07
CA ALA A 39 -4.32 -42.30 -0.40
C ALA A 39 -4.18 -42.45 -1.90
N ASN A 40 -5.26 -42.86 -2.55
CA ASN A 40 -5.22 -43.20 -3.97
C ASN A 40 -5.07 -42.00 -4.85
N ARG A 41 -5.78 -40.93 -4.49
CA ARG A 41 -5.69 -39.63 -5.15
C ARG A 41 -4.31 -39.03 -4.98
N LEU A 42 -3.67 -39.29 -3.83
CA LEU A 42 -2.39 -38.68 -3.49
C LEU A 42 -1.20 -39.29 -4.23
N SER A 43 -1.18 -40.62 -4.37
CA SER A 43 -0.11 -41.32 -5.12
C SER A 43 -0.26 -41.16 -6.64
N LYS A 44 -1.44 -40.69 -7.05
CA LYS A 44 -1.77 -40.46 -8.46
C LYS A 44 -1.43 -39.01 -8.84
N ASP A 45 -1.27 -38.15 -7.82
CA ASP A 45 -0.76 -36.78 -7.99
C ASP A 45 0.72 -36.78 -8.40
N ALA A 46 1.51 -37.70 -7.80
CA ALA A 46 2.96 -37.83 -8.04
C ALA A 46 3.26 -37.99 -9.51
N HIS A 47 2.49 -38.88 -10.12
CA HIS A 47 2.66 -39.31 -11.51
C HIS A 47 2.77 -38.17 -12.52
N ARG A 48 1.94 -37.14 -12.35
CA ARG A 48 2.13 -35.86 -13.05
C ARG A 48 2.43 -34.67 -12.09
N TYR A 49 3.59 -34.78 -11.43
CA TYR A 49 4.09 -33.77 -10.51
C TYR A 49 5.57 -34.01 -10.26
N GLY A 50 6.18 -34.82 -11.13
CA GLY A 50 7.59 -35.16 -11.03
C GLY A 50 7.88 -36.65 -10.89
N MET A 51 7.47 -37.24 -9.77
CA MET A 51 7.82 -38.62 -9.44
C MET A 51 6.73 -39.66 -9.78
N ARG A 52 6.75 -40.81 -9.10
CA ARG A 52 5.82 -41.89 -9.39
C ARG A 52 5.54 -42.73 -8.15
N GLY A 53 4.29 -42.72 -7.67
CA GLY A 53 3.89 -43.36 -6.41
C GLY A 53 3.02 -44.62 -6.49
N MET A 54 2.91 -45.36 -5.38
CA MET A 54 2.05 -46.54 -5.28
C MET A 54 1.38 -46.64 -3.91
N SER A 55 0.06 -46.78 -3.91
CA SER A 55 -0.69 -46.90 -2.67
C SER A 55 -0.93 -48.37 -2.33
N ALA A 56 -0.69 -48.72 -1.06
CA ALA A 56 -0.72 -50.11 -0.61
C ALA A 56 -1.46 -50.34 0.73
N ASP A 57 -2.07 -51.52 0.86
CA ASP A 57 -2.58 -52.03 2.13
C ASP A 57 -1.38 -52.49 2.97
N PRO A 58 -1.12 -51.82 4.12
CA PRO A 58 0.07 -52.04 4.96
C PRO A 58 0.15 -53.41 5.63
N GLU A 59 -1.00 -54.05 5.80
CA GLU A 59 -1.07 -55.30 6.53
C GLU A 59 -0.46 -56.46 5.74
N GLU A 60 -0.30 -56.29 4.43
CA GLU A 60 0.21 -57.35 3.58
C GLU A 60 1.71 -57.27 3.27
N TYR A 61 2.39 -56.25 3.81
CA TYR A 61 3.84 -56.11 3.62
C TYR A 61 4.64 -56.15 4.93
N ASP A 62 5.88 -56.63 4.82
CA ASP A 62 6.78 -56.79 5.95
C ASP A 62 7.42 -55.46 6.35
N LEU A 63 6.88 -54.88 7.43
CA LEU A 63 7.17 -53.50 7.88
C LEU A 63 8.53 -53.22 8.57
N ALA A 64 9.35 -54.25 8.76
CA ALA A 64 10.72 -54.06 9.25
C ALA A 64 11.55 -53.32 8.19
N ASP A 65 11.12 -53.53 6.94
CA ASP A 65 11.79 -53.03 5.73
C ASP A 65 11.76 -51.49 5.55
N LEU A 66 11.35 -50.76 6.59
CA LEU A 66 11.23 -49.30 6.51
C LEU A 66 12.56 -48.53 6.45
N SER A 67 13.54 -48.92 7.25
CA SER A 67 14.88 -48.29 7.16
C SER A 67 15.66 -48.80 5.93
N SER A 68 15.03 -49.73 5.18
CA SER A 68 15.52 -50.24 3.88
C SER A 68 14.96 -49.44 2.69
N LEU A 69 14.12 -48.45 2.98
CA LEU A 69 13.60 -47.55 1.95
C LEU A 69 14.68 -46.64 1.33
N PRO A 70 15.53 -45.96 2.14
CA PRO A 70 16.57 -45.08 1.55
C PRO A 70 17.52 -45.75 0.54
N GLU A 71 17.34 -47.05 0.29
CA GLU A 71 18.01 -47.78 -0.80
C GLU A 71 17.44 -47.46 -2.17
N ILE A 72 16.27 -46.83 -2.19
CA ILE A 72 15.67 -46.28 -3.42
C ILE A 72 15.98 -44.79 -3.41
N ASP A 73 16.51 -44.30 -4.51
CA ASP A 73 17.02 -42.94 -4.55
C ASP A 73 15.89 -41.93 -4.66
N LYS A 74 16.01 -40.82 -3.93
CA LYS A 74 14.92 -39.83 -3.83
C LYS A 74 13.61 -40.43 -3.29
N SER A 75 13.70 -41.28 -2.27
CA SER A 75 12.52 -41.94 -1.71
C SER A 75 11.82 -41.16 -0.60
N LEU A 76 10.49 -41.29 -0.55
CA LEU A 76 9.66 -40.71 0.51
C LEU A 76 8.51 -41.69 0.84
N VAL A 77 8.11 -41.72 2.11
CA VAL A 77 7.01 -42.59 2.55
C VAL A 77 5.90 -41.78 3.23
N VAL A 78 4.64 -42.08 2.87
CA VAL A 78 3.49 -41.27 3.33
C VAL A 78 2.39 -42.14 3.96
N PHE A 79 1.73 -41.57 4.99
CA PHE A 79 0.73 -42.30 5.79
C PHE A 79 -0.65 -41.63 5.90
N CYS A 80 -1.68 -42.38 5.49
CA CYS A 80 -3.08 -41.94 5.52
C CYS A 80 -3.92 -42.78 6.49
N MET A 81 -4.09 -42.30 7.72
CA MET A 81 -4.68 -43.15 8.76
C MET A 81 -5.89 -42.50 9.44
N ALA A 82 -6.94 -43.29 9.67
CA ALA A 82 -8.15 -42.80 10.32
C ALA A 82 -8.13 -43.04 11.82
N THR A 83 -8.63 -42.08 12.61
CA THR A 83 -8.69 -42.22 14.07
C THR A 83 -10.07 -42.76 14.54
N TYR A 84 -10.06 -43.93 15.21
CA TYR A 84 -11.30 -44.63 15.61
C TYR A 84 -11.51 -44.87 17.10
N GLY A 85 -12.66 -44.40 17.58
CA GLY A 85 -13.08 -44.57 18.98
C GLY A 85 -12.60 -43.49 19.93
N GLU A 86 -11.70 -43.86 20.83
CA GLU A 86 -11.06 -42.90 21.74
C GLU A 86 -9.61 -42.67 21.29
N GLY A 87 -9.45 -42.53 19.97
CA GLY A 87 -8.15 -42.31 19.35
C GLY A 87 -7.38 -43.59 19.09
N ASP A 88 -8.11 -44.68 18.81
CA ASP A 88 -7.49 -45.99 18.61
C ASP A 88 -7.36 -46.32 17.11
N PRO A 89 -6.53 -47.34 16.76
CA PRO A 89 -6.25 -47.66 15.35
C PRO A 89 -7.38 -48.33 14.54
N THR A 90 -7.09 -48.62 13.27
CA THR A 90 -8.02 -49.27 12.37
C THR A 90 -7.61 -50.72 12.13
N ASP A 91 -8.47 -51.48 11.46
CA ASP A 91 -8.31 -52.91 11.13
C ASP A 91 -6.95 -53.30 10.54
N ASN A 92 -6.76 -52.95 9.26
CA ASN A 92 -5.55 -53.33 8.52
C ASN A 92 -4.29 -52.67 9.08
N ALA A 93 -4.46 -51.81 10.08
CA ALA A 93 -3.34 -51.10 10.73
C ALA A 93 -2.82 -51.72 12.04
N GLN A 94 -3.37 -52.86 12.46
CA GLN A 94 -3.07 -53.39 13.80
C GLN A 94 -1.62 -53.89 13.99
N ASP A 95 -1.15 -54.71 13.05
CA ASP A 95 0.22 -55.25 13.09
C ASP A 95 1.27 -54.16 13.25
N PHE A 96 1.09 -53.08 12.50
CA PHE A 96 2.06 -51.99 12.45
C PHE A 96 2.10 -51.28 13.83
N TYR A 97 0.91 -51.03 14.36
CA TYR A 97 0.71 -50.06 15.42
C TYR A 97 1.44 -50.50 16.67
N ASP A 98 1.21 -51.76 17.03
CA ASP A 98 1.79 -52.36 18.23
C ASP A 98 3.27 -52.55 18.08
N TRP A 99 3.76 -52.83 16.86
CA TRP A 99 5.21 -52.87 16.63
C TRP A 99 5.81 -51.50 16.94
N LEU A 100 5.15 -50.47 16.42
CA LEU A 100 5.61 -49.09 16.59
C LEU A 100 5.67 -48.74 18.08
N GLN A 101 4.62 -49.15 18.81
CA GLN A 101 4.52 -48.90 20.24
C GLN A 101 5.70 -49.50 20.97
N GLU A 102 6.23 -50.64 20.53
CA GLU A 102 7.31 -51.34 21.26
C GLU A 102 8.59 -51.60 20.44
N THR A 103 8.88 -50.69 19.50
CA THR A 103 10.15 -50.65 18.79
C THR A 103 10.91 -49.36 19.16
N ASP A 104 12.21 -49.32 18.90
CA ASP A 104 12.96 -48.05 18.83
C ASP A 104 14.26 -48.22 18.06
N VAL A 105 14.29 -49.24 17.19
CA VAL A 105 15.37 -49.44 16.23
C VAL A 105 15.40 -48.27 15.23
N ASP A 106 16.61 -47.91 14.82
CA ASP A 106 16.92 -46.59 14.30
C ASP A 106 16.56 -46.26 12.83
N LEU A 107 15.63 -45.31 12.65
CA LEU A 107 15.13 -44.86 11.33
C LEU A 107 15.82 -43.65 10.70
N THR A 108 17.06 -43.37 11.08
CA THR A 108 17.76 -42.17 10.59
C THR A 108 17.86 -42.15 9.05
N GLY A 109 17.47 -41.03 8.46
CA GLY A 109 17.55 -40.83 7.01
C GLY A 109 16.24 -41.04 6.28
N VAL A 110 15.26 -41.62 6.96
CA VAL A 110 13.95 -41.92 6.37
C VAL A 110 13.08 -40.66 6.35
N LYS A 111 12.54 -40.34 5.17
CA LYS A 111 11.64 -39.21 4.96
C LYS A 111 10.17 -39.65 5.06
N PHE A 112 9.34 -38.87 5.73
CA PHE A 112 7.94 -39.22 5.94
C PHE A 112 7.01 -38.02 6.10
N ALA A 113 5.69 -38.31 6.05
CA ALA A 113 4.61 -37.32 6.27
C ALA A 113 3.27 -38.02 6.53
N VAL A 114 2.40 -37.39 7.32
CA VAL A 114 1.18 -38.06 7.79
C VAL A 114 -0.07 -37.18 7.70
N PHE A 115 -1.21 -37.77 7.31
CA PHE A 115 -2.49 -37.06 7.34
C PHE A 115 -3.50 -37.77 8.25
N GLY A 116 -4.05 -37.02 9.23
CA GLY A 116 -5.03 -37.56 10.18
C GLY A 116 -6.48 -37.28 9.80
N LEU A 117 -7.30 -38.33 9.90
CA LEU A 117 -8.73 -38.26 9.59
C LEU A 117 -9.56 -38.22 10.89
N GLY A 118 -10.27 -37.12 11.16
CA GLY A 118 -10.90 -36.88 12.49
C GLY A 118 -12.20 -36.08 12.61
N ASN A 119 -12.46 -35.61 13.84
CA ASN A 119 -13.73 -34.95 14.24
C ASN A 119 -13.57 -34.20 15.58
N LYS A 120 -13.73 -32.87 15.54
CA LYS A 120 -13.53 -31.99 16.72
C LYS A 120 -14.47 -32.19 17.94
N THR A 121 -15.66 -32.75 17.72
CA THR A 121 -16.61 -33.02 18.81
C THR A 121 -16.09 -34.04 19.85
N TYR A 122 -15.14 -34.89 19.44
CA TYR A 122 -14.40 -35.80 20.31
C TYR A 122 -13.17 -35.07 20.84
N GLU A 123 -12.74 -35.41 22.06
CA GLU A 123 -11.57 -34.77 22.65
C GLU A 123 -10.24 -35.47 22.33
N HIS A 124 -10.30 -36.54 21.53
CA HIS A 124 -9.09 -37.20 21.02
C HIS A 124 -8.89 -36.90 19.52
N PHE A 125 -8.91 -35.61 19.20
CA PHE A 125 -8.89 -35.12 17.82
C PHE A 125 -7.64 -35.54 17.04
N ASN A 126 -7.84 -36.42 16.04
CA ASN A 126 -6.78 -37.00 15.21
C ASN A 126 -5.67 -37.66 16.00
N ALA A 127 -6.06 -38.31 17.09
CA ALA A 127 -5.12 -38.97 17.97
C ALA A 127 -4.30 -40.00 17.24
N MET A 128 -4.90 -40.67 16.26
CA MET A 128 -4.25 -41.72 15.50
C MET A 128 -3.10 -41.08 14.73
N GLY A 129 -3.47 -40.07 13.96
CA GLY A 129 -2.55 -39.38 13.05
C GLY A 129 -1.40 -38.78 13.84
N LYS A 130 -1.77 -38.13 14.96
CA LYS A 130 -0.80 -37.47 15.83
C LYS A 130 0.22 -38.46 16.34
N TYR A 131 -0.25 -39.67 16.70
CA TYR A 131 0.61 -40.68 17.28
C TYR A 131 1.67 -41.07 16.27
N VAL A 132 1.19 -41.42 15.08
CA VAL A 132 2.06 -41.99 14.04
C VAL A 132 3.12 -40.97 13.65
N ASP A 133 2.67 -39.74 13.48
CA ASP A 133 3.54 -38.62 13.09
C ASP A 133 4.63 -38.45 14.16
N GLN A 134 4.22 -38.50 15.42
CA GLN A 134 5.20 -38.29 16.48
C GLN A 134 6.21 -39.44 16.51
N ARG A 135 5.71 -40.64 16.31
CA ARG A 135 6.49 -41.83 16.72
C ARG A 135 7.69 -42.00 15.81
N LEU A 136 7.46 -41.82 14.52
CA LEU A 136 8.48 -41.99 13.49
C LEU A 136 9.66 -41.07 13.76
N GLU A 137 9.36 -39.81 14.11
CA GLU A 137 10.39 -38.84 14.44
C GLU A 137 11.27 -39.33 15.59
N GLN A 138 10.60 -39.85 16.61
CA GLN A 138 11.23 -40.43 17.78
C GLN A 138 12.26 -41.49 17.42
N LEU A 139 12.14 -42.15 16.26
CA LEU A 139 13.05 -43.25 15.92
C LEU A 139 14.30 -42.83 15.12
N GLY A 140 14.41 -41.54 14.83
CA GLY A 140 15.51 -41.01 14.02
C GLY A 140 15.09 -40.47 12.66
N ALA A 141 13.85 -40.73 12.26
CA ALA A 141 13.34 -40.30 10.94
C ALA A 141 12.97 -38.81 10.87
N GLN A 142 12.86 -38.30 9.64
CA GLN A 142 12.73 -36.87 9.37
C GLN A 142 11.40 -36.53 8.67
N ARG A 143 10.70 -35.52 9.19
CA ARG A 143 9.43 -35.10 8.60
C ARG A 143 9.68 -34.15 7.44
N ILE A 144 8.96 -34.33 6.33
CA ILE A 144 9.01 -33.38 5.22
C ILE A 144 7.86 -32.38 5.21
N PHE A 145 6.63 -32.83 5.47
CA PHE A 145 5.48 -31.93 5.45
C PHE A 145 4.62 -32.06 6.69
N GLU A 146 4.00 -30.94 7.06
CA GLU A 146 3.13 -30.84 8.22
C GLU A 146 2.16 -32.01 8.29
N LEU A 147 1.93 -32.46 9.52
CA LEU A 147 0.90 -33.45 9.78
C LEU A 147 -0.46 -32.80 9.60
N GLY A 148 -1.25 -33.37 8.68
CA GLY A 148 -2.60 -32.91 8.41
C GLY A 148 -3.58 -33.28 9.53
N LEU A 149 -4.50 -32.35 9.82
CA LEU A 149 -5.53 -32.54 10.82
C LEU A 149 -6.92 -32.34 10.20
N GLY A 150 -7.37 -33.31 9.43
CA GLY A 150 -8.73 -33.28 8.85
C GLY A 150 -9.80 -33.27 9.92
N ASP A 151 -10.89 -32.54 9.68
CA ASP A 151 -11.96 -32.38 10.67
C ASP A 151 -13.37 -32.59 10.09
N ASP A 152 -14.07 -33.61 10.56
CA ASP A 152 -15.41 -33.94 10.02
C ASP A 152 -16.54 -33.06 10.56
N ASP A 153 -16.24 -32.30 11.61
CA ASP A 153 -17.16 -31.32 12.20
C ASP A 153 -17.39 -30.15 11.25
N GLY A 154 -16.31 -29.61 10.70
CA GLY A 154 -16.38 -28.61 9.64
C GLY A 154 -16.57 -29.31 8.31
N ASN A 155 -15.46 -29.63 7.65
CA ASN A 155 -15.45 -30.54 6.49
C ASN A 155 -14.09 -31.20 6.29
N LEU A 156 -14.04 -32.48 6.63
CA LEU A 156 -12.82 -33.29 6.56
C LEU A 156 -12.21 -33.20 5.17
N GLU A 157 -13.06 -33.28 4.16
CA GLU A 157 -12.65 -33.27 2.77
C GLU A 157 -11.88 -31.98 2.46
N GLU A 158 -12.45 -30.87 2.93
CA GLU A 158 -11.87 -29.55 2.71
C GLU A 158 -10.47 -29.49 3.34
N ASP A 159 -10.38 -30.01 4.55
CA ASP A 159 -9.13 -30.02 5.29
C ASP A 159 -8.09 -30.83 4.56
N PHE A 160 -8.50 -31.97 4.00
CA PHE A 160 -7.62 -32.83 3.20
C PHE A 160 -7.09 -32.09 1.99
N ILE A 161 -8.03 -31.57 1.20
CA ILE A 161 -7.72 -30.91 -0.07
C ILE A 161 -6.75 -29.79 0.13
N THR A 162 -6.90 -29.03 1.23
CA THR A 162 -6.03 -27.92 1.56
C THR A 162 -4.58 -28.44 1.69
N TRP A 163 -4.48 -29.46 2.51
CA TRP A 163 -3.20 -30.05 2.89
C TRP A 163 -2.48 -30.57 1.64
N ARG A 164 -3.25 -31.29 0.84
CA ARG A 164 -2.77 -31.90 -0.39
C ARG A 164 -2.29 -30.85 -1.34
N GLU A 165 -3.03 -29.74 -1.44
CA GLU A 165 -2.71 -28.65 -2.34
C GLU A 165 -1.31 -28.14 -2.11
N GLN A 166 -0.89 -28.09 -0.84
CA GLN A 166 0.41 -27.55 -0.48
C GLN A 166 1.55 -28.57 -0.26
N PHE A 167 1.19 -29.86 -0.20
CA PHE A 167 2.16 -30.96 0.03
C PHE A 167 3.15 -31.08 -1.15
N TRP A 168 2.56 -31.21 -2.33
CA TRP A 168 3.31 -31.64 -3.51
C TRP A 168 4.38 -30.63 -3.85
N PRO A 169 4.02 -29.34 -3.78
CA PRO A 169 4.97 -28.28 -4.11
C PRO A 169 6.16 -28.32 -3.18
N ALA A 170 5.94 -28.59 -1.90
CA ALA A 170 6.99 -28.70 -0.91
C ALA A 170 7.88 -29.91 -1.14
N VAL A 171 7.21 -31.02 -1.47
CA VAL A 171 7.90 -32.29 -1.75
C VAL A 171 8.86 -32.12 -2.91
N CYS A 172 8.39 -31.43 -3.95
CA CYS A 172 9.18 -31.17 -5.16
C CYS A 172 10.44 -30.42 -4.79
N GLU A 173 10.31 -29.42 -3.92
CA GLU A 173 11.37 -28.48 -3.63
C GLU A 173 12.49 -29.13 -2.83
N PHE A 174 12.13 -30.01 -1.92
CA PHE A 174 13.16 -30.69 -1.12
C PHE A 174 14.05 -31.55 -2.00
N PHE A 175 13.41 -32.27 -2.93
CA PHE A 175 14.07 -33.26 -3.78
C PHE A 175 14.66 -32.71 -5.10
N GLY A 176 14.07 -31.65 -5.65
CA GLY A 176 14.51 -31.12 -6.94
C GLY A 176 13.46 -31.33 -8.02
N VAL A 177 13.17 -32.59 -8.32
CA VAL A 177 12.28 -33.01 -9.45
C VAL A 177 11.70 -31.93 -10.41
N GLU A 178 10.41 -31.61 -10.30
CA GLU A 178 9.81 -30.41 -10.92
C GLU A 178 9.44 -30.45 -12.44
N ALA A 179 8.26 -30.95 -12.77
CA ALA A 179 7.60 -30.62 -14.04
C ALA A 179 6.91 -29.30 -13.76
N SER A 180 6.87 -28.97 -12.46
CA SER A 180 6.42 -27.68 -11.92
C SER A 180 5.50 -26.88 -12.81
N SER A 181 4.50 -27.53 -13.38
CA SER A 181 3.60 -26.91 -14.34
C SER A 181 2.95 -27.95 -15.19
N ILE A 182 1.65 -28.08 -15.01
CA ILE A 182 0.83 -29.06 -15.66
C ILE A 182 -0.57 -28.55 -15.45
N ARG A 183 -1.30 -28.39 -16.54
CA ARG A 183 -2.53 -27.63 -16.51
C ARG A 183 -3.78 -28.47 -16.27
N GLN A 184 -4.87 -27.81 -15.90
CA GLN A 184 -6.12 -28.48 -15.51
C GLN A 184 -7.31 -27.89 -16.24
N TYR A 185 -7.04 -26.88 -17.06
CA TYR A 185 -8.08 -26.23 -17.80
C TYR A 185 -7.53 -25.80 -19.15
N GLU A 186 -8.42 -25.65 -20.11
CA GLU A 186 -8.01 -25.22 -21.44
C GLU A 186 -8.78 -23.96 -21.74
N LEU A 187 -8.11 -23.01 -22.38
CA LEU A 187 -8.75 -21.74 -22.72
C LEU A 187 -9.46 -21.82 -24.08
N VAL A 188 -10.75 -21.45 -24.10
CA VAL A 188 -11.52 -21.38 -25.34
C VAL A 188 -12.20 -20.03 -25.47
N VAL A 189 -11.52 -19.13 -26.16
CA VAL A 189 -12.09 -17.82 -26.50
C VAL A 189 -13.34 -17.99 -27.37
N HIS A 190 -14.47 -17.44 -26.94
CA HIS A 190 -15.65 -17.38 -27.80
C HIS A 190 -15.73 -15.95 -28.26
N GLU A 191 -14.85 -15.64 -29.21
CA GLU A 191 -14.58 -14.25 -29.56
C GLU A 191 -15.77 -13.55 -30.21
N ASP A 192 -16.55 -14.26 -31.02
CA ASP A 192 -17.82 -13.73 -31.47
C ASP A 192 -18.98 -14.58 -31.02
N MET A 193 -19.67 -14.10 -29.99
CA MET A 193 -20.72 -14.85 -29.34
C MET A 193 -21.87 -13.99 -28.82
N ASP A 194 -23.08 -14.51 -28.99
CA ASP A 194 -24.32 -13.82 -28.65
C ASP A 194 -24.34 -13.42 -27.18
N VAL A 195 -24.95 -12.26 -26.95
CA VAL A 195 -24.86 -11.53 -25.70
C VAL A 195 -25.42 -12.24 -24.42
N ALA A 196 -26.67 -12.68 -24.47
CA ALA A 196 -27.38 -13.19 -23.27
C ALA A 196 -27.08 -14.64 -22.90
N LYS A 197 -25.89 -15.12 -23.29
CA LYS A 197 -25.46 -16.48 -22.94
C LYS A 197 -24.11 -16.35 -22.26
N VAL A 198 -23.79 -15.11 -21.91
CA VAL A 198 -22.59 -14.80 -21.16
C VAL A 198 -22.95 -14.34 -19.73
N TYR A 199 -22.29 -14.98 -18.74
CA TYR A 199 -22.54 -14.80 -17.30
C TYR A 199 -22.09 -13.42 -16.85
N THR A 200 -22.94 -12.77 -16.06
CA THR A 200 -22.63 -11.43 -15.63
C THR A 200 -22.31 -11.35 -14.14
N GLY A 201 -22.14 -12.49 -13.50
CA GLY A 201 -21.83 -12.54 -12.07
C GLY A 201 -22.88 -13.17 -11.17
N GLU A 202 -23.90 -13.80 -11.79
CA GLU A 202 -24.97 -14.49 -11.03
C GLU A 202 -24.41 -15.75 -10.48
N MET A 203 -25.10 -16.42 -9.57
CA MET A 203 -24.38 -17.53 -8.93
C MET A 203 -24.81 -18.90 -9.45
N GLY A 204 -26.11 -19.02 -9.73
CA GLY A 204 -26.71 -20.28 -10.18
C GLY A 204 -26.82 -20.41 -11.69
N ARG A 205 -28.05 -20.40 -12.18
CA ARG A 205 -28.39 -20.47 -13.61
C ARG A 205 -28.10 -19.12 -14.26
N LEU A 206 -27.98 -19.07 -15.58
CA LEU A 206 -27.89 -17.78 -16.29
C LEU A 206 -29.15 -16.92 -16.07
N LYS A 207 -28.95 -15.61 -15.98
CA LYS A 207 -30.02 -14.66 -15.60
C LYS A 207 -30.87 -15.09 -14.37
N SER A 208 -30.20 -15.64 -13.36
CA SER A 208 -30.81 -16.05 -12.08
C SER A 208 -31.06 -14.81 -11.23
N TYR A 209 -30.15 -13.86 -11.39
CA TYR A 209 -30.20 -12.60 -10.70
C TYR A 209 -31.30 -11.70 -11.27
N GLU A 210 -31.77 -12.02 -12.48
CA GLU A 210 -32.84 -11.21 -13.13
C GLU A 210 -34.19 -11.87 -12.97
N ASN A 211 -34.22 -13.19 -13.15
CA ASN A 211 -35.45 -13.95 -12.95
C ASN A 211 -35.57 -14.57 -11.57
N GLN A 212 -36.06 -13.74 -10.67
CA GLN A 212 -36.09 -14.09 -9.28
C GLN A 212 -37.41 -14.76 -8.89
N LYS A 213 -37.34 -16.08 -8.73
CA LYS A 213 -38.43 -16.88 -8.16
C LYS A 213 -37.87 -17.88 -7.14
N PRO A 214 -38.60 -18.12 -6.04
CA PRO A 214 -38.19 -19.14 -5.06
C PRO A 214 -38.22 -20.55 -5.66
N PRO A 215 -37.39 -21.49 -5.16
CA PRO A 215 -36.49 -21.45 -3.99
C PRO A 215 -35.35 -20.42 -4.10
N PHE A 216 -35.10 -19.69 -3.02
CA PHE A 216 -33.93 -18.82 -2.93
C PHE A 216 -32.89 -19.35 -1.97
N ASP A 217 -31.70 -19.65 -2.48
CA ASP A 217 -30.65 -20.21 -1.64
C ASP A 217 -29.27 -20.02 -2.23
N ALA A 218 -28.31 -20.71 -1.63
CA ALA A 218 -26.92 -20.74 -2.11
C ALA A 218 -26.77 -20.70 -3.64
N LYS A 219 -27.65 -21.37 -4.37
CA LYS A 219 -27.55 -21.44 -5.83
C LYS A 219 -28.61 -20.60 -6.60
N ASN A 220 -29.59 -20.06 -5.90
CA ASN A 220 -30.40 -18.99 -6.50
C ASN A 220 -30.58 -17.89 -5.47
N PRO A 221 -29.53 -17.05 -5.27
CA PRO A 221 -29.69 -15.99 -4.24
C PRO A 221 -30.84 -15.03 -4.59
N PHE A 222 -31.46 -14.43 -3.59
CA PHE A 222 -32.38 -13.33 -3.80
C PHE A 222 -31.52 -12.08 -3.76
N LEU A 223 -31.96 -11.06 -4.51
CA LEU A 223 -31.28 -9.78 -4.51
C LEU A 223 -32.12 -8.77 -3.75
N ALA A 224 -31.72 -8.54 -2.51
CA ALA A 224 -32.46 -7.64 -1.64
C ALA A 224 -31.99 -6.22 -1.79
N ALA A 225 -32.99 -5.35 -1.79
CA ALA A 225 -32.82 -3.94 -2.03
C ALA A 225 -32.48 -3.22 -0.76
N VAL A 226 -31.34 -2.54 -0.70
CA VAL A 226 -30.94 -1.87 0.54
C VAL A 226 -31.81 -0.64 0.95
N THR A 227 -32.68 -0.85 1.94
CA THR A 227 -33.58 0.16 2.47
C THR A 227 -32.83 1.27 3.21
N ALA A 228 -31.73 0.93 3.84
CA ALA A 228 -30.86 1.96 4.42
C ALA A 228 -29.50 1.43 4.85
N ASN A 229 -28.63 2.39 5.21
CA ASN A 229 -27.30 2.15 5.76
C ASN A 229 -27.03 3.36 6.66
N ARG A 230 -26.88 3.15 7.97
CA ARG A 230 -26.40 4.22 8.85
C ARG A 230 -25.18 3.79 9.65
N LYS A 231 -24.22 4.71 9.72
CA LYS A 231 -23.04 4.56 10.56
C LYS A 231 -23.53 4.62 12.00
N LEU A 232 -23.42 3.49 12.70
CA LEU A 232 -23.74 3.45 14.12
C LEU A 232 -22.54 3.98 14.90
N ASN A 233 -21.38 3.80 14.29
CA ASN A 233 -20.11 4.27 14.81
C ASN A 233 -20.24 5.76 15.18
N GLN A 234 -20.06 6.06 16.46
CA GLN A 234 -20.19 7.43 16.88
C GLN A 234 -18.87 8.18 16.81
N GLY A 235 -17.76 7.45 16.93
CA GLY A 235 -16.40 8.01 16.77
C GLY A 235 -15.84 7.97 15.35
N THR A 236 -14.55 7.60 15.22
CA THR A 236 -13.87 7.49 13.91
C THR A 236 -12.98 6.27 13.82
N GLU A 237 -12.68 5.66 14.95
CA GLU A 237 -11.76 4.53 15.01
C GLU A 237 -11.95 3.49 13.89
N ARG A 238 -13.14 2.89 13.83
CA ARG A 238 -13.51 1.97 12.75
C ARG A 238 -14.88 2.45 12.27
N HIS A 239 -15.40 1.89 11.19
CA HIS A 239 -16.78 2.24 10.75
C HIS A 239 -17.67 1.03 11.01
N LEU A 240 -18.69 1.24 11.82
CA LEU A 240 -19.60 0.14 12.15
C LEU A 240 -20.98 0.56 11.68
N MET A 241 -21.68 -0.35 10.99
CA MET A 241 -22.81 0.03 10.16
C MET A 241 -24.04 -0.87 10.27
N HIS A 242 -25.22 -0.26 10.22
CA HIS A 242 -26.50 -0.99 10.29
C HIS A 242 -27.22 -0.89 8.96
N LEU A 243 -27.45 -2.01 8.29
CA LEU A 243 -28.05 -1.97 6.97
C LEU A 243 -29.39 -2.69 7.00
N GLU A 244 -30.30 -2.27 6.15
CA GLU A 244 -31.64 -2.87 6.13
C GLU A 244 -31.98 -3.46 4.77
N LEU A 245 -32.06 -4.78 4.66
CA LEU A 245 -32.29 -5.49 3.37
C LEU A 245 -33.69 -6.01 3.18
N ASP A 246 -34.36 -5.48 2.17
CA ASP A 246 -35.75 -5.78 1.93
C ASP A 246 -35.94 -7.02 1.05
N ILE A 247 -36.66 -7.97 1.65
CA ILE A 247 -36.88 -9.27 1.06
C ILE A 247 -38.37 -9.45 0.82
N SER A 248 -39.02 -8.39 0.38
CA SER A 248 -40.48 -8.32 0.42
C SER A 248 -41.13 -9.53 -0.25
N ASP A 249 -40.78 -9.77 -1.50
CA ASP A 249 -41.50 -10.74 -2.30
C ASP A 249 -40.72 -12.01 -2.57
N SER A 250 -39.66 -12.19 -1.81
CA SER A 250 -38.90 -13.43 -1.81
C SER A 250 -39.71 -14.49 -1.06
N LYS A 251 -40.45 -14.03 -0.06
CA LYS A 251 -41.15 -14.89 0.91
C LYS A 251 -40.17 -15.84 1.63
N ILE A 252 -38.90 -15.46 1.64
CA ILE A 252 -37.92 -15.96 2.58
C ILE A 252 -38.42 -15.73 4.02
N ARG A 253 -38.36 -16.77 4.86
CA ARG A 253 -38.65 -16.64 6.30
C ARG A 253 -37.35 -16.74 7.10
N TYR A 254 -37.35 -16.17 8.30
CA TYR A 254 -36.19 -16.26 9.17
C TYR A 254 -36.63 -16.13 10.61
N GLU A 255 -35.75 -16.60 11.50
CA GLU A 255 -35.95 -16.44 12.94
C GLU A 255 -34.72 -15.81 13.59
N SER A 256 -34.98 -14.97 14.59
CA SER A 256 -33.94 -14.19 15.25
C SER A 256 -32.75 -15.04 15.61
N GLY A 257 -31.55 -14.52 15.36
CA GLY A 257 -30.29 -15.24 15.62
C GLY A 257 -29.76 -16.02 14.44
N ASP A 258 -30.63 -16.15 13.43
CA ASP A 258 -30.31 -16.69 12.13
C ASP A 258 -29.24 -15.93 11.38
N HIS A 259 -28.67 -16.60 10.39
CA HIS A 259 -27.73 -15.96 9.54
C HIS A 259 -28.37 -15.51 8.26
N VAL A 260 -27.83 -14.43 7.75
CA VAL A 260 -27.99 -14.05 6.36
C VAL A 260 -26.61 -14.05 5.69
N ALA A 261 -26.52 -14.82 4.60
CA ALA A 261 -25.32 -14.99 3.77
C ALA A 261 -25.42 -14.05 2.59
N VAL A 262 -24.24 -13.67 2.11
CA VAL A 262 -24.13 -12.55 1.18
C VAL A 262 -23.07 -12.88 0.12
N TYR A 263 -23.36 -12.49 -1.13
CA TYR A 263 -22.46 -12.67 -2.26
C TYR A 263 -21.89 -11.35 -2.80
N PRO A 264 -20.65 -11.02 -2.42
CA PRO A 264 -20.08 -9.71 -2.63
C PRO A 264 -19.37 -9.66 -3.96
N ALA A 265 -18.72 -8.53 -4.22
CA ALA A 265 -17.93 -8.30 -5.42
C ALA A 265 -16.69 -7.52 -5.02
N ASN A 266 -15.51 -8.00 -5.41
CA ASN A 266 -14.25 -7.32 -5.07
C ASN A 266 -14.37 -5.92 -5.60
N ASP A 267 -13.75 -4.93 -4.98
CA ASP A 267 -13.99 -3.58 -5.49
C ASP A 267 -13.42 -3.44 -6.91
N SER A 268 -14.29 -3.16 -7.88
CA SER A 268 -13.94 -3.19 -9.30
C SER A 268 -12.67 -2.41 -9.59
N ALA A 269 -12.40 -1.36 -8.82
CA ALA A 269 -11.18 -0.59 -8.94
C ALA A 269 -9.96 -1.48 -8.76
N LEU A 270 -10.03 -2.29 -7.70
CA LEU A 270 -8.96 -3.23 -7.36
C LEU A 270 -8.73 -4.20 -8.51
N VAL A 271 -9.85 -4.70 -9.03
CA VAL A 271 -9.96 -5.62 -10.18
C VAL A 271 -9.13 -5.07 -11.34
N ASN A 272 -9.44 -3.79 -11.63
CA ASN A 272 -8.94 -3.17 -12.83
C ASN A 272 -7.42 -3.10 -12.82
N GLN A 273 -6.83 -2.82 -11.66
CA GLN A 273 -5.39 -2.70 -11.54
C GLN A 273 -4.68 -3.97 -11.96
N ILE A 274 -5.22 -5.09 -11.51
CA ILE A 274 -4.70 -6.42 -11.84
C ILE A 274 -4.66 -6.62 -13.34
N GLY A 275 -5.80 -6.28 -13.95
CA GLY A 275 -5.98 -6.40 -15.40
C GLY A 275 -4.93 -5.58 -16.13
N GLU A 276 -4.75 -4.36 -15.65
CA GLU A 276 -3.78 -3.41 -16.22
C GLU A 276 -2.38 -4.01 -16.15
N ILE A 277 -1.89 -4.21 -14.93
CA ILE A 277 -0.54 -4.64 -14.68
C ILE A 277 -0.34 -6.02 -15.25
N LEU A 278 -1.41 -6.80 -15.36
CA LEU A 278 -1.26 -8.08 -16.03
C LEU A 278 -1.20 -7.85 -17.55
N GLY A 279 -1.89 -6.82 -18.00
CA GLY A 279 -1.84 -6.44 -19.39
C GLY A 279 -2.64 -7.35 -20.29
N ALA A 280 -3.90 -7.57 -19.96
CA ALA A 280 -4.87 -8.04 -20.96
C ALA A 280 -6.16 -7.26 -20.89
N ASP A 281 -7.02 -7.55 -21.86
CA ASP A 281 -8.34 -6.95 -21.89
C ASP A 281 -9.18 -7.80 -20.99
N LEU A 282 -9.80 -7.12 -20.01
CA LEU A 282 -10.65 -7.76 -19.02
C LEU A 282 -11.95 -8.18 -19.66
N ASP A 283 -12.37 -7.41 -20.65
CA ASP A 283 -13.67 -7.62 -21.24
C ASP A 283 -13.63 -8.73 -22.28
N VAL A 284 -12.58 -9.57 -22.26
CA VAL A 284 -12.47 -10.70 -23.21
C VAL A 284 -13.39 -11.88 -22.88
N ILE A 285 -14.44 -12.05 -23.68
CA ILE A 285 -15.40 -13.12 -23.40
C ILE A 285 -14.76 -14.50 -23.64
N MET A 286 -14.90 -15.38 -22.66
CA MET A 286 -14.16 -16.63 -22.64
C MET A 286 -14.71 -17.72 -21.71
N SER A 287 -14.07 -18.89 -21.80
CA SER A 287 -14.31 -20.05 -20.95
C SER A 287 -13.01 -20.81 -20.71
N LEU A 288 -12.87 -21.37 -19.53
CA LEU A 288 -11.79 -22.31 -19.25
C LEU A 288 -12.45 -23.67 -19.06
N ASN A 289 -12.13 -24.63 -19.92
CA ASN A 289 -12.78 -25.93 -19.85
C ASN A 289 -11.92 -26.97 -19.16
N ASN A 290 -12.50 -27.67 -18.17
CA ASN A 290 -11.77 -28.68 -17.39
C ASN A 290 -11.42 -29.86 -18.24
N LEU A 291 -10.14 -29.93 -18.57
CA LEU A 291 -9.69 -31.03 -19.39
C LEU A 291 -9.08 -32.15 -18.58
N ASP A 292 -10.02 -32.99 -18.13
CA ASP A 292 -9.82 -34.29 -17.51
C ASP A 292 -11.17 -35.02 -17.72
N GLU A 293 -11.49 -35.20 -19.00
CA GLU A 293 -12.87 -35.32 -19.51
C GLU A 293 -14.00 -35.90 -18.62
N GLU A 294 -13.70 -36.94 -17.85
CA GLU A 294 -14.68 -37.49 -16.93
C GLU A 294 -14.64 -36.80 -15.56
N SER A 295 -14.47 -35.49 -15.61
CA SER A 295 -14.73 -34.64 -14.46
C SER A 295 -15.90 -33.77 -14.85
N ASN A 296 -17.04 -33.93 -14.17
CA ASN A 296 -18.27 -33.16 -14.45
C ASN A 296 -18.25 -31.75 -13.81
N LYS A 297 -17.10 -31.40 -13.26
CA LYS A 297 -16.77 -30.07 -12.78
C LYS A 297 -16.14 -29.25 -13.93
N LYS A 298 -16.99 -28.73 -14.81
CA LYS A 298 -16.55 -28.29 -16.16
C LYS A 298 -15.72 -27.01 -16.29
N HIS A 299 -15.95 -26.04 -15.41
CA HIS A 299 -15.24 -24.75 -15.41
C HIS A 299 -15.09 -24.36 -13.95
N PRO A 300 -13.99 -23.68 -13.58
CA PRO A 300 -13.85 -23.37 -12.16
C PRO A 300 -14.91 -22.40 -11.66
N PHE A 301 -15.57 -21.70 -12.59
CA PHE A 301 -16.61 -20.74 -12.24
C PHE A 301 -17.52 -20.58 -13.42
N PRO A 302 -18.76 -20.07 -13.20
CA PRO A 302 -19.72 -19.85 -14.28
C PRO A 302 -19.11 -19.23 -15.51
N CYS A 303 -19.19 -20.01 -16.59
CA CYS A 303 -18.70 -19.68 -17.93
C CYS A 303 -19.86 -19.94 -18.90
N PRO A 304 -19.91 -19.21 -20.02
CA PRO A 304 -18.93 -18.24 -20.50
C PRO A 304 -19.06 -16.88 -19.81
N THR A 305 -17.91 -16.30 -19.52
CA THR A 305 -17.85 -14.95 -18.96
C THR A 305 -16.47 -14.31 -19.08
N THR A 306 -16.44 -13.00 -18.85
CA THR A 306 -15.25 -12.19 -19.04
C THR A 306 -14.28 -12.38 -17.90
N TYR A 307 -13.06 -11.92 -18.07
CA TYR A 307 -12.18 -11.77 -16.95
C TYR A 307 -12.63 -10.68 -15.97
N ARG A 308 -13.26 -9.64 -16.51
CA ARG A 308 -13.86 -8.56 -15.72
C ARG A 308 -14.86 -9.19 -14.75
N THR A 309 -15.76 -9.97 -15.34
CA THR A 309 -16.87 -10.55 -14.59
C THR A 309 -16.33 -11.52 -13.53
N ALA A 310 -15.32 -12.30 -13.91
CA ALA A 310 -14.69 -13.26 -13.00
C ALA A 310 -14.04 -12.59 -11.80
N LEU A 311 -13.07 -11.70 -12.05
CA LEU A 311 -12.33 -11.09 -10.97
C LEU A 311 -13.22 -10.31 -10.03
N THR A 312 -14.34 -9.80 -10.53
CA THR A 312 -15.28 -9.01 -9.74
C THR A 312 -16.19 -9.86 -8.87
N TYR A 313 -16.75 -10.92 -9.44
CA TYR A 313 -17.81 -11.70 -8.79
C TYR A 313 -17.48 -13.16 -8.41
N TYR A 314 -16.48 -13.75 -9.08
CA TYR A 314 -16.24 -15.19 -8.97
C TYR A 314 -15.01 -15.64 -8.20
N LEU A 315 -13.93 -14.85 -8.31
CA LEU A 315 -12.62 -15.21 -7.74
C LEU A 315 -12.20 -14.43 -6.50
N ASP A 316 -11.39 -15.07 -5.65
CA ASP A 316 -10.99 -14.50 -4.36
C ASP A 316 -9.62 -13.88 -4.55
N ILE A 317 -9.58 -12.56 -4.64
CA ILE A 317 -8.35 -11.86 -5.05
C ILE A 317 -7.71 -11.16 -3.87
N THR A 318 -8.32 -11.38 -2.71
CA THR A 318 -8.02 -10.66 -1.49
C THR A 318 -7.20 -11.51 -0.52
N ASN A 319 -7.74 -12.66 -0.10
CA ASN A 319 -7.03 -13.56 0.83
C ASN A 319 -5.81 -14.07 0.11
N PRO A 320 -4.62 -13.90 0.74
CA PRO A 320 -3.32 -14.20 0.11
C PRO A 320 -3.28 -15.50 -0.70
N PRO A 321 -2.11 -15.80 -1.25
CA PRO A 321 -2.05 -16.99 -2.03
C PRO A 321 -1.88 -18.18 -1.14
N ARG A 322 -2.27 -19.34 -1.63
CA ARG A 322 -1.82 -20.58 -1.04
C ARG A 322 -0.39 -20.84 -1.53
N THR A 323 0.35 -21.74 -0.87
CA THR A 323 1.72 -22.06 -1.23
C THR A 323 1.80 -22.49 -2.71
N ASN A 324 0.83 -23.33 -3.09
CA ASN A 324 0.90 -24.05 -4.35
C ASN A 324 0.86 -23.06 -5.50
N VAL A 325 -0.01 -22.05 -5.39
CA VAL A 325 -0.15 -21.09 -6.49
C VAL A 325 1.14 -20.31 -6.68
N LEU A 326 1.85 -19.98 -5.61
CA LEU A 326 3.12 -19.31 -5.75
C LEU A 326 4.12 -20.14 -6.47
N TYR A 327 4.14 -21.44 -6.21
CA TYR A 327 5.01 -22.39 -6.91
C TYR A 327 4.67 -22.46 -8.38
N GLU A 328 3.36 -22.48 -8.67
CA GLU A 328 2.85 -22.48 -10.05
C GLU A 328 3.38 -21.27 -10.80
N LEU A 329 3.29 -20.12 -10.12
CA LEU A 329 3.58 -18.84 -10.78
C LEU A 329 5.07 -18.62 -11.02
N ALA A 330 5.91 -19.41 -10.34
CA ALA A 330 7.37 -19.26 -10.39
C ALA A 330 7.85 -19.16 -11.81
N GLN A 331 7.14 -19.89 -12.68
CA GLN A 331 7.51 -20.03 -14.08
C GLN A 331 7.38 -18.77 -14.92
N TYR A 332 6.56 -17.81 -14.52
CA TYR A 332 6.38 -16.58 -15.34
C TYR A 332 7.36 -15.44 -15.04
N ALA A 333 8.23 -15.69 -14.06
CA ALA A 333 9.26 -14.74 -13.70
C ALA A 333 10.40 -14.92 -14.64
N SER A 334 10.74 -13.87 -15.37
CA SER A 334 11.98 -13.93 -16.14
C SER A 334 13.20 -13.89 -15.21
N GLU A 335 13.13 -13.11 -14.14
CA GLU A 335 14.27 -12.95 -13.24
C GLU A 335 14.55 -14.19 -12.40
N PRO A 336 15.82 -14.63 -12.40
CA PRO A 336 16.24 -15.85 -11.71
C PRO A 336 15.98 -15.72 -10.21
N SER A 337 16.40 -14.58 -9.67
CA SER A 337 16.22 -14.25 -8.26
C SER A 337 14.74 -14.26 -7.92
N GLU A 338 13.95 -13.64 -8.79
CA GLU A 338 12.50 -13.54 -8.61
C GLU A 338 11.89 -14.95 -8.54
N GLN A 339 12.34 -15.79 -9.48
CA GLN A 339 11.87 -17.16 -9.58
C GLN A 339 12.15 -17.91 -8.27
N GLU A 340 13.38 -17.71 -7.78
CA GLU A 340 13.90 -18.39 -6.62
C GLU A 340 13.03 -18.18 -5.42
N HIS A 341 12.63 -16.92 -5.18
CA HIS A 341 11.81 -16.57 -4.03
C HIS A 341 10.50 -17.36 -4.04
N LEU A 342 9.90 -17.34 -5.22
CA LEU A 342 8.63 -18.02 -5.47
C LEU A 342 8.77 -19.53 -5.18
N HIS A 343 9.87 -20.08 -5.69
CA HIS A 343 10.17 -21.49 -5.53
C HIS A 343 10.31 -21.85 -4.07
N LYS A 344 10.96 -20.98 -3.30
CA LYS A 344 11.22 -21.18 -1.89
C LYS A 344 9.98 -21.23 -1.08
N MET A 345 9.04 -20.36 -1.41
CA MET A 345 7.87 -20.22 -0.55
C MET A 345 6.93 -21.42 -0.66
N ALA A 346 7.31 -22.39 -1.46
CA ALA A 346 6.61 -23.66 -1.44
C ALA A 346 7.15 -24.66 -0.40
N SER A 347 8.42 -24.50 0.02
CA SER A 347 9.06 -25.38 1.04
C SER A 347 8.21 -25.43 2.28
N SER A 348 7.96 -26.63 2.77
CA SER A 348 7.10 -26.77 3.94
C SER A 348 7.91 -26.53 5.20
N SER A 349 9.21 -26.35 5.00
CA SER A 349 10.08 -26.02 6.10
C SER A 349 11.37 -25.40 5.61
N GLY A 350 12.18 -25.04 6.60
CA GLY A 350 13.37 -24.26 6.43
C GLY A 350 12.98 -22.80 6.40
N GLU A 351 13.95 -22.01 5.94
CA GLU A 351 13.84 -20.62 5.54
C GLU A 351 12.55 -20.40 4.73
N GLY A 352 12.24 -21.35 3.87
CA GLY A 352 11.19 -21.24 2.89
C GLY A 352 9.86 -21.01 3.57
N LYS A 353 9.61 -21.81 4.61
CA LYS A 353 8.38 -21.72 5.39
C LYS A 353 8.35 -20.48 6.26
N GLU A 354 9.50 -20.13 6.80
CA GLU A 354 9.71 -18.94 7.63
C GLU A 354 9.25 -17.70 6.86
N LEU A 355 9.71 -17.62 5.62
CA LEU A 355 9.45 -16.48 4.75
C LEU A 355 7.98 -16.34 4.50
N TYR A 356 7.39 -17.43 4.00
CA TYR A 356 6.03 -17.39 3.44
C TYR A 356 5.02 -16.91 4.47
N LEU A 357 5.14 -17.44 5.67
CA LEU A 357 4.24 -17.06 6.73
C LEU A 357 4.38 -15.56 7.03
N SER A 358 5.63 -15.06 7.04
CA SER A 358 5.98 -13.63 7.32
C SER A 358 5.46 -12.61 6.33
N TRP A 359 5.88 -12.82 5.08
CA TRP A 359 5.77 -11.85 3.99
C TRP A 359 4.53 -12.10 3.09
N VAL A 360 3.82 -13.21 3.29
CA VAL A 360 2.59 -13.41 2.57
C VAL A 360 1.37 -13.41 3.48
N VAL A 361 1.22 -14.47 4.27
CA VAL A 361 0.04 -14.65 5.10
C VAL A 361 -0.09 -13.53 6.14
N GLU A 362 1.03 -13.27 6.83
CA GLU A 362 1.07 -12.27 7.89
C GLU A 362 0.81 -10.89 7.33
N ALA A 363 1.66 -10.53 6.37
CA ALA A 363 1.65 -9.18 5.80
C ALA A 363 0.38 -8.94 5.00
N ARG A 364 -0.41 -10.01 4.83
CA ARG A 364 -1.66 -10.02 4.05
C ARG A 364 -1.47 -9.39 2.67
N ARG A 365 -0.47 -9.89 1.99
CA ARG A 365 -0.26 -9.62 0.60
C ARG A 365 -1.24 -10.46 -0.21
N HIS A 366 -2.24 -9.78 -0.80
CA HIS A 366 -3.19 -10.38 -1.75
C HIS A 366 -2.51 -10.57 -3.10
N ILE A 367 -3.25 -11.15 -4.05
CA ILE A 367 -2.72 -11.51 -5.38
C ILE A 367 -2.03 -10.29 -6.01
N LEU A 368 -2.76 -9.19 -5.96
CA LEU A 368 -2.38 -7.95 -6.60
C LEU A 368 -1.04 -7.47 -6.05
N ALA A 369 -0.94 -7.52 -4.72
CA ALA A 369 0.27 -7.09 -4.02
C ALA A 369 1.47 -7.89 -4.48
N ILE A 370 1.28 -9.20 -4.61
CA ILE A 370 2.32 -10.11 -5.08
C ILE A 370 2.87 -9.66 -6.43
N LEU A 371 1.91 -9.38 -7.33
CA LEU A 371 2.24 -8.95 -8.69
C LEU A 371 3.02 -7.65 -8.65
N GLN A 372 2.55 -6.73 -7.81
CA GLN A 372 3.16 -5.41 -7.62
C GLN A 372 4.55 -5.58 -7.06
N ASP A 373 4.75 -6.56 -6.19
CA ASP A 373 6.02 -6.74 -5.50
C ASP A 373 6.97 -7.68 -6.28
N TYR A 374 6.41 -8.37 -7.28
CA TYR A 374 7.20 -9.19 -8.21
C TYR A 374 7.00 -8.83 -9.70
N PRO A 375 7.89 -7.96 -10.24
CA PRO A 375 7.77 -7.41 -11.57
C PRO A 375 7.76 -8.45 -12.66
N SER A 376 8.55 -9.52 -12.46
CA SER A 376 8.71 -10.58 -13.47
C SER A 376 7.44 -11.32 -13.76
N LEU A 377 6.56 -11.36 -12.75
CA LEU A 377 5.29 -12.05 -12.84
C LEU A 377 4.42 -11.46 -13.90
N ARG A 378 4.55 -12.00 -15.10
CA ARG A 378 3.59 -11.69 -16.15
C ARG A 378 2.93 -13.02 -16.51
N PRO A 379 2.14 -13.53 -15.60
CA PRO A 379 1.43 -14.75 -15.86
C PRO A 379 0.17 -14.49 -16.70
N PRO A 380 -0.27 -15.53 -17.41
CA PRO A 380 -1.42 -15.41 -18.32
C PRO A 380 -2.68 -15.29 -17.50
N ILE A 381 -3.61 -14.47 -17.95
CA ILE A 381 -4.79 -14.24 -17.15
C ILE A 381 -5.63 -15.51 -17.04
N ASP A 382 -5.71 -16.29 -18.11
CA ASP A 382 -6.51 -17.50 -18.05
C ASP A 382 -5.89 -18.48 -17.05
N HIS A 383 -4.57 -18.58 -17.04
CA HIS A 383 -3.95 -19.50 -16.10
C HIS A 383 -4.12 -18.99 -14.66
N LEU A 384 -4.13 -17.68 -14.45
CA LEU A 384 -4.37 -17.19 -13.12
C LEU A 384 -5.80 -17.50 -12.69
N CYS A 385 -6.75 -17.39 -13.61
CA CYS A 385 -8.15 -17.66 -13.31
C CYS A 385 -8.48 -19.14 -13.07
N GLU A 386 -7.42 -19.93 -13.20
CA GLU A 386 -7.40 -21.34 -12.83
C GLU A 386 -6.96 -21.42 -11.38
N LEU A 387 -5.82 -20.78 -11.06
CA LEU A 387 -5.14 -20.85 -9.74
C LEU A 387 -5.78 -20.12 -8.54
N LEU A 388 -6.71 -19.21 -8.80
CA LEU A 388 -7.38 -18.48 -7.72
C LEU A 388 -8.53 -19.27 -7.12
N PRO A 389 -8.61 -19.28 -5.76
CA PRO A 389 -9.79 -19.73 -5.00
C PRO A 389 -11.03 -18.94 -5.33
N ARG A 390 -12.19 -19.59 -5.26
CA ARG A 390 -13.48 -18.93 -5.56
C ARG A 390 -13.84 -17.89 -4.48
N LEU A 391 -14.56 -16.84 -4.86
CA LEU A 391 -14.93 -15.85 -3.85
C LEU A 391 -15.96 -16.43 -2.92
N GLN A 392 -15.57 -16.61 -1.66
CA GLN A 392 -16.46 -17.19 -0.68
C GLN A 392 -17.48 -16.15 -0.28
N ALA A 393 -18.71 -16.56 -0.11
CA ALA A 393 -19.71 -15.65 0.40
C ALA A 393 -19.41 -15.30 1.87
N ARG A 394 -19.78 -14.09 2.32
CA ARG A 394 -19.67 -13.85 3.75
C ARG A 394 -21.07 -13.87 4.39
N TYR A 395 -21.20 -14.53 5.57
CA TYR A 395 -22.48 -14.51 6.34
C TYR A 395 -22.50 -13.58 7.59
N TYR A 396 -23.71 -13.09 7.89
CA TYR A 396 -23.92 -12.11 8.97
C TYR A 396 -25.08 -12.49 9.86
N SER A 397 -24.84 -12.44 11.16
CA SER A 397 -25.87 -12.78 12.10
C SER A 397 -26.93 -11.72 11.93
N ILE A 398 -28.14 -12.16 11.53
CA ILE A 398 -29.33 -11.28 11.44
C ILE A 398 -29.68 -10.58 12.74
N ALA A 399 -29.83 -9.27 12.63
CA ALA A 399 -30.05 -8.43 13.76
C ALA A 399 -31.50 -7.90 13.81
N SER A 400 -32.47 -8.73 13.43
CA SER A 400 -33.87 -8.33 13.50
C SER A 400 -34.75 -9.52 13.86
N SER A 401 -36.01 -9.26 14.23
CA SER A 401 -36.97 -10.33 14.51
C SER A 401 -38.06 -10.38 13.46
N SER A 402 -38.36 -11.57 12.96
CA SER A 402 -39.33 -11.66 11.87
C SER A 402 -40.74 -11.24 12.30
N LYS A 403 -40.97 -11.09 13.61
CA LYS A 403 -42.30 -10.75 14.07
C LYS A 403 -42.52 -9.24 14.07
N VAL A 404 -41.43 -8.49 14.02
CA VAL A 404 -41.47 -7.03 13.95
C VAL A 404 -41.01 -6.53 12.57
N HIS A 405 -40.23 -7.37 11.88
CA HIS A 405 -39.69 -7.07 10.54
C HIS A 405 -39.81 -8.26 9.58
N PRO A 406 -41.04 -8.64 9.20
CA PRO A 406 -41.29 -9.79 8.34
C PRO A 406 -40.64 -9.67 6.98
N ASN A 407 -40.54 -8.44 6.49
CA ASN A 407 -40.09 -8.14 5.14
C ASN A 407 -38.66 -7.59 5.08
N SER A 408 -37.98 -7.62 6.21
CA SER A 408 -36.66 -7.00 6.27
C SER A 408 -35.66 -7.83 7.08
N VAL A 409 -34.49 -8.01 6.49
CA VAL A 409 -33.34 -8.63 7.12
C VAL A 409 -32.35 -7.51 7.42
N HIS A 410 -32.04 -7.33 8.69
CA HIS A 410 -31.11 -6.31 9.09
C HIS A 410 -29.78 -6.95 9.40
N ILE A 411 -28.69 -6.29 9.02
CA ILE A 411 -27.34 -6.72 9.44
C ILE A 411 -26.59 -5.71 10.35
N CYS A 412 -25.75 -6.23 11.25
CA CYS A 412 -24.74 -5.40 11.92
C CYS A 412 -23.36 -5.92 11.57
N ALA A 413 -22.45 -4.99 11.27
CA ALA A 413 -21.04 -5.34 10.96
C ALA A 413 -19.99 -4.22 11.10
N VAL A 414 -18.75 -4.65 11.30
CA VAL A 414 -17.61 -3.76 11.33
C VAL A 414 -17.09 -3.70 9.90
N ALA A 415 -16.81 -2.52 9.35
CA ALA A 415 -16.09 -2.51 8.05
C ALA A 415 -14.56 -2.64 8.22
N VAL A 416 -13.97 -3.52 7.40
CA VAL A 416 -12.58 -3.92 7.58
C VAL A 416 -11.67 -3.07 6.76
N GLU A 417 -10.51 -2.73 7.32
CA GLU A 417 -9.60 -1.80 6.68
C GLU A 417 -8.42 -1.69 7.60
N TYR A 418 -7.23 -1.79 7.07
CA TYR A 418 -6.04 -1.78 7.90
C TYR A 418 -4.73 -1.68 7.16
N GLU A 419 -3.75 -1.00 7.76
CA GLU A 419 -2.35 -1.04 7.31
C GLU A 419 -1.72 -2.39 7.59
N ALA A 420 -1.44 -3.17 6.55
CA ALA A 420 -0.72 -4.42 6.75
C ALA A 420 0.80 -4.18 6.85
N LYS A 421 1.61 -5.24 6.99
CA LYS A 421 3.07 -5.06 6.98
C LYS A 421 3.55 -4.95 5.50
N SER A 422 2.62 -5.25 4.61
CA SER A 422 2.80 -5.09 3.17
C SER A 422 2.87 -3.61 2.76
N GLY A 423 2.67 -2.72 3.72
CA GLY A 423 2.58 -1.28 3.47
C GLY A 423 1.23 -0.91 2.88
N ARG A 424 0.64 -1.88 2.16
CA ARG A 424 -0.65 -1.75 1.47
C ARG A 424 -1.80 -1.64 2.41
N VAL A 425 -2.59 -0.59 2.27
CA VAL A 425 -3.87 -0.54 2.93
C VAL A 425 -4.79 -1.55 2.27
N ASN A 426 -5.34 -2.49 3.02
CA ASN A 426 -6.26 -3.48 2.43
C ASN A 426 -7.70 -3.16 2.78
N LYS A 427 -8.64 -3.77 2.06
CA LYS A 427 -10.08 -3.51 2.28
C LYS A 427 -10.79 -4.82 2.42
N GLY A 428 -11.89 -4.78 3.18
CA GLY A 428 -12.74 -5.94 3.37
C GLY A 428 -13.67 -6.04 2.18
N VAL A 429 -13.83 -7.25 1.66
CA VAL A 429 -14.63 -7.45 0.45
C VAL A 429 -16.10 -7.07 0.67
N ALA A 430 -16.78 -7.90 1.47
CA ALA A 430 -18.19 -7.73 1.73
C ALA A 430 -18.43 -6.39 2.43
N THR A 431 -17.57 -6.06 3.39
CA THR A 431 -17.85 -4.94 4.27
C THR A 431 -17.72 -3.65 3.50
N SER A 432 -16.64 -3.50 2.75
CA SER A 432 -16.48 -2.30 1.91
C SER A 432 -17.58 -2.25 0.86
N TRP A 433 -17.84 -3.42 0.27
CA TRP A 433 -18.89 -3.56 -0.77
C TRP A 433 -20.24 -3.15 -0.16
N LEU A 434 -20.49 -3.68 1.04
CA LEU A 434 -21.73 -3.42 1.77
C LEU A 434 -21.89 -1.93 2.03
N ARG A 435 -20.79 -1.31 2.45
CA ARG A 435 -20.71 0.09 2.82
C ARG A 435 -21.12 0.95 1.67
N ALA A 436 -20.65 0.62 0.47
CA ALA A 436 -20.96 1.39 -0.73
C ALA A 436 -22.42 1.25 -1.20
N LYS A 437 -23.12 0.24 -0.71
CA LYS A 437 -24.52 0.08 -1.11
C LYS A 437 -25.37 1.18 -0.45
N GLU A 438 -25.70 2.20 -1.22
CA GLU A 438 -26.46 3.36 -0.72
C GLU A 438 -27.96 3.22 -1.05
N PRO A 439 -28.85 3.96 -0.31
CA PRO A 439 -30.31 3.66 -0.17
C PRO A 439 -31.21 3.61 -1.42
N ALA A 447 -28.96 -0.31 -6.53
CA ALA A 447 -28.05 -0.92 -5.55
C ALA A 447 -28.73 -2.06 -4.79
N LEU A 448 -28.49 -3.28 -5.28
CA LEU A 448 -29.16 -4.49 -4.81
C LEU A 448 -28.09 -5.46 -4.29
N VAL A 449 -28.48 -6.36 -3.38
CA VAL A 449 -27.54 -7.28 -2.74
C VAL A 449 -28.00 -8.73 -2.85
N PRO A 450 -27.17 -9.62 -3.45
CA PRO A 450 -27.48 -11.05 -3.55
C PRO A 450 -27.17 -11.81 -2.25
N MET A 451 -28.19 -12.35 -1.62
CA MET A 451 -28.05 -12.97 -0.30
C MET A 451 -29.03 -14.12 -0.13
N PHE A 452 -28.76 -15.00 0.83
CA PHE A 452 -29.72 -16.03 1.21
C PHE A 452 -29.79 -16.16 2.74
N VAL A 453 -30.73 -16.94 3.25
CA VAL A 453 -30.89 -17.14 4.70
C VAL A 453 -30.58 -18.56 5.13
N ARG A 454 -29.54 -18.76 5.93
CA ARG A 454 -29.17 -20.12 6.35
C ARG A 454 -29.47 -20.34 7.80
N LYS A 455 -30.02 -21.51 8.11
CA LYS A 455 -30.52 -21.74 9.44
C LYS A 455 -29.40 -22.01 10.43
N SER A 456 -29.59 -21.44 11.60
CA SER A 456 -28.76 -21.71 12.75
C SER A 456 -29.68 -22.23 13.84
N GLN A 457 -29.05 -22.74 14.88
CA GLN A 457 -29.80 -23.25 15.99
C GLN A 457 -29.47 -22.41 17.20
N PHE A 458 -28.99 -21.21 16.88
CA PHE A 458 -29.04 -20.07 17.78
C PHE A 458 -30.49 -19.56 17.84
N ARG A 459 -31.22 -19.92 18.90
CA ARG A 459 -32.65 -19.57 19.03
C ARG A 459 -33.10 -19.21 20.45
N LEU A 460 -34.12 -18.36 20.52
CA LEU A 460 -34.84 -18.04 21.75
C LEU A 460 -35.67 -19.23 22.22
N PRO A 461 -35.76 -19.47 23.55
CA PRO A 461 -36.57 -20.62 24.02
C PRO A 461 -38.08 -20.42 23.85
N PHE A 462 -38.82 -21.53 23.89
CA PHE A 462 -40.24 -21.56 23.54
C PHE A 462 -41.08 -20.90 24.63
N LYS A 463 -40.80 -21.30 25.87
CA LYS A 463 -41.43 -20.72 27.05
C LYS A 463 -41.00 -19.27 27.16
N SER A 464 -41.93 -18.33 26.92
CA SER A 464 -41.61 -16.90 27.03
C SER A 464 -41.14 -16.54 28.44
N THR A 465 -41.49 -17.39 29.38
CA THR A 465 -41.13 -17.19 30.75
C THR A 465 -39.65 -17.46 30.98
N THR A 466 -39.04 -18.25 30.09
CA THR A 466 -37.65 -18.66 30.31
C THR A 466 -36.72 -17.42 30.34
N PRO A 467 -35.90 -17.30 31.38
CA PRO A 467 -34.97 -16.18 31.35
C PRO A 467 -33.81 -16.42 30.38
N VAL A 468 -33.20 -15.35 29.91
CA VAL A 468 -32.13 -15.39 28.92
C VAL A 468 -30.91 -14.56 29.35
N ILE A 469 -29.73 -15.18 29.34
CA ILE A 469 -28.48 -14.41 29.35
C ILE A 469 -27.88 -14.28 27.95
N MET A 470 -27.72 -13.05 27.47
CA MET A 470 -27.05 -12.77 26.21
C MET A 470 -25.69 -12.10 26.45
N VAL A 471 -24.61 -12.74 26.02
CA VAL A 471 -23.26 -12.14 26.07
C VAL A 471 -22.80 -11.75 24.65
N GLY A 472 -22.82 -10.46 24.29
CA GLY A 472 -22.42 -10.03 22.93
C GLY A 472 -21.49 -8.84 22.67
N PRO A 473 -20.21 -8.91 23.16
CA PRO A 473 -19.24 -7.81 22.97
C PRO A 473 -18.93 -7.50 21.50
N GLY A 474 -18.96 -6.22 21.17
CA GLY A 474 -18.73 -5.76 19.80
C GLY A 474 -19.94 -6.01 18.95
N THR A 475 -19.73 -6.21 17.65
CA THR A 475 -20.79 -6.51 16.69
C THR A 475 -21.56 -7.75 17.07
N GLY A 476 -21.06 -8.47 18.07
CA GLY A 476 -21.65 -9.73 18.50
C GLY A 476 -23.00 -9.49 19.13
N ILE A 477 -23.26 -8.22 19.43
CA ILE A 477 -24.56 -7.80 19.92
C ILE A 477 -25.66 -8.07 18.85
N ALA A 478 -25.19 -8.49 17.68
CA ALA A 478 -26.01 -8.48 16.47
C ALA A 478 -27.25 -9.31 16.66
N PRO A 479 -27.07 -10.61 16.77
CA PRO A 479 -28.31 -11.36 16.62
C PRO A 479 -29.23 -11.07 17.81
N PHE A 480 -28.58 -10.71 18.94
CA PHE A 480 -29.20 -10.37 20.20
C PHE A 480 -30.09 -9.18 20.08
N MET A 481 -29.86 -8.27 19.14
CA MET A 481 -30.84 -7.22 18.83
C MET A 481 -32.18 -7.83 18.45
N GLY A 482 -32.11 -8.86 17.60
CA GLY A 482 -33.30 -9.60 17.17
C GLY A 482 -34.04 -10.17 18.37
N PHE A 483 -33.26 -10.77 19.26
CA PHE A 483 -33.75 -11.38 20.50
C PHE A 483 -34.52 -10.34 21.32
N ILE A 484 -33.89 -9.19 21.46
CA ILE A 484 -34.44 -8.11 22.25
C ILE A 484 -35.77 -7.64 21.65
N GLN A 485 -35.77 -7.52 20.32
CA GLN A 485 -36.96 -7.11 19.58
C GLN A 485 -38.10 -8.08 19.85
N GLU A 486 -37.77 -9.37 19.79
CA GLU A 486 -38.76 -10.41 19.98
C GLU A 486 -39.35 -10.34 21.38
N ARG A 487 -38.47 -10.11 22.36
CA ARG A 487 -38.94 -10.02 23.75
C ARG A 487 -39.86 -8.84 23.91
N ALA A 488 -39.51 -7.71 23.28
CA ALA A 488 -40.33 -6.49 23.31
C ALA A 488 -41.73 -6.80 22.77
N TRP A 489 -41.73 -7.50 21.64
CA TRP A 489 -42.95 -7.88 20.94
C TRP A 489 -43.84 -8.70 21.84
N LEU A 490 -43.24 -9.63 22.57
CA LEU A 490 -43.98 -10.50 23.47
C LEU A 490 -44.83 -9.71 24.47
N ARG A 491 -44.23 -8.68 25.05
CA ARG A 491 -44.88 -7.83 26.01
C ARG A 491 -46.02 -7.03 25.43
N GLU A 492 -45.95 -6.70 24.15
CA GLU A 492 -47.05 -6.05 23.46
C GLU A 492 -48.21 -7.01 23.37
N GLN A 493 -47.91 -8.31 23.29
CA GLN A 493 -48.94 -9.33 23.17
C GLN A 493 -49.51 -9.77 24.50
N GLY A 494 -49.05 -9.14 25.58
CA GLY A 494 -49.53 -9.44 26.91
C GLY A 494 -49.00 -10.76 27.44
N LYS A 495 -48.04 -11.34 26.75
CA LYS A 495 -47.43 -12.58 27.22
C LYS A 495 -46.39 -12.28 28.33
N GLU A 496 -46.24 -13.23 29.25
CA GLU A 496 -45.27 -13.14 30.36
C GLU A 496 -43.83 -13.29 29.83
N VAL A 497 -43.10 -12.19 29.86
CA VAL A 497 -41.70 -12.20 29.49
C VAL A 497 -40.84 -12.49 30.72
N GLY A 498 -39.94 -13.46 30.62
CA GLY A 498 -38.98 -13.76 31.68
C GLY A 498 -37.90 -12.70 31.85
N GLU A 499 -36.92 -12.97 32.72
CA GLU A 499 -35.80 -12.06 32.87
C GLU A 499 -34.91 -12.03 31.62
N THR A 500 -34.54 -10.84 31.19
CA THR A 500 -33.82 -10.67 29.93
C THR A 500 -32.57 -9.84 30.18
N LEU A 501 -31.40 -10.46 30.07
CA LEU A 501 -30.13 -9.81 30.37
C LEU A 501 -29.23 -9.64 29.18
N LEU A 502 -28.79 -8.43 28.94
CA LEU A 502 -27.78 -8.20 27.92
C LEU A 502 -26.47 -7.80 28.57
N TYR A 503 -25.45 -8.61 28.34
CA TYR A 503 -24.12 -8.27 28.77
C TYR A 503 -23.30 -7.83 27.57
N TYR A 504 -23.44 -6.54 27.20
CA TYR A 504 -22.72 -5.93 26.07
C TYR A 504 -21.37 -5.26 26.49
N GLY A 505 -20.50 -4.97 25.51
CA GLY A 505 -19.19 -4.33 25.72
C GLY A 505 -18.67 -3.59 24.51
N CYS A 506 -17.98 -2.49 24.72
CA CYS A 506 -17.33 -1.73 23.64
C CYS A 506 -16.13 -0.96 24.20
N ARG A 507 -15.38 -0.28 23.34
CA ARG A 507 -14.19 0.45 23.77
C ARG A 507 -14.50 1.65 24.69
N ARG A 508 -15.17 2.68 24.16
CA ARG A 508 -15.52 3.89 24.94
C ARG A 508 -16.94 4.42 24.65
N SER A 509 -17.60 4.92 25.69
CA SER A 509 -19.03 5.28 25.66
C SER A 509 -19.47 6.16 24.48
N ASP A 510 -18.58 7.04 24.03
CA ASP A 510 -18.88 8.03 23.00
C ASP A 510 -18.36 7.63 21.61
N GLU A 511 -17.90 6.40 21.49
CA GLU A 511 -17.14 5.99 20.32
C GLU A 511 -17.87 4.91 19.51
N ASP A 512 -18.09 3.75 20.11
CA ASP A 512 -18.62 2.58 19.40
C ASP A 512 -19.62 1.74 20.18
N TYR A 513 -20.50 2.44 20.89
CA TYR A 513 -21.55 1.83 21.69
C TYR A 513 -22.77 1.64 20.79
N LEU A 514 -22.87 0.46 20.19
CA LEU A 514 -23.88 0.20 19.16
C LEU A 514 -25.31 0.35 19.67
N TYR A 515 -26.19 0.97 18.86
CA TYR A 515 -27.65 1.14 19.12
C TYR A 515 -27.97 1.81 20.46
N ARG A 516 -27.25 2.88 20.80
CA ARG A 516 -27.26 3.40 22.17
C ARG A 516 -28.72 3.66 22.58
N GLU A 517 -29.41 4.38 21.69
CA GLU A 517 -30.70 4.95 22.03
C GLU A 517 -31.71 3.83 22.10
N GLU A 518 -31.71 2.95 21.10
CA GLU A 518 -32.73 1.91 21.04
C GLU A 518 -32.60 0.96 22.23
N LEU A 519 -31.36 0.63 22.58
CA LEU A 519 -31.09 -0.23 23.72
C LEU A 519 -31.61 0.41 25.00
N ALA A 520 -31.35 1.71 25.13
CA ALA A 520 -31.80 2.44 26.31
C ALA A 520 -33.33 2.44 26.39
N ARG A 521 -33.97 2.63 25.25
CA ARG A 521 -35.43 2.61 25.13
C ARG A 521 -35.97 1.27 25.62
N PHE A 522 -35.31 0.20 25.16
CA PHE A 522 -35.68 -1.17 25.55
C PHE A 522 -35.54 -1.39 27.07
N HIS A 523 -34.49 -0.78 27.63
CA HIS A 523 -34.25 -0.73 29.07
C HIS A 523 -35.47 -0.17 29.81
N LYS A 524 -35.92 1.01 29.37
CA LYS A 524 -36.93 1.70 30.15
C LYS A 524 -38.30 1.16 29.83
N ASP A 525 -38.44 0.51 28.67
CA ASP A 525 -39.73 -0.12 28.36
C ASP A 525 -40.04 -1.40 29.14
N GLY A 526 -39.09 -1.87 29.95
CA GLY A 526 -39.23 -3.11 30.72
C GLY A 526 -38.82 -4.36 29.95
N ALA A 527 -38.72 -4.21 28.63
CA ALA A 527 -38.41 -5.30 27.70
C ALA A 527 -37.00 -5.88 27.92
N LEU A 528 -36.03 -5.00 28.14
CA LEU A 528 -34.72 -5.43 28.56
C LEU A 528 -34.57 -5.22 30.07
N THR A 529 -34.40 -6.29 30.83
CA THR A 529 -34.30 -6.19 32.28
C THR A 529 -33.01 -5.50 32.76
N GLN A 530 -31.86 -5.96 32.28
CA GLN A 530 -30.59 -5.37 32.67
C GLN A 530 -29.71 -5.12 31.47
N LEU A 531 -29.31 -3.88 31.29
CA LEU A 531 -28.35 -3.49 30.25
C LEU A 531 -26.97 -3.29 30.86
N ASN A 532 -26.14 -4.33 30.87
CA ASN A 532 -24.83 -4.18 31.50
C ASN A 532 -23.79 -3.93 30.45
N VAL A 533 -23.02 -2.86 30.65
CA VAL A 533 -22.11 -2.39 29.61
C VAL A 533 -20.64 -2.32 30.05
N ALA A 534 -19.77 -3.10 29.41
CA ALA A 534 -18.33 -3.13 29.70
C ALA A 534 -17.47 -2.15 28.89
N PHE A 535 -17.16 -0.99 29.45
CA PHE A 535 -16.32 0.00 28.75
C PHE A 535 -14.81 -0.18 28.98
N SER A 536 -14.14 -0.73 27.98
CA SER A 536 -12.82 -1.34 28.16
C SER A 536 -11.63 -0.40 28.06
N ARG A 537 -11.82 0.75 27.42
CA ARG A 537 -10.71 1.70 27.31
C ARG A 537 -10.96 3.01 28.04
N GLU A 538 -11.98 2.98 28.89
CA GLU A 538 -12.32 4.05 29.80
C GLU A 538 -11.49 3.97 31.09
N GLN A 539 -10.48 3.09 31.10
CA GLN A 539 -9.46 3.04 32.17
C GLN A 539 -8.22 2.30 31.68
N ALA A 540 -7.12 2.35 32.43
CA ALA A 540 -5.86 1.70 32.03
C ALA A 540 -5.83 0.21 32.34
N HIS A 541 -6.76 -0.25 33.18
CA HIS A 541 -7.02 -1.69 33.28
C HIS A 541 -8.27 -2.04 32.48
N LYS A 542 -8.19 -3.07 31.62
CA LYS A 542 -9.29 -3.40 30.70
C LYS A 542 -10.55 -3.99 31.39
N VAL A 543 -11.72 -3.52 30.95
CA VAL A 543 -13.03 -3.95 31.51
C VAL A 543 -13.87 -4.75 30.52
N TYR A 544 -14.00 -6.04 30.80
CA TYR A 544 -14.61 -6.99 29.88
C TYR A 544 -15.91 -7.54 30.43
N VAL A 545 -16.74 -8.17 29.57
CA VAL A 545 -18.05 -8.69 30.03
C VAL A 545 -17.96 -9.81 31.06
N GLN A 546 -16.82 -10.52 31.04
CA GLN A 546 -16.49 -11.49 32.11
C GLN A 546 -16.49 -10.82 33.46
N HIS A 547 -15.88 -9.63 33.51
CA HIS A 547 -15.79 -8.83 34.71
C HIS A 547 -17.20 -8.55 35.28
N LEU A 548 -18.06 -8.12 34.37
CA LEU A 548 -19.45 -7.80 34.68
C LEU A 548 -20.16 -9.02 35.28
N LEU A 549 -19.94 -10.15 34.62
CA LEU A 549 -20.52 -11.42 35.03
C LEU A 549 -20.10 -11.77 36.45
N LYS A 550 -18.80 -11.61 36.68
CA LYS A 550 -18.18 -11.89 37.98
C LYS A 550 -18.84 -11.05 39.06
N ARG A 551 -18.99 -9.76 38.74
CA ARG A 551 -19.66 -8.79 39.62
C ARG A 551 -21.07 -9.28 40.00
N ASP A 552 -21.80 -9.85 39.04
CA ASP A 552 -23.20 -10.22 39.30
C ASP A 552 -23.47 -11.66 39.77
N ARG A 553 -22.41 -12.46 39.86
CA ARG A 553 -22.49 -13.91 39.99
C ARG A 553 -23.72 -14.50 40.63
N GLU A 554 -24.02 -14.04 41.84
CA GLU A 554 -25.10 -14.63 42.64
C GLU A 554 -26.42 -14.49 41.91
N HIS A 555 -26.66 -13.31 41.35
CA HIS A 555 -27.89 -13.05 40.62
C HIS A 555 -28.03 -14.02 39.44
N LEU A 556 -26.93 -14.20 38.73
CA LEU A 556 -26.87 -15.08 37.57
C LEU A 556 -27.23 -16.50 37.99
N TRP A 557 -26.65 -16.93 39.12
CA TRP A 557 -26.75 -18.32 39.54
C TRP A 557 -28.21 -18.69 39.80
N LYS A 558 -28.92 -17.78 40.47
CA LYS A 558 -30.32 -18.03 40.77
C LYS A 558 -31.15 -18.13 39.51
N LEU A 559 -30.85 -17.30 38.52
CA LEU A 559 -31.48 -17.37 37.21
C LEU A 559 -31.26 -18.72 36.53
N ILE A 560 -29.97 -19.09 36.39
CA ILE A 560 -29.60 -20.36 35.71
C ILE A 560 -30.27 -21.54 36.40
N HIS A 561 -30.14 -21.55 37.72
CA HIS A 561 -30.41 -22.73 38.50
C HIS A 561 -31.86 -22.81 38.96
N GLU A 562 -32.45 -21.68 39.31
CA GLU A 562 -33.84 -21.63 39.73
C GLU A 562 -34.77 -21.33 38.56
N GLY A 563 -34.36 -20.36 37.73
CA GLY A 563 -35.22 -19.90 36.64
C GLY A 563 -35.15 -20.77 35.40
N GLY A 564 -34.03 -21.47 35.26
CA GLY A 564 -33.80 -22.31 34.08
C GLY A 564 -33.45 -21.47 32.88
N ALA A 565 -32.55 -20.51 33.10
CA ALA A 565 -32.18 -19.53 32.10
C ALA A 565 -31.33 -20.13 30.98
N HIS A 566 -31.41 -19.51 29.79
CA HIS A 566 -30.60 -19.91 28.65
C HIS A 566 -29.36 -19.04 28.52
N ILE A 567 -28.30 -19.62 27.97
CA ILE A 567 -27.04 -18.90 27.82
C ILE A 567 -26.67 -18.76 26.36
N TYR A 568 -26.43 -17.51 25.94
CA TYR A 568 -25.95 -17.22 24.59
C TYR A 568 -24.70 -16.36 24.52
N VAL A 569 -23.69 -16.91 23.87
CA VAL A 569 -22.43 -16.24 23.69
C VAL A 569 -22.29 -16.06 22.16
N CYS A 570 -22.27 -14.81 21.68
CA CYS A 570 -22.01 -14.47 20.25
C CYS A 570 -20.85 -13.47 20.14
N GLY A 571 -19.93 -13.66 19.22
CA GLY A 571 -18.93 -12.63 18.95
C GLY A 571 -17.55 -13.19 18.66
N ASP A 572 -16.55 -12.53 19.22
CA ASP A 572 -15.17 -12.98 19.10
C ASP A 572 -14.92 -14.38 19.72
N ALA A 573 -14.37 -15.30 18.93
CA ALA A 573 -14.10 -16.65 19.44
C ALA A 573 -12.69 -16.87 20.03
N ARG A 574 -11.64 -16.26 19.46
CA ARG A 574 -10.21 -16.46 19.86
C ARG A 574 -10.00 -16.44 21.37
N ASN A 575 -10.54 -15.40 22.00
CA ASN A 575 -10.35 -15.14 23.40
C ASN A 575 -11.64 -15.06 24.19
N MET A 576 -12.55 -14.23 23.72
CA MET A 576 -13.69 -13.77 24.53
C MET A 576 -14.59 -14.89 24.97
N ALA A 577 -14.98 -15.72 24.02
CA ALA A 577 -16.00 -16.76 24.24
C ALA A 577 -15.56 -17.70 25.31
N LYS A 578 -14.28 -18.09 25.27
CA LYS A 578 -13.69 -19.01 26.24
C LYS A 578 -13.32 -18.38 27.58
N ASP A 579 -13.10 -17.07 27.57
CA ASP A 579 -13.00 -16.34 28.83
C ASP A 579 -14.37 -16.34 29.55
N VAL A 580 -15.42 -16.09 28.77
CA VAL A 580 -16.79 -16.11 29.28
C VAL A 580 -17.12 -17.51 29.85
N GLN A 581 -16.71 -18.53 29.12
CA GLN A 581 -16.92 -19.91 29.52
C GLN A 581 -16.24 -20.17 30.88
N ASN A 582 -15.03 -19.68 31.03
CA ASN A 582 -14.27 -19.82 32.25
C ASN A 582 -14.96 -19.15 33.41
N THR A 583 -15.52 -17.97 33.16
CA THR A 583 -16.27 -17.21 34.17
C THR A 583 -17.52 -18.00 34.61
N PHE A 584 -18.19 -18.59 33.63
CA PHE A 584 -19.36 -19.40 33.94
C PHE A 584 -19.00 -20.61 34.79
N TYR A 585 -17.86 -21.22 34.47
CA TYR A 585 -17.31 -22.35 35.22
C TYR A 585 -17.10 -21.93 36.68
N ASP A 586 -16.50 -20.77 36.85
CA ASP A 586 -16.24 -20.31 38.22
C ASP A 586 -17.51 -20.03 38.97
N ILE A 587 -18.51 -19.48 38.28
CA ILE A 587 -19.83 -19.25 38.86
C ILE A 587 -20.42 -20.59 39.35
N VAL A 588 -20.32 -21.61 38.51
CA VAL A 588 -20.89 -22.88 38.91
C VAL A 588 -20.14 -23.48 40.10
N ALA A 589 -18.83 -23.33 40.08
CA ALA A 589 -17.92 -24.00 40.98
C ALA A 589 -18.15 -23.55 42.41
N GLU A 590 -18.49 -22.28 42.61
CA GLU A 590 -18.68 -21.76 43.94
C GLU A 590 -20.14 -21.80 44.39
N PHE A 591 -21.14 -21.71 43.50
CA PHE A 591 -22.54 -21.50 43.97
C PHE A 591 -23.54 -22.68 44.16
N GLY A 592 -23.27 -23.82 43.53
CA GLY A 592 -23.87 -25.09 43.97
C GLY A 592 -22.58 -25.86 44.17
N PRO A 593 -21.85 -25.53 45.25
CA PRO A 593 -20.40 -25.74 45.40
C PRO A 593 -19.84 -27.03 44.79
N MET A 594 -18.88 -26.88 43.88
CA MET A 594 -18.32 -28.01 43.15
C MET A 594 -16.77 -28.03 43.18
N GLU A 595 -16.18 -29.17 42.86
CA GLU A 595 -14.81 -29.19 42.33
C GLU A 595 -14.82 -28.31 41.06
N HIS A 596 -13.72 -27.64 40.74
CA HIS A 596 -13.70 -26.90 39.47
C HIS A 596 -14.18 -27.84 38.37
N THR A 597 -13.59 -29.03 38.33
CA THR A 597 -13.84 -30.03 37.32
C THR A 597 -15.29 -30.49 37.37
N GLN A 598 -15.93 -30.52 38.53
CA GLN A 598 -17.34 -30.84 38.56
C GLN A 598 -18.17 -29.79 37.82
N ALA A 599 -17.80 -28.54 38.05
CA ALA A 599 -18.47 -27.38 37.47
C ALA A 599 -18.45 -27.46 35.95
N VAL A 600 -17.28 -27.83 35.40
CA VAL A 600 -17.09 -27.96 33.97
C VAL A 600 -18.08 -28.97 33.40
N ASP A 601 -18.23 -30.09 34.10
CA ASP A 601 -19.16 -31.15 33.70
C ASP A 601 -20.57 -30.61 33.60
N TYR A 602 -20.96 -29.86 34.62
CA TYR A 602 -22.28 -29.25 34.71
C TYR A 602 -22.52 -28.34 33.49
N VAL A 603 -21.50 -27.52 33.23
CA VAL A 603 -21.53 -26.57 32.13
C VAL A 603 -21.82 -27.35 30.86
N LYS A 604 -21.00 -28.38 30.63
CA LYS A 604 -21.08 -29.18 29.43
C LYS A 604 -22.45 -29.78 29.25
N LYS A 605 -23.00 -30.29 30.35
CA LYS A 605 -24.35 -30.86 30.38
C LYS A 605 -25.36 -29.81 29.91
N LEU A 606 -25.16 -28.57 30.37
CA LEU A 606 -26.00 -27.45 30.00
C LEU A 606 -26.09 -27.28 28.48
N MET A 607 -24.90 -27.33 27.88
CA MET A 607 -24.76 -27.18 26.43
C MET A 607 -25.55 -28.25 25.71
N THR A 608 -25.39 -29.49 26.20
CA THR A 608 -26.04 -30.67 25.65
C THR A 608 -27.56 -30.47 25.69
N LYS A 609 -28.04 -30.00 26.85
CA LYS A 609 -29.45 -29.76 27.10
C LYS A 609 -29.90 -28.70 26.13
N GLY A 610 -28.91 -27.99 25.58
CA GLY A 610 -29.17 -26.86 24.69
C GLY A 610 -29.51 -25.58 25.44
N ARG A 611 -28.87 -25.36 26.57
CA ARG A 611 -29.16 -24.17 27.34
C ARG A 611 -28.03 -23.14 27.23
N TYR A 612 -26.88 -23.60 26.75
CA TYR A 612 -25.71 -22.75 26.50
C TYR A 612 -25.34 -22.92 25.01
N SER A 613 -25.62 -21.89 24.22
CA SER A 613 -25.47 -21.92 22.76
C SER A 613 -24.57 -20.77 22.27
N LEU A 614 -23.72 -21.05 21.28
CA LEU A 614 -22.80 -20.03 20.73
C LEU A 614 -23.09 -19.68 19.26
N ASP A 615 -22.30 -18.74 18.74
CA ASP A 615 -22.43 -18.24 17.38
C ASP A 615 -21.25 -17.32 17.04
N VAL A 616 -20.06 -17.88 16.86
CA VAL A 616 -18.86 -17.05 16.74
C VAL A 616 -18.15 -17.15 15.40
N TRP A 617 -16.99 -16.49 15.30
CA TRP A 617 -16.22 -16.29 14.07
C TRP A 617 -14.86 -15.69 14.54
N SER A 618 -14.04 -15.09 13.67
CA SER A 618 -12.75 -14.50 14.14
C SER A 618 -12.55 -13.00 13.86
N VAL B 14 49.67 4.15 -21.00
CA VAL B 14 49.58 2.70 -20.70
C VAL B 14 50.85 2.26 -19.97
N GLU B 15 51.98 2.67 -20.53
CA GLU B 15 53.30 2.31 -20.05
C GLU B 15 53.46 2.77 -18.60
N LYS B 16 53.06 4.01 -18.35
CA LYS B 16 53.17 4.60 -17.02
C LYS B 16 52.33 3.81 -16.03
N MET B 17 51.13 3.42 -16.44
CA MET B 17 50.23 2.61 -15.61
C MET B 17 50.93 1.30 -15.23
N LYS B 18 51.47 0.67 -16.27
CA LYS B 18 52.10 -0.64 -16.15
C LYS B 18 53.25 -0.60 -15.16
N LYS B 19 54.06 0.45 -15.29
CA LYS B 19 55.20 0.69 -14.40
C LYS B 19 54.79 1.04 -12.95
N THR B 20 53.65 1.71 -12.79
CA THR B 20 53.21 2.17 -11.46
C THR B 20 52.20 1.22 -10.78
N GLY B 21 51.81 0.16 -11.48
CA GLY B 21 50.90 -0.86 -10.95
C GLY B 21 49.43 -0.48 -10.91
N ARG B 22 49.01 0.41 -11.80
CA ARG B 22 47.63 0.91 -11.81
C ARG B 22 46.82 0.36 -13.00
N ASN B 23 45.50 0.44 -12.91
CA ASN B 23 44.58 -0.11 -13.91
C ASN B 23 43.59 0.90 -14.51
N ILE B 24 43.31 1.97 -13.76
CA ILE B 24 42.49 3.10 -14.21
C ILE B 24 43.35 4.37 -14.36
N ILE B 25 43.20 5.05 -15.49
CA ILE B 25 43.82 6.37 -15.71
C ILE B 25 42.77 7.42 -16.11
N VAL B 26 42.81 8.58 -15.47
CA VAL B 26 41.80 9.63 -15.67
C VAL B 26 42.40 10.92 -16.21
N PHE B 27 42.13 11.24 -17.47
CA PHE B 27 42.61 12.49 -18.05
C PHE B 27 41.69 13.66 -17.71
N TYR B 28 42.27 14.86 -17.68
CA TYR B 28 41.50 16.07 -17.39
C TYR B 28 41.78 17.20 -18.37
N GLY B 29 40.77 17.56 -19.16
CA GLY B 29 40.85 18.74 -20.02
C GLY B 29 40.35 19.93 -19.24
N SER B 30 41.28 20.70 -18.69
CA SER B 30 40.94 21.74 -17.75
C SER B 30 41.67 23.03 -18.04
N GLN B 31 40.97 24.15 -17.86
CA GLN B 31 41.57 25.49 -18.01
C GLN B 31 41.83 26.07 -16.61
N THR B 32 40.76 26.14 -15.81
CA THR B 32 40.84 26.69 -14.47
C THR B 32 40.62 25.62 -13.38
N GLY B 33 41.04 24.40 -13.68
CA GLY B 33 41.11 23.33 -12.68
C GLY B 33 39.86 22.64 -12.15
N THR B 34 38.72 22.73 -12.83
CA THR B 34 37.47 22.08 -12.35
C THR B 34 37.40 20.63 -12.78
N ALA B 35 37.74 20.40 -14.05
CA ALA B 35 37.88 19.06 -14.60
C ALA B 35 38.93 18.27 -13.80
N GLU B 36 40.04 18.95 -13.54
CA GLU B 36 41.15 18.39 -12.78
C GLU B 36 40.69 17.95 -11.41
N GLU B 37 39.91 18.81 -10.76
CA GLU B 37 39.34 18.57 -9.44
C GLU B 37 38.51 17.29 -9.45
N PHE B 38 37.71 17.10 -10.50
CA PHE B 38 36.92 15.90 -10.59
C PHE B 38 37.82 14.67 -10.75
N ALA B 39 38.77 14.80 -11.65
CA ALA B 39 39.66 13.72 -12.04
C ALA B 39 40.40 13.17 -10.83
N ASN B 40 40.94 14.09 -10.04
CA ASN B 40 41.70 13.75 -8.85
C ASN B 40 40.84 13.04 -7.85
N ARG B 41 39.61 13.53 -7.70
CA ARG B 41 38.63 12.90 -6.78
C ARG B 41 38.39 11.46 -7.21
N LEU B 42 38.20 11.29 -8.50
CA LEU B 42 37.81 10.03 -9.12
C LEU B 42 38.89 8.99 -8.99
N SER B 43 40.13 9.43 -9.20
CA SER B 43 41.33 8.57 -9.05
C SER B 43 41.69 8.23 -7.59
N LYS B 44 41.11 8.97 -6.65
CA LYS B 44 41.24 8.77 -5.25
C LYS B 44 40.19 7.75 -4.77
N ASP B 45 39.06 7.66 -5.49
CA ASP B 45 37.92 6.78 -5.14
C ASP B 45 38.23 5.28 -5.30
N ALA B 46 38.93 4.94 -6.37
CA ALA B 46 39.34 3.57 -6.65
C ALA B 46 40.19 2.96 -5.53
N HIS B 47 41.18 3.72 -5.04
CA HIS B 47 42.17 3.20 -4.09
C HIS B 47 41.54 2.50 -2.87
N ARG B 48 40.35 2.94 -2.47
CA ARG B 48 39.55 2.28 -1.44
C ARG B 48 38.17 1.88 -1.98
N TYR B 49 38.17 0.98 -2.97
CA TYR B 49 36.97 0.52 -3.65
C TYR B 49 37.36 -0.70 -4.48
N GLY B 50 38.53 -1.26 -4.19
CA GLY B 50 39.10 -2.34 -4.99
C GLY B 50 40.39 -1.98 -5.72
N MET B 51 40.35 -0.96 -6.56
CA MET B 51 41.43 -0.68 -7.55
C MET B 51 42.46 0.38 -7.11
N ARG B 52 43.19 0.89 -8.11
CA ARG B 52 44.26 1.90 -7.95
C ARG B 52 44.49 2.70 -9.26
N GLY B 53 44.29 4.02 -9.22
CA GLY B 53 44.38 4.86 -10.43
C GLY B 53 45.22 6.13 -10.30
N MET B 54 45.26 6.91 -11.38
CA MET B 54 45.98 8.20 -11.43
C MET B 54 45.39 9.16 -12.48
N SER B 55 45.40 10.45 -12.18
CA SER B 55 44.82 11.44 -13.09
C SER B 55 45.81 12.05 -14.07
N SER B 67 44.87 1.48 -27.95
CA SER B 67 44.84 0.14 -28.54
C SER B 67 45.69 -0.84 -27.72
N SER B 68 46.67 -0.29 -26.99
CA SER B 68 47.58 -1.04 -26.11
C SER B 68 47.00 -1.18 -24.70
N LEU B 69 45.88 -0.51 -24.46
CA LEU B 69 45.24 -0.55 -23.15
C LEU B 69 44.75 -1.94 -22.70
N PRO B 70 44.08 -2.71 -23.62
CA PRO B 70 43.58 -4.05 -23.24
C PRO B 70 44.65 -5.01 -22.69
N GLU B 71 45.92 -4.59 -22.74
CA GLU B 71 47.04 -5.40 -22.24
C GLU B 71 47.09 -5.42 -20.71
N ILE B 72 46.69 -4.31 -20.09
CA ILE B 72 46.75 -4.18 -18.65
C ILE B 72 45.70 -5.03 -17.93
N ASP B 73 45.43 -6.23 -18.46
CA ASP B 73 44.63 -7.21 -17.74
C ASP B 73 43.43 -6.55 -17.01
N LYS B 74 42.44 -6.12 -17.80
CA LYS B 74 41.29 -5.34 -17.33
C LYS B 74 41.71 -3.91 -17.01
N SER B 75 41.63 -3.04 -18.00
CA SER B 75 42.07 -1.67 -17.82
C SER B 75 40.92 -0.73 -18.05
N LEU B 76 41.17 0.55 -17.84
CA LEU B 76 40.13 1.55 -17.99
C LEU B 76 40.71 2.93 -18.08
N VAL B 77 40.21 3.68 -19.06
CA VAL B 77 40.57 5.08 -19.24
C VAL B 77 39.32 5.94 -19.08
N VAL B 78 39.44 7.03 -18.31
CA VAL B 78 38.30 7.92 -18.05
C VAL B 78 38.67 9.36 -18.43
N PHE B 79 37.76 10.06 -19.09
CA PHE B 79 38.02 11.45 -19.49
C PHE B 79 37.08 12.45 -18.84
N CYS B 80 37.63 13.44 -18.14
CA CYS B 80 36.87 14.57 -17.62
C CYS B 80 37.22 15.80 -18.45
N MET B 81 36.40 16.11 -19.44
CA MET B 81 36.70 17.15 -20.42
C MET B 81 35.80 18.37 -20.34
N ALA B 82 36.43 19.55 -20.23
CA ALA B 82 35.75 20.85 -20.21
C ALA B 82 35.80 21.50 -21.59
N THR B 83 34.69 22.13 -21.98
CA THR B 83 34.57 22.77 -23.30
C THR B 83 34.59 24.30 -23.19
N TYR B 84 35.36 24.95 -24.07
CA TYR B 84 35.59 26.39 -24.00
C TYR B 84 35.33 27.11 -25.32
N GLY B 85 34.73 28.30 -25.20
CA GLY B 85 34.54 29.20 -26.34
C GLY B 85 33.42 28.82 -27.28
N GLU B 86 33.80 28.35 -28.47
CA GLU B 86 32.85 27.93 -29.52
C GLU B 86 32.73 26.41 -29.55
N GLY B 87 32.82 25.77 -28.38
CA GLY B 87 32.86 24.31 -28.28
C GLY B 87 34.23 23.75 -28.61
N ASP B 88 35.27 24.54 -28.36
CA ASP B 88 36.66 24.16 -28.62
C ASP B 88 37.30 23.49 -27.39
N PRO B 89 38.38 22.69 -27.59
CA PRO B 89 39.07 22.03 -26.47
C PRO B 89 39.80 23.00 -25.55
N THR B 90 40.15 22.54 -24.35
CA THR B 90 40.98 23.35 -23.46
C THR B 90 42.44 23.29 -23.95
N ASP B 91 43.24 24.31 -23.59
CA ASP B 91 44.63 24.39 -24.09
C ASP B 91 45.43 23.10 -23.92
N ASN B 92 45.45 22.57 -22.69
CA ASN B 92 46.17 21.32 -22.36
C ASN B 92 45.66 20.05 -23.08
N ALA B 93 44.43 20.10 -23.59
CA ALA B 93 43.81 18.99 -24.32
C ALA B 93 43.97 19.09 -25.83
N GLN B 94 44.73 20.09 -26.30
CA GLN B 94 44.82 20.37 -27.73
C GLN B 94 45.55 19.27 -28.47
N ASP B 95 46.65 18.81 -27.86
CA ASP B 95 47.50 17.75 -28.39
C ASP B 95 46.68 16.49 -28.63
N PHE B 96 45.93 16.15 -27.58
CA PHE B 96 45.11 14.93 -27.59
C PHE B 96 44.05 15.05 -28.69
N TYR B 97 43.44 16.24 -28.72
CA TYR B 97 42.24 16.48 -29.52
C TYR B 97 42.57 16.29 -31.00
N ASP B 98 43.68 16.90 -31.40
CA ASP B 98 44.12 16.85 -32.80
C ASP B 98 44.41 15.41 -33.19
N TRP B 99 45.08 14.68 -32.28
CA TRP B 99 45.42 13.29 -32.52
C TRP B 99 44.15 12.47 -32.75
N LEU B 100 43.17 12.72 -31.90
CA LEU B 100 41.89 12.01 -31.97
C LEU B 100 41.20 12.28 -33.30
N GLN B 101 41.24 13.55 -33.71
CA GLN B 101 40.59 14.00 -34.94
C GLN B 101 41.04 13.23 -36.15
N GLU B 102 42.35 12.99 -36.28
CA GLU B 102 42.88 12.26 -37.43
C GLU B 102 43.82 11.07 -37.11
N THR B 103 43.38 10.22 -36.20
CA THR B 103 43.86 8.85 -36.09
C THR B 103 42.63 8.02 -36.48
N ASP B 104 42.81 6.75 -36.80
CA ASP B 104 41.66 5.85 -36.90
C ASP B 104 42.05 4.45 -36.47
N VAL B 105 43.11 4.42 -35.65
CA VAL B 105 43.60 3.23 -34.96
C VAL B 105 42.46 2.51 -34.21
N ASP B 106 42.30 1.22 -34.51
CA ASP B 106 41.20 0.40 -33.97
C ASP B 106 41.45 -0.01 -32.51
N LEU B 107 40.75 0.65 -31.59
CA LEU B 107 40.93 0.44 -30.15
C LEU B 107 39.96 -0.61 -29.57
N THR B 108 39.53 -1.60 -30.36
CA THR B 108 38.61 -2.63 -29.84
C THR B 108 39.21 -3.33 -28.60
N GLY B 109 38.43 -3.45 -27.54
CA GLY B 109 38.90 -4.04 -26.27
C GLY B 109 39.26 -3.01 -25.21
N VAL B 110 39.53 -1.79 -25.66
CA VAL B 110 39.78 -0.64 -24.77
C VAL B 110 38.48 -0.19 -24.09
N LYS B 111 38.51 -0.09 -22.76
CA LYS B 111 37.35 0.40 -22.01
C LYS B 111 37.48 1.88 -21.62
N PHE B 112 36.37 2.62 -21.65
CA PHE B 112 36.38 4.05 -21.29
C PHE B 112 35.09 4.58 -20.64
N ALA B 113 35.16 5.75 -20.00
CA ALA B 113 33.99 6.42 -19.42
C ALA B 113 34.25 7.92 -19.42
N VAL B 114 33.28 8.72 -19.87
CA VAL B 114 33.53 10.15 -20.07
C VAL B 114 32.58 11.04 -19.28
N PHE B 115 33.15 12.08 -18.67
CA PHE B 115 32.38 13.12 -17.99
C PHE B 115 32.60 14.53 -18.58
N GLY B 116 31.57 15.06 -19.23
CA GLY B 116 31.63 16.39 -19.83
C GLY B 116 31.28 17.50 -18.86
N LEU B 117 32.09 18.56 -18.86
CA LEU B 117 31.86 19.77 -18.07
C LEU B 117 31.46 20.91 -18.99
N GLY B 118 30.25 21.44 -18.81
CA GLY B 118 29.75 22.51 -19.67
C GLY B 118 28.76 23.45 -19.00
N ASN B 119 27.97 24.12 -19.82
CA ASN B 119 27.03 25.14 -19.38
C ASN B 119 26.01 25.44 -20.49
N LYS B 120 24.73 25.20 -20.23
CA LYS B 120 23.63 25.42 -21.21
C LYS B 120 23.46 26.86 -21.71
N THR B 121 23.90 27.84 -20.90
CA THR B 121 23.86 29.24 -21.33
C THR B 121 24.71 29.48 -22.61
N TYR B 122 25.64 28.56 -22.87
CA TYR B 122 26.43 28.57 -24.11
C TYR B 122 25.80 27.63 -25.13
N GLU B 123 26.03 27.87 -26.42
CA GLU B 123 25.33 27.06 -27.43
C GLU B 123 25.92 25.67 -27.59
N HIS B 124 27.24 25.59 -27.49
CA HIS B 124 27.95 24.35 -27.78
C HIS B 124 28.13 23.55 -26.49
N PHE B 125 26.98 23.28 -25.88
CA PHE B 125 26.84 22.65 -24.56
C PHE B 125 27.52 21.28 -24.49
N ASN B 126 28.58 21.19 -23.68
CA ASN B 126 29.39 19.98 -23.52
C ASN B 126 29.95 19.42 -24.82
N ALA B 127 30.34 20.31 -25.71
CA ALA B 127 30.83 19.90 -27.01
C ALA B 127 32.13 19.10 -26.86
N MET B 128 32.97 19.43 -25.89
CA MET B 128 34.24 18.75 -25.80
C MET B 128 34.02 17.32 -25.33
N GLY B 129 33.25 17.21 -24.24
CA GLY B 129 32.94 15.92 -23.62
C GLY B 129 32.27 15.00 -24.61
N LYS B 130 31.30 15.58 -25.33
CA LYS B 130 30.52 14.84 -26.33
C LYS B 130 31.45 14.30 -27.40
N TYR B 131 32.37 15.16 -27.86
CA TYR B 131 33.35 14.76 -28.86
C TYR B 131 34.20 13.58 -28.43
N VAL B 132 34.86 13.67 -27.28
CA VAL B 132 35.79 12.60 -26.88
C VAL B 132 35.05 11.28 -26.72
N ASP B 133 33.87 11.36 -26.11
CA ASP B 133 33.02 10.19 -25.87
C ASP B 133 32.66 9.53 -27.19
N GLN B 134 32.22 10.38 -28.13
CA GLN B 134 31.76 9.89 -29.43
C GLN B 134 32.94 9.21 -30.15
N ARG B 135 34.09 9.87 -30.08
CA ARG B 135 35.20 9.58 -30.97
C ARG B 135 35.73 8.18 -30.66
N LEU B 136 35.91 7.93 -29.37
CA LEU B 136 36.58 6.73 -28.88
C LEU B 136 35.82 5.50 -29.33
N GLU B 137 34.50 5.56 -29.14
CA GLU B 137 33.62 4.44 -29.51
C GLU B 137 33.73 4.14 -30.99
N GLN B 138 33.73 5.21 -31.79
CA GLN B 138 33.84 5.12 -33.25
C GLN B 138 35.13 4.41 -33.62
N LEU B 139 36.16 4.51 -32.78
CA LEU B 139 37.44 3.82 -33.03
C LEU B 139 37.48 2.38 -32.51
N GLY B 140 36.33 1.85 -32.09
CA GLY B 140 36.24 0.47 -31.61
C GLY B 140 36.24 0.26 -30.11
N ALA B 141 36.59 1.31 -29.35
CA ALA B 141 36.61 1.23 -27.89
C ALA B 141 35.20 1.16 -27.29
N GLN B 142 35.07 0.51 -26.13
CA GLN B 142 33.78 0.33 -25.46
C GLN B 142 33.63 1.24 -24.25
N ARG B 143 32.45 1.85 -24.14
CA ARG B 143 32.07 2.67 -23.00
C ARG B 143 31.74 1.76 -21.82
N ILE B 144 32.34 2.03 -20.65
CA ILE B 144 32.04 1.28 -19.42
C ILE B 144 30.89 1.92 -18.65
N PHE B 145 30.79 3.23 -18.76
CA PHE B 145 29.69 3.94 -18.19
C PHE B 145 29.26 5.10 -19.10
N GLU B 146 27.95 5.35 -19.12
CA GLU B 146 27.32 6.38 -19.95
C GLU B 146 28.02 7.73 -19.84
N LEU B 147 27.94 8.53 -20.89
CA LEU B 147 28.52 9.87 -20.89
C LEU B 147 27.78 10.79 -19.94
N GLY B 148 28.47 11.23 -18.89
CA GLY B 148 27.94 12.23 -17.98
C GLY B 148 27.95 13.57 -18.66
N LEU B 149 26.84 14.30 -18.55
CA LEU B 149 26.74 15.60 -19.19
C LEU B 149 26.45 16.68 -18.17
N GLY B 150 27.47 17.05 -17.41
CA GLY B 150 27.35 18.07 -16.38
C GLY B 150 26.92 19.42 -16.93
N ASP B 151 26.03 20.07 -16.21
CA ASP B 151 25.55 21.37 -16.66
C ASP B 151 25.74 22.42 -15.58
N ASP B 152 26.62 23.39 -15.84
CA ASP B 152 26.95 24.43 -14.86
C ASP B 152 25.85 25.49 -14.74
N ASP B 153 24.91 25.47 -15.69
CA ASP B 153 23.73 26.33 -15.66
C ASP B 153 22.81 25.92 -14.50
N GLY B 154 22.63 24.61 -14.34
CA GLY B 154 21.88 24.04 -13.22
C GLY B 154 22.83 23.85 -12.06
N ASN B 155 23.36 22.64 -11.93
CA ASN B 155 24.44 22.35 -10.97
C ASN B 155 25.36 21.22 -11.45
N LEU B 156 26.51 21.61 -12.00
CA LEU B 156 27.55 20.70 -12.49
C LEU B 156 27.88 19.66 -11.42
N GLU B 157 27.99 20.14 -10.18
CA GLU B 157 28.37 19.32 -9.05
C GLU B 157 27.36 18.19 -8.88
N GLU B 158 26.08 18.54 -8.96
CA GLU B 158 25.02 17.54 -8.80
C GLU B 158 25.12 16.48 -9.87
N ASP B 159 25.38 16.91 -11.10
CA ASP B 159 25.54 15.99 -12.23
C ASP B 159 26.69 15.01 -11.96
N PHE B 160 27.79 15.59 -11.48
CA PHE B 160 29.00 14.83 -11.16
C PHE B 160 28.80 13.77 -10.10
N ILE B 161 28.33 14.23 -8.93
CA ILE B 161 28.06 13.33 -7.80
C ILE B 161 27.13 12.22 -8.19
N THR B 162 26.14 12.54 -9.04
CA THR B 162 25.25 11.51 -9.62
C THR B 162 25.99 10.48 -10.46
N TRP B 163 26.69 10.96 -11.48
CA TRP B 163 27.39 10.12 -12.43
C TRP B 163 28.40 9.22 -11.70
N ARG B 164 29.16 9.87 -10.83
CA ARG B 164 30.21 9.25 -10.04
C ARG B 164 29.60 8.16 -9.17
N GLU B 165 28.46 8.45 -8.55
CA GLU B 165 27.75 7.58 -7.66
C GLU B 165 27.20 6.37 -8.34
N GLN B 166 26.90 6.45 -9.65
CA GLN B 166 26.36 5.32 -10.40
C GLN B 166 27.48 4.54 -11.05
N PHE B 167 28.55 5.25 -11.41
CA PHE B 167 29.75 4.71 -12.07
C PHE B 167 30.44 3.61 -11.26
N TRP B 168 30.82 3.92 -10.02
CA TRP B 168 31.54 2.98 -9.15
C TRP B 168 30.77 1.68 -8.84
N PRO B 169 29.45 1.75 -8.56
CA PRO B 169 28.58 0.58 -8.37
C PRO B 169 28.36 -0.27 -9.63
N ALA B 170 29.30 -0.16 -10.57
CA ALA B 170 29.29 -0.94 -11.81
C ALA B 170 30.74 -1.16 -12.25
N VAL B 171 31.63 -1.19 -11.26
CA VAL B 171 33.06 -1.35 -11.49
C VAL B 171 33.52 -2.59 -10.75
N CYS B 172 32.95 -2.80 -9.58
CA CYS B 172 33.18 -3.99 -8.82
C CYS B 172 32.44 -5.18 -9.44
N GLU B 173 31.31 -4.89 -10.10
CA GLU B 173 30.55 -5.88 -10.85
C GLU B 173 31.31 -6.44 -12.08
N PHE B 174 32.21 -5.63 -12.63
CA PHE B 174 32.94 -5.97 -13.87
C PHE B 174 33.45 -7.43 -13.87
N PHE B 175 34.67 -7.65 -13.39
CA PHE B 175 35.25 -9.02 -13.27
C PHE B 175 34.71 -9.71 -12.01
N GLY B 176 34.37 -8.90 -11.02
CA GLY B 176 33.93 -9.41 -9.73
C GLY B 176 34.44 -8.58 -8.56
N VAL B 177 35.63 -8.01 -8.71
CA VAL B 177 36.32 -7.26 -7.64
C VAL B 177 35.51 -7.21 -6.33
N GLU B 178 34.53 -6.31 -6.27
CA GLU B 178 33.55 -6.22 -5.17
C GLU B 178 34.13 -5.59 -3.90
N ALA B 179 34.17 -4.26 -3.89
CA ALA B 179 34.52 -3.52 -2.70
C ALA B 179 33.55 -3.90 -1.54
N SER B 180 32.55 -4.75 -1.82
CA SER B 180 31.54 -5.24 -0.84
C SER B 180 30.99 -4.18 0.11
N SER B 181 31.79 -3.78 1.11
CA SER B 181 31.53 -2.60 1.96
C SER B 181 32.59 -1.50 1.72
N ILE B 182 32.79 -0.63 2.69
CA ILE B 182 33.71 0.51 2.57
C ILE B 182 32.98 1.69 3.16
N ARG B 183 33.21 1.92 4.44
CA ARG B 183 32.57 3.01 5.12
C ARG B 183 33.01 4.37 4.55
N GLN B 184 32.67 5.43 5.26
CA GLN B 184 33.17 6.77 4.99
C GLN B 184 32.76 7.61 6.18
N TYR B 185 32.10 6.94 7.12
CA TYR B 185 31.67 7.56 8.35
C TYR B 185 31.94 6.57 9.46
N GLU B 186 32.14 7.10 10.66
CA GLU B 186 32.39 6.27 11.83
C GLU B 186 31.26 6.48 12.84
N LEU B 187 30.78 5.39 13.44
CA LEU B 187 29.77 5.51 14.49
C LEU B 187 30.44 5.71 15.83
N VAL B 188 30.03 6.75 16.55
CA VAL B 188 30.57 6.98 17.88
C VAL B 188 29.40 7.25 18.83
N VAL B 189 28.95 6.18 19.47
CA VAL B 189 27.83 6.24 20.40
C VAL B 189 28.17 7.13 21.61
N HIS B 190 27.38 8.16 21.88
CA HIS B 190 27.62 9.01 23.04
C HIS B 190 26.56 8.78 24.11
N GLU B 191 26.39 7.54 24.55
CA GLU B 191 25.22 7.19 25.39
C GLU B 191 25.05 8.01 26.68
N ASP B 192 26.14 8.53 27.24
CA ASP B 192 26.06 9.39 28.43
C ASP B 192 26.53 10.83 28.17
N MET B 193 25.55 11.75 28.11
CA MET B 193 25.78 13.13 27.65
C MET B 193 24.67 14.14 28.02
N ASP B 194 25.07 15.42 28.05
CA ASP B 194 24.25 16.57 28.48
C ASP B 194 23.26 17.04 27.42
N VAL B 195 22.08 17.48 27.86
CA VAL B 195 20.95 17.75 26.93
C VAL B 195 21.22 18.88 25.91
N ALA B 196 21.86 19.94 26.37
CA ALA B 196 22.05 21.14 25.58
C ALA B 196 23.30 21.09 24.71
N LYS B 197 23.83 19.89 24.49
CA LYS B 197 24.87 19.67 23.51
C LYS B 197 24.42 18.65 22.46
N VAL B 198 23.14 18.25 22.53
CA VAL B 198 22.51 17.34 21.56
C VAL B 198 21.42 18.05 20.72
N TYR B 199 21.51 17.90 19.39
CA TYR B 199 20.60 18.54 18.45
C TYR B 199 19.19 17.91 18.50
N THR B 200 18.18 18.77 18.49
CA THR B 200 16.78 18.34 18.60
C THR B 200 15.97 18.50 17.29
N GLY B 201 16.68 18.80 16.20
CA GLY B 201 16.08 19.02 14.87
C GLY B 201 16.34 20.40 14.28
N GLU B 202 17.04 21.25 15.04
CA GLU B 202 17.35 22.61 14.61
C GLU B 202 18.34 22.48 13.50
N MET B 203 18.47 23.51 12.66
CA MET B 203 19.15 23.28 11.41
C MET B 203 20.61 23.73 11.40
N GLY B 204 20.87 24.91 11.96
CA GLY B 204 22.20 25.49 11.89
C GLY B 204 23.01 25.23 13.14
N ARG B 205 23.19 26.28 13.92
CA ARG B 205 23.88 26.21 15.19
C ARG B 205 22.93 25.58 16.21
N LEU B 206 23.49 25.02 17.30
CA LEU B 206 22.71 24.37 18.38
C LEU B 206 21.66 25.26 19.01
N LYS B 207 20.48 24.70 19.25
CA LYS B 207 19.31 25.46 19.71
C LYS B 207 18.99 26.72 18.87
N SER B 208 19.10 26.62 17.54
CA SER B 208 18.77 27.75 16.62
C SER B 208 17.24 28.01 16.52
N TYR B 209 16.46 27.00 16.86
CA TYR B 209 15.02 27.12 16.94
C TYR B 209 14.56 27.75 18.27
N GLU B 210 15.40 27.70 19.31
CA GLU B 210 15.06 28.33 20.60
C GLU B 210 15.76 29.68 20.70
N ASN B 211 16.98 29.72 20.15
CA ASN B 211 17.80 30.93 19.98
C ASN B 211 17.54 31.68 18.67
N GLN B 212 16.36 32.27 18.61
CA GLN B 212 15.97 33.04 17.47
C GLN B 212 16.50 34.49 17.52
N LYS B 213 17.64 34.72 16.89
CA LYS B 213 18.19 36.08 16.74
C LYS B 213 18.48 36.32 15.27
N PRO B 214 17.91 37.40 14.69
CA PRO B 214 18.20 37.75 13.28
C PRO B 214 19.70 37.98 13.04
N PRO B 215 20.23 37.61 11.86
CA PRO B 215 19.59 37.26 10.59
C PRO B 215 18.82 35.95 10.56
N PHE B 216 17.69 35.92 9.84
CA PHE B 216 16.97 34.66 9.61
C PHE B 216 17.13 34.16 8.18
N ASP B 217 17.96 33.13 8.01
CA ASP B 217 18.26 32.59 6.71
C ASP B 217 18.22 31.05 6.72
N ALA B 218 18.73 30.46 5.64
CA ALA B 218 18.96 29.03 5.51
C ALA B 218 19.44 28.40 6.79
N LYS B 219 20.43 29.02 7.42
CA LYS B 219 21.10 28.52 8.64
C LYS B 219 20.31 28.77 9.92
N ASN B 220 19.50 29.81 9.89
CA ASN B 220 18.86 30.27 11.10
C ASN B 220 17.37 30.57 10.87
N PRO B 221 16.62 29.56 10.32
CA PRO B 221 15.22 29.84 10.05
C PRO B 221 14.49 30.34 11.30
N PHE B 222 13.70 31.38 11.12
CA PHE B 222 12.75 31.84 12.09
C PHE B 222 11.59 30.84 12.14
N LEU B 223 10.94 30.78 13.28
CA LEU B 223 9.81 29.91 13.48
C LEU B 223 8.56 30.75 13.57
N ALA B 224 7.73 30.68 12.55
CA ALA B 224 6.47 31.38 12.59
C ALA B 224 5.40 30.37 12.96
N ALA B 225 4.27 30.88 13.39
CA ALA B 225 3.24 29.96 13.78
C ALA B 225 1.96 30.19 13.01
N VAL B 226 1.34 29.06 12.73
CA VAL B 226 0.11 29.02 11.93
C VAL B 226 -1.12 29.78 12.52
N THR B 227 -1.24 31.05 12.16
CA THR B 227 -2.43 31.88 12.35
C THR B 227 -3.76 31.28 11.83
N ALA B 228 -3.73 30.56 10.72
CA ALA B 228 -4.79 29.58 10.40
C ALA B 228 -4.36 28.63 9.28
N ASN B 229 -5.21 27.67 9.01
CA ASN B 229 -5.01 26.69 7.96
C ASN B 229 -6.44 26.21 7.72
N ARG B 230 -7.01 26.63 6.59
CA ARG B 230 -8.38 26.30 6.17
C ARG B 230 -8.38 25.62 4.81
N LYS B 231 -9.39 24.79 4.63
CA LYS B 231 -9.62 24.11 3.39
C LYS B 231 -10.19 25.14 2.42
N LEU B 232 -9.46 25.41 1.33
CA LEU B 232 -9.95 26.29 0.23
C LEU B 232 -10.83 25.49 -0.69
N ASN B 233 -10.32 24.25 -0.92
CA ASN B 233 -10.93 23.11 -1.59
C ASN B 233 -12.39 22.98 -1.18
N GLN B 234 -13.32 23.01 -2.14
CA GLN B 234 -14.72 23.07 -1.78
C GLN B 234 -15.37 21.71 -1.70
N GLY B 235 -14.84 20.78 -2.49
CA GLY B 235 -15.35 19.41 -2.60
C GLY B 235 -14.53 18.47 -1.75
N THR B 236 -13.97 17.43 -2.36
CA THR B 236 -13.06 16.55 -1.64
C THR B 236 -11.90 15.99 -2.48
N GLU B 237 -11.79 16.49 -3.72
CA GLU B 237 -10.86 15.90 -4.69
C GLU B 237 -9.54 15.58 -3.98
N ARG B 238 -8.70 16.60 -3.80
CA ARG B 238 -7.49 16.47 -2.98
C ARG B 238 -7.75 17.53 -1.95
N HIS B 239 -6.79 17.78 -1.06
CA HIS B 239 -6.96 18.84 -0.03
C HIS B 239 -6.14 20.06 -0.39
N LEU B 240 -6.84 21.14 -0.72
CA LEU B 240 -6.18 22.37 -1.05
C LEU B 240 -6.44 23.35 0.05
N MET B 241 -5.35 23.94 0.52
CA MET B 241 -5.30 24.61 1.79
C MET B 241 -4.55 25.92 1.74
N HIS B 242 -5.05 26.90 2.48
CA HIS B 242 -4.36 28.18 2.63
C HIS B 242 -3.83 28.33 4.04
N LEU B 243 -2.54 28.58 4.20
CA LEU B 243 -1.95 28.70 5.55
C LEU B 243 -1.51 30.15 5.77
N GLU B 244 -1.56 30.65 7.01
CA GLU B 244 -1.19 32.06 7.28
C GLU B 244 -0.11 32.08 8.32
N LEU B 245 1.09 32.50 7.95
CA LEU B 245 2.26 32.47 8.84
C LEU B 245 2.61 33.79 9.48
N ASP B 246 2.64 33.78 10.80
CA ASP B 246 2.98 35.00 11.51
C ASP B 246 4.45 35.13 11.81
N ILE B 247 5.04 36.13 11.17
CA ILE B 247 6.45 36.39 11.24
C ILE B 247 6.62 37.73 11.93
N SER B 248 5.94 37.92 13.05
CA SER B 248 5.72 39.28 13.55
C SER B 248 6.99 40.07 13.77
N ASP B 249 7.79 39.62 14.72
CA ASP B 249 9.00 40.33 15.00
C ASP B 249 10.12 39.45 14.55
N SER B 250 10.27 39.41 13.22
CA SER B 250 11.36 38.70 12.55
C SER B 250 12.38 39.63 11.87
N LYS B 251 11.94 40.84 11.50
CA LYS B 251 12.72 41.70 10.62
C LYS B 251 12.83 41.10 9.19
N ILE B 252 11.91 40.22 8.86
CA ILE B 252 11.86 39.63 7.54
C ILE B 252 11.02 40.52 6.64
N ARG B 253 11.55 40.89 5.47
CA ARG B 253 10.71 41.50 4.41
C ARG B 253 10.49 40.61 3.17
N TYR B 254 9.33 40.76 2.55
CA TYR B 254 9.05 40.00 1.36
C TYR B 254 8.23 40.88 0.45
N GLU B 255 8.25 40.60 -0.86
CA GLU B 255 7.51 41.34 -1.91
C GLU B 255 6.74 40.39 -2.88
N SER B 256 5.41 40.59 -3.02
CA SER B 256 4.49 39.47 -3.52
C SER B 256 5.11 38.52 -4.52
N GLY B 257 4.68 37.27 -4.48
CA GLY B 257 5.29 36.19 -5.27
C GLY B 257 6.80 35.89 -5.09
N ASP B 258 7.45 36.54 -4.13
CA ASP B 258 8.64 35.95 -3.44
C ASP B 258 8.37 34.55 -2.79
N HIS B 259 9.44 33.89 -2.41
CA HIS B 259 9.29 32.54 -1.93
C HIS B 259 9.43 32.48 -0.45
N VAL B 260 8.65 31.57 0.13
CA VAL B 260 8.91 31.07 1.49
C VAL B 260 9.45 29.62 1.44
N ALA B 261 10.67 29.45 1.99
CA ALA B 261 11.34 28.13 2.19
C ALA B 261 11.00 27.60 3.55
N VAL B 262 10.94 26.29 3.67
CA VAL B 262 10.32 25.64 4.82
C VAL B 262 11.10 24.36 5.05
N TYR B 263 11.47 24.10 6.30
CA TYR B 263 11.98 22.77 6.65
C TYR B 263 10.89 21.99 7.39
N PRO B 264 10.50 20.86 6.85
CA PRO B 264 9.33 20.16 7.34
C PRO B 264 9.77 19.11 8.32
N ALA B 265 8.95 18.08 8.52
CA ALA B 265 9.34 16.90 9.31
C ALA B 265 8.69 15.59 8.84
N ASN B 266 9.48 14.54 8.52
CA ASN B 266 8.89 13.29 7.96
C ASN B 266 7.81 12.75 8.83
N ASP B 267 6.72 12.21 8.28
CA ASP B 267 5.59 11.79 9.17
C ASP B 267 6.08 10.81 10.25
N SER B 268 6.15 11.28 11.51
CA SER B 268 6.80 10.52 12.56
C SER B 268 6.26 9.10 12.67
N ALA B 269 5.00 8.88 12.29
CA ALA B 269 4.40 7.57 12.28
C ALA B 269 5.22 6.62 11.39
N LEU B 270 5.54 7.13 10.21
CA LEU B 270 6.34 6.38 9.23
C LEU B 270 7.70 6.05 9.81
N VAL B 271 8.29 7.04 10.49
CA VAL B 271 9.58 6.91 11.14
C VAL B 271 9.57 5.74 12.13
N ASN B 272 8.48 5.69 12.92
CA ASN B 272 8.28 4.64 13.91
C ASN B 272 8.38 3.25 13.30
N GLN B 273 7.76 3.12 12.12
CA GLN B 273 7.75 1.86 11.40
C GLN B 273 9.17 1.43 11.06
N ILE B 274 9.95 2.39 10.59
CA ILE B 274 11.35 2.13 10.21
C ILE B 274 12.13 1.66 11.42
N GLY B 275 11.90 2.32 12.56
CA GLY B 275 12.58 1.97 13.81
C GLY B 275 12.25 0.53 14.19
N GLU B 276 10.96 0.21 14.08
CA GLU B 276 10.47 -1.10 14.54
C GLU B 276 11.05 -2.17 13.66
N ILE B 277 10.62 -2.18 12.39
CA ILE B 277 11.10 -3.16 11.40
C ILE B 277 12.63 -3.27 11.24
N LEU B 278 13.34 -2.16 11.36
CA LEU B 278 14.80 -2.22 11.37
C LEU B 278 15.28 -2.74 12.71
N GLY B 279 14.55 -2.38 13.76
CA GLY B 279 14.71 -3.04 15.05
C GLY B 279 15.57 -2.42 16.13
N ALA B 280 16.42 -1.46 15.79
CA ALA B 280 17.26 -0.82 16.82
C ALA B 280 16.51 0.31 17.55
N ASP B 281 17.10 0.85 18.60
CA ASP B 281 16.46 1.95 19.32
C ASP B 281 16.74 3.27 18.63
N LEU B 282 15.67 4.03 18.38
CA LEU B 282 15.75 5.30 17.65
C LEU B 282 16.39 6.39 18.49
N ASP B 283 16.23 6.27 19.81
CA ASP B 283 16.61 7.32 20.73
C ASP B 283 18.07 7.20 21.21
N VAL B 284 18.82 6.29 20.60
CA VAL B 284 20.29 6.13 20.77
C VAL B 284 21.13 7.41 20.52
N ILE B 285 21.57 8.10 21.58
CA ILE B 285 22.33 9.35 21.37
C ILE B 285 23.68 9.03 20.76
N MET B 286 23.98 9.72 19.65
CA MET B 286 25.15 9.39 18.80
C MET B 286 25.62 10.45 17.81
N SER B 287 26.69 10.10 17.10
CA SER B 287 27.27 10.90 16.03
C SER B 287 27.83 9.95 14.99
N LEU B 288 27.83 10.41 13.75
CA LEU B 288 28.57 9.78 12.69
C LEU B 288 29.68 10.74 12.32
N ASN B 289 30.91 10.35 12.62
CA ASN B 289 32.04 11.19 12.29
C ASN B 289 32.56 10.85 10.90
N ASN B 290 32.53 11.86 10.04
CA ASN B 290 33.04 11.75 8.67
C ASN B 290 34.54 11.52 8.73
N LEU B 291 34.94 10.28 8.49
CA LEU B 291 36.34 9.98 8.54
C LEU B 291 36.92 9.60 7.18
N ASP B 292 36.80 10.58 6.30
CA ASP B 292 37.77 10.83 5.26
C ASP B 292 38.23 12.23 5.56
N GLU B 293 39.34 12.34 6.29
CA GLU B 293 39.67 13.62 6.92
C GLU B 293 39.92 14.72 5.90
N GLU B 294 39.92 14.36 4.63
CA GLU B 294 40.06 15.31 3.53
C GLU B 294 38.71 15.80 2.91
N SER B 295 37.63 15.76 3.70
CA SER B 295 36.40 16.50 3.39
C SER B 295 36.16 17.37 4.61
N ASN B 296 35.79 18.63 4.37
CA ASN B 296 35.62 19.59 5.47
C ASN B 296 34.23 19.54 6.13
N LYS B 297 33.43 18.55 5.75
CA LYS B 297 32.11 18.33 6.35
C LYS B 297 32.17 17.21 7.37
N LYS B 298 32.19 17.59 8.64
CA LYS B 298 32.52 16.70 9.77
C LYS B 298 31.53 15.53 10.06
N HIS B 299 30.26 15.74 9.75
CA HIS B 299 29.19 14.75 9.96
C HIS B 299 28.21 14.90 8.78
N PRO B 300 27.31 13.93 8.57
CA PRO B 300 26.41 14.18 7.44
C PRO B 300 25.32 15.18 7.80
N PHE B 301 24.99 15.27 9.10
CA PHE B 301 23.90 16.12 9.55
C PHE B 301 24.11 16.40 11.02
N PRO B 302 23.48 17.46 11.57
CA PRO B 302 23.71 17.98 12.92
C PRO B 302 23.95 16.94 14.03
N CYS B 303 25.18 16.94 14.55
CA CYS B 303 25.64 15.99 15.57
C CYS B 303 26.21 16.72 16.77
N PRO B 304 26.09 16.09 17.96
CA PRO B 304 25.45 14.80 18.21
C PRO B 304 23.94 14.87 18.20
N THR B 305 23.29 13.82 17.70
CA THR B 305 21.86 13.68 17.88
C THR B 305 21.36 12.24 17.70
N THR B 306 20.07 12.05 18.00
CA THR B 306 19.44 10.73 17.99
C THR B 306 19.20 10.29 16.56
N TYR B 307 18.95 8.98 16.38
CA TYR B 307 18.46 8.45 15.11
C TYR B 307 17.07 8.97 14.81
N ARG B 308 16.23 9.07 15.85
CA ARG B 308 14.86 9.59 15.71
C ARG B 308 14.92 11.03 15.16
N THR B 309 15.82 11.82 15.74
CA THR B 309 15.92 13.22 15.34
C THR B 309 16.38 13.31 13.90
N ALA B 310 17.31 12.45 13.48
CA ALA B 310 17.80 12.52 12.12
C ALA B 310 16.66 12.16 11.15
N LEU B 311 16.00 11.06 11.49
CA LEU B 311 14.98 10.47 10.63
C LEU B 311 13.82 11.42 10.44
N THR B 312 13.44 12.12 11.51
CA THR B 312 12.32 13.04 11.48
C THR B 312 12.71 14.38 10.84
N TYR B 313 13.90 14.90 11.16
CA TYR B 313 14.30 16.30 10.82
C TYR B 313 15.39 16.55 9.78
N TYR B 314 16.25 15.55 9.53
CA TYR B 314 17.47 15.74 8.72
C TYR B 314 17.58 14.97 7.39
N LEU B 315 16.93 13.80 7.34
CA LEU B 315 17.06 12.83 6.22
C LEU B 315 15.82 12.58 5.33
N ASP B 316 16.04 12.27 4.06
CA ASP B 316 14.93 12.12 3.13
C ASP B 316 14.54 10.67 3.08
N ILE B 317 13.34 10.37 3.53
CA ILE B 317 12.94 8.96 3.66
C ILE B 317 11.81 8.57 2.71
N THR B 318 11.40 9.54 1.91
CA THR B 318 10.16 9.49 1.16
C THR B 318 10.42 9.33 -0.31
N ASN B 319 11.28 10.19 -0.84
CA ASN B 319 11.70 10.11 -2.23
C ASN B 319 12.54 8.85 -2.43
N PRO B 320 12.26 8.10 -3.51
CA PRO B 320 12.88 6.81 -3.71
C PRO B 320 14.41 6.87 -3.59
N PRO B 321 15.02 5.74 -3.22
CA PRO B 321 16.47 5.55 -3.04
C PRO B 321 17.24 5.59 -4.33
N ARG B 322 18.54 5.84 -4.20
CA ARG B 322 19.48 5.93 -5.31
C ARG B 322 20.10 4.57 -5.67
N THR B 323 20.95 4.54 -6.69
CA THR B 323 21.58 3.30 -7.13
C THR B 323 22.61 2.84 -6.09
N ASN B 324 23.42 3.79 -5.63
CA ASN B 324 24.51 3.46 -4.74
C ASN B 324 23.96 2.97 -3.42
N VAL B 325 22.88 3.54 -2.91
CA VAL B 325 22.37 3.02 -1.64
C VAL B 325 21.78 1.64 -1.83
N LEU B 326 21.20 1.34 -3.00
CA LEU B 326 20.76 -0.03 -3.23
C LEU B 326 21.90 -1.00 -3.23
N TYR B 327 23.05 -0.60 -3.76
CA TYR B 327 24.26 -1.40 -3.78
C TYR B 327 24.72 -1.63 -2.33
N GLU B 328 24.79 -0.54 -1.57
CA GLU B 328 25.38 -0.65 -0.26
C GLU B 328 24.52 -1.49 0.67
N LEU B 329 23.20 -1.37 0.53
CA LEU B 329 22.28 -2.18 1.32
C LEU B 329 22.26 -3.67 0.92
N ALA B 330 22.66 -4.00 -0.31
CA ALA B 330 22.63 -5.39 -0.80
C ALA B 330 23.39 -6.36 0.09
N GLN B 331 24.50 -5.85 0.66
CA GLN B 331 25.34 -6.58 1.61
C GLN B 331 24.62 -6.97 2.92
N TYR B 332 23.54 -6.32 3.30
CA TYR B 332 22.83 -6.69 4.53
C TYR B 332 21.59 -7.60 4.31
N ALA B 333 21.57 -8.26 3.17
CA ALA B 333 20.57 -9.28 2.89
C ALA B 333 21.18 -10.61 3.30
N SER B 334 20.42 -11.40 4.04
CA SER B 334 20.83 -12.79 4.24
C SER B 334 20.60 -13.63 2.95
N GLU B 335 19.42 -13.50 2.36
CA GLU B 335 19.00 -14.37 1.27
C GLU B 335 19.67 -14.07 -0.08
N PRO B 336 20.06 -15.11 -0.83
CA PRO B 336 20.70 -15.01 -2.14
C PRO B 336 19.77 -14.31 -3.13
N SER B 337 18.53 -14.78 -3.15
CA SER B 337 17.51 -14.26 -4.03
C SER B 337 17.25 -12.80 -3.76
N GLU B 338 17.25 -12.41 -2.49
CA GLU B 338 17.04 -11.03 -2.06
C GLU B 338 18.24 -10.17 -2.42
N GLN B 339 19.43 -10.73 -2.21
CA GLN B 339 20.70 -10.05 -2.51
C GLN B 339 20.75 -9.68 -3.98
N GLU B 340 20.38 -10.64 -4.82
CA GLU B 340 20.44 -10.48 -6.27
C GLU B 340 19.82 -9.23 -6.82
N HIS B 341 18.55 -9.01 -6.48
CA HIS B 341 17.76 -7.91 -7.05
C HIS B 341 18.41 -6.59 -6.78
N LEU B 342 18.81 -6.43 -5.51
CA LEU B 342 19.43 -5.19 -5.03
C LEU B 342 20.71 -4.94 -5.80
N HIS B 343 21.50 -6.01 -6.00
CA HIS B 343 22.75 -5.92 -6.73
C HIS B 343 22.54 -5.58 -8.18
N LYS B 344 21.44 -6.03 -8.76
CA LYS B 344 21.09 -5.75 -10.15
C LYS B 344 20.94 -4.26 -10.33
N MET B 345 20.07 -3.73 -9.50
CA MET B 345 19.61 -2.38 -9.70
C MET B 345 20.76 -1.38 -9.50
N ALA B 346 21.97 -1.88 -9.23
CA ALA B 346 23.16 -1.03 -9.12
C ALA B 346 24.06 -1.08 -10.36
N SER B 347 23.60 -1.81 -11.38
CA SER B 347 24.22 -1.76 -12.71
C SER B 347 23.76 -0.49 -13.36
N SER B 348 24.70 0.23 -13.94
CA SER B 348 24.42 1.52 -14.53
C SER B 348 23.87 1.33 -15.95
N SER B 349 23.71 0.06 -16.31
CA SER B 349 23.23 -0.32 -17.61
C SER B 349 22.77 -1.77 -17.60
N GLY B 350 22.24 -2.14 -18.75
CA GLY B 350 21.64 -3.43 -18.95
C GLY B 350 20.22 -3.38 -18.42
N GLU B 351 19.72 -4.59 -18.22
CA GLU B 351 18.46 -4.80 -17.58
C GLU B 351 18.42 -4.18 -16.19
N GLY B 352 19.58 -4.12 -15.53
CA GLY B 352 19.67 -3.72 -14.14
C GLY B 352 19.17 -2.31 -13.96
N LYS B 353 19.58 -1.43 -14.87
CA LYS B 353 19.13 -0.02 -14.80
C LYS B 353 17.64 0.07 -15.10
N GLU B 354 17.21 -0.67 -16.10
CA GLU B 354 15.84 -0.72 -16.57
C GLU B 354 14.89 -1.04 -15.42
N LEU B 355 15.27 -2.08 -14.68
CA LEU B 355 14.50 -2.57 -13.55
C LEU B 355 14.31 -1.47 -12.52
N TYR B 356 15.40 -0.76 -12.24
CA TYR B 356 15.47 0.22 -11.17
C TYR B 356 14.42 1.31 -11.39
N LEU B 357 14.37 1.81 -12.61
CA LEU B 357 13.42 2.87 -12.93
C LEU B 357 11.98 2.37 -12.79
N SER B 358 11.78 1.15 -13.27
CA SER B 358 10.47 0.50 -13.27
C SER B 358 9.92 0.37 -11.88
N TRP B 359 10.73 -0.15 -10.97
CA TRP B 359 10.24 -0.66 -9.68
C TRP B 359 10.66 0.18 -8.47
N VAL B 360 11.48 1.19 -8.71
CA VAL B 360 11.83 2.10 -7.63
C VAL B 360 11.26 3.47 -7.97
N VAL B 361 11.82 4.04 -9.03
CA VAL B 361 11.56 5.41 -9.39
C VAL B 361 10.12 5.64 -9.87
N GLU B 362 9.62 4.79 -10.77
CA GLU B 362 8.25 4.94 -11.30
C GLU B 362 7.24 4.75 -10.17
N ALA B 363 7.42 3.65 -9.46
CA ALA B 363 6.48 3.19 -8.42
C ALA B 363 6.45 4.05 -7.20
N ARG B 364 7.55 4.77 -6.99
CA ARG B 364 7.77 5.60 -5.82
C ARG B 364 7.82 4.76 -4.55
N ARG B 365 8.77 3.84 -4.58
CA ARG B 365 9.13 3.08 -3.40
C ARG B 365 10.08 3.93 -2.55
N HIS B 366 9.61 4.42 -1.39
CA HIS B 366 10.48 5.06 -0.39
C HIS B 366 11.30 4.00 0.33
N ILE B 367 12.18 4.43 1.20
CA ILE B 367 13.11 3.51 1.83
C ILE B 367 12.35 2.44 2.62
N LEU B 368 11.31 2.87 3.31
CA LEU B 368 10.49 1.99 4.13
C LEU B 368 9.87 0.90 3.27
N ALA B 369 9.37 1.31 2.11
CA ALA B 369 8.74 0.40 1.15
C ALA B 369 9.71 -0.69 0.75
N ILE B 370 10.96 -0.31 0.49
CA ILE B 370 12.02 -1.24 0.14
C ILE B 370 12.17 -2.33 1.20
N LEU B 371 12.23 -1.87 2.43
CA LEU B 371 12.38 -2.75 3.58
C LEU B 371 11.21 -3.72 3.67
N GLN B 372 10.01 -3.17 3.46
CA GLN B 372 8.77 -3.91 3.54
C GLN B 372 8.70 -4.95 2.44
N ASP B 373 9.29 -4.69 1.27
CA ASP B 373 9.19 -5.59 0.12
C ASP B 373 10.34 -6.59 0.07
N TYR B 374 11.40 -6.28 0.84
CA TYR B 374 12.58 -7.17 1.03
C TYR B 374 12.90 -7.51 2.51
N PRO B 375 12.40 -8.67 3.01
CA PRO B 375 12.59 -9.05 4.43
C PRO B 375 14.05 -9.14 4.92
N SER B 376 14.96 -9.61 4.06
CA SER B 376 16.39 -9.79 4.46
C SER B 376 17.12 -8.51 4.88
N LEU B 377 16.62 -7.37 4.43
CA LEU B 377 17.26 -6.12 4.74
C LEU B 377 17.15 -5.78 6.23
N ARG B 378 18.12 -6.23 7.03
CA ARG B 378 18.34 -5.63 8.35
C ARG B 378 19.74 -5.05 8.34
N PRO B 379 19.94 -3.93 7.61
CA PRO B 379 21.18 -3.21 7.70
C PRO B 379 21.27 -2.39 8.98
N PRO B 380 22.50 -2.08 9.41
CA PRO B 380 22.65 -1.34 10.65
C PRO B 380 22.20 0.09 10.41
N ILE B 381 21.47 0.63 11.38
CA ILE B 381 20.90 1.94 11.24
C ILE B 381 21.96 3.00 10.97
N ASP B 382 23.13 2.85 11.59
CA ASP B 382 24.19 3.80 11.44
C ASP B 382 24.66 3.84 9.97
N HIS B 383 24.76 2.68 9.36
CA HIS B 383 25.18 2.66 7.96
C HIS B 383 24.14 3.34 7.07
N LEU B 384 22.86 3.09 7.38
CA LEU B 384 21.72 3.55 6.63
C LEU B 384 21.74 5.05 6.48
N CYS B 385 21.94 5.71 7.61
CA CYS B 385 21.97 7.18 7.67
C CYS B 385 23.21 7.87 7.08
N GLU B 386 24.24 7.07 6.84
CA GLU B 386 25.39 7.46 6.06
C GLU B 386 24.97 7.55 4.58
N LEU B 387 24.12 6.64 4.15
CA LEU B 387 23.79 6.48 2.73
C LEU B 387 22.55 7.27 2.29
N LEU B 388 21.78 7.74 3.26
CA LEU B 388 20.55 8.48 2.95
C LEU B 388 20.80 9.94 2.53
N PRO B 389 20.15 10.37 1.44
CA PRO B 389 20.13 11.77 1.04
C PRO B 389 19.48 12.69 2.08
N ARG B 390 20.10 13.86 2.30
CA ARG B 390 19.62 14.90 3.21
C ARG B 390 18.26 15.48 2.82
N LEU B 391 17.44 15.82 3.83
CA LEU B 391 16.04 16.22 3.55
C LEU B 391 16.02 17.60 2.99
N GLN B 392 15.54 17.73 1.76
CA GLN B 392 15.55 19.04 1.12
C GLN B 392 14.44 19.92 1.65
N ALA B 393 14.71 21.23 1.80
CA ALA B 393 13.68 22.23 2.12
C ALA B 393 12.59 22.31 1.05
N ARG B 394 11.34 22.53 1.42
CA ARG B 394 10.31 22.73 0.42
C ARG B 394 10.01 24.24 0.30
N TYR B 395 9.87 24.75 -0.94
CA TYR B 395 9.54 26.19 -1.19
C TYR B 395 8.10 26.39 -1.59
N TYR B 396 7.50 27.53 -1.22
CA TYR B 396 6.12 27.86 -1.71
C TYR B 396 5.99 29.33 -2.18
N SER B 397 5.06 29.59 -3.11
CA SER B 397 5.04 30.95 -3.65
C SER B 397 4.08 31.75 -2.82
N ILE B 398 4.62 32.89 -2.33
CA ILE B 398 3.95 33.73 -1.34
C ILE B 398 2.71 34.44 -1.83
N ALA B 399 1.64 34.17 -1.10
CA ALA B 399 0.31 34.44 -1.59
C ALA B 399 -0.32 35.58 -0.82
N SER B 400 0.55 36.50 -0.38
CA SER B 400 0.09 37.67 0.33
C SER B 400 0.82 38.85 -0.23
N SER B 401 0.30 40.05 0.06
CA SER B 401 1.00 41.29 -0.24
C SER B 401 1.63 41.91 0.98
N SER B 402 2.95 42.08 0.96
CA SER B 402 3.65 42.68 2.09
C SER B 402 3.11 44.07 2.41
N LYS B 403 2.23 44.58 1.57
CA LYS B 403 1.69 45.89 1.86
C LYS B 403 0.32 45.89 2.41
N VAL B 404 -0.33 44.73 2.51
CA VAL B 404 -1.54 44.65 3.39
C VAL B 404 -1.33 43.67 4.51
N HIS B 405 -0.32 42.81 4.39
CA HIS B 405 -0.03 41.82 5.43
C HIS B 405 1.45 41.84 5.70
N PRO B 406 1.94 42.98 6.15
CA PRO B 406 3.39 43.13 6.37
C PRO B 406 3.95 42.16 7.40
N ASN B 407 3.09 41.69 8.31
CA ASN B 407 3.54 40.79 9.35
C ASN B 407 2.99 39.36 9.21
N SER B 408 2.57 39.03 8.00
CA SER B 408 2.05 37.69 7.73
C SER B 408 2.46 37.24 6.33
N VAL B 409 3.07 36.06 6.26
CA VAL B 409 3.31 35.38 4.99
C VAL B 409 2.14 34.43 4.78
N HIS B 410 1.56 34.42 3.60
CA HIS B 410 0.52 33.46 3.32
C HIS B 410 1.02 32.42 2.35
N ILE B 411 0.59 31.19 2.56
CA ILE B 411 0.88 30.08 1.65
C ILE B 411 -0.40 29.42 1.06
N CYS B 412 -0.40 29.31 -0.27
CA CYS B 412 -1.34 28.44 -0.95
C CYS B 412 -0.58 27.24 -1.46
N ALA B 413 -1.18 26.07 -1.26
CA ALA B 413 -0.69 24.76 -1.70
C ALA B 413 -1.75 23.66 -1.72
N VAL B 414 -1.49 22.62 -2.52
CA VAL B 414 -2.32 21.43 -2.44
C VAL B 414 -1.45 20.30 -1.85
N ALA B 415 -2.15 19.39 -1.15
CA ALA B 415 -1.56 18.34 -0.33
C ALA B 415 -1.37 17.05 -1.06
N VAL B 416 -0.12 16.57 -1.00
CA VAL B 416 0.35 15.44 -1.83
C VAL B 416 -0.12 14.07 -1.31
N GLU B 417 -0.91 13.35 -2.10
CA GLU B 417 -1.50 12.12 -1.59
C GLU B 417 -2.06 11.36 -2.76
N TYR B 418 -1.52 10.16 -2.96
CA TYR B 418 -1.84 9.34 -4.11
C TYR B 418 -1.46 7.88 -3.89
N GLU B 419 -2.24 7.00 -4.51
CA GLU B 419 -1.89 5.59 -4.54
C GLU B 419 -0.83 5.43 -5.62
N ALA B 420 0.40 5.13 -5.23
CA ALA B 420 1.45 4.90 -6.19
C ALA B 420 1.41 3.49 -6.77
N LYS B 421 2.40 3.19 -7.61
CA LYS B 421 2.41 1.92 -8.33
C LYS B 421 3.07 0.86 -7.43
N SER B 422 3.64 1.35 -6.31
CA SER B 422 4.18 0.50 -5.25
C SER B 422 3.11 -0.22 -4.40
N GLY B 423 1.82 -0.04 -4.74
CA GLY B 423 0.67 -0.49 -3.91
C GLY B 423 0.47 0.41 -2.70
N ARG B 424 1.58 1.05 -2.30
CA ARG B 424 1.63 2.01 -1.22
C ARG B 424 0.98 3.35 -1.53
N VAL B 425 0.02 3.69 -0.70
CA VAL B 425 -0.46 5.06 -0.56
C VAL B 425 0.72 5.93 -0.11
N ASN B 426 1.15 6.89 -0.90
CA ASN B 426 2.19 7.82 -0.41
C ASN B 426 1.61 9.14 0.10
N LYS B 427 2.41 9.83 0.91
CA LYS B 427 2.03 11.13 1.41
C LYS B 427 3.24 12.01 1.23
N GLY B 428 2.99 13.26 0.86
CA GLY B 428 3.99 14.33 0.72
C GLY B 428 4.42 14.85 2.08
N VAL B 429 5.74 14.98 2.23
CA VAL B 429 6.41 15.35 3.49
C VAL B 429 5.81 16.67 3.99
N ALA B 430 6.17 17.75 3.30
CA ALA B 430 5.91 19.09 3.73
C ALA B 430 4.41 19.32 3.77
N THR B 431 3.70 18.91 2.72
CA THR B 431 2.29 19.31 2.60
C THR B 431 1.48 18.70 3.72
N SER B 432 1.71 17.39 3.92
CA SER B 432 1.04 16.62 4.97
C SER B 432 1.32 17.24 6.33
N TRP B 433 2.59 17.58 6.55
CA TRP B 433 3.04 18.17 7.79
C TRP B 433 2.27 19.48 8.07
N LEU B 434 2.18 20.29 7.02
CA LEU B 434 1.49 21.58 7.08
C LEU B 434 0.04 21.38 7.45
N ARG B 435 -0.59 20.38 6.82
CA ARG B 435 -1.98 20.05 7.04
C ARG B 435 -2.27 19.81 8.50
N ALA B 436 -1.35 19.11 9.17
CA ALA B 436 -1.52 18.79 10.60
C ALA B 436 -1.41 19.96 11.58
N LYS B 437 -0.68 20.99 11.17
CA LYS B 437 -0.41 22.13 12.01
C LYS B 437 -1.68 22.96 12.21
N GLU B 438 -2.23 22.89 13.42
CA GLU B 438 -3.54 23.48 13.80
C GLU B 438 -3.47 24.98 14.27
N PRO B 439 -4.57 25.78 14.03
CA PRO B 439 -4.63 27.20 14.40
C PRO B 439 -3.87 27.57 15.68
N ARG B 446 -0.37 25.10 19.66
CA ARG B 446 0.97 25.59 19.33
C ARG B 446 1.61 24.81 18.20
N ALA B 447 1.55 25.40 17.01
CA ALA B 447 2.06 24.78 15.80
C ALA B 447 3.26 25.58 15.33
N LEU B 448 4.20 24.94 14.62
CA LEU B 448 5.36 25.68 14.16
C LEU B 448 5.85 25.36 12.76
N VAL B 449 6.31 26.40 12.06
CA VAL B 449 7.01 26.25 10.79
C VAL B 449 8.37 26.94 10.78
N PRO B 450 9.46 26.16 10.62
CA PRO B 450 10.82 26.73 10.57
C PRO B 450 11.21 27.15 9.14
N MET B 451 11.19 28.46 8.90
CA MET B 451 11.07 28.98 7.54
C MET B 451 11.83 30.28 7.30
N PHE B 452 12.15 30.55 6.04
CA PHE B 452 12.81 31.80 5.60
C PHE B 452 12.39 32.21 4.17
N VAL B 453 12.84 33.40 3.78
CA VAL B 453 12.31 34.00 2.58
C VAL B 453 13.47 34.17 1.62
N ARG B 454 13.28 33.67 0.40
CA ARG B 454 14.24 33.89 -0.71
C ARG B 454 13.64 34.78 -1.81
N LYS B 455 14.52 35.66 -2.33
CA LYS B 455 14.13 36.69 -3.27
C LYS B 455 13.82 36.05 -4.59
N SER B 456 12.65 36.39 -5.14
CA SER B 456 12.29 36.05 -6.52
C SER B 456 12.51 37.32 -7.33
N GLN B 457 12.37 37.25 -8.64
CA GLN B 457 12.41 38.43 -9.48
C GLN B 457 11.11 38.47 -10.25
N PHE B 458 10.19 37.63 -9.77
CA PHE B 458 8.79 37.74 -10.09
C PHE B 458 8.24 38.86 -9.22
N ARG B 459 7.96 40.00 -9.84
CA ARG B 459 7.47 41.19 -9.15
C ARG B 459 6.53 41.92 -10.03
N LEU B 460 5.62 42.64 -9.39
CA LEU B 460 4.73 43.49 -10.16
C LEU B 460 5.58 44.54 -10.91
N PRO B 461 4.91 45.34 -11.79
CA PRO B 461 5.63 46.41 -12.51
C PRO B 461 5.90 47.52 -11.54
N PHE B 462 6.76 48.45 -11.87
CA PHE B 462 6.79 49.69 -11.07
C PHE B 462 5.51 50.58 -11.18
N LYS B 463 5.26 51.20 -12.37
CA LYS B 463 4.16 52.12 -12.56
C LYS B 463 2.80 51.42 -12.42
N SER B 464 2.02 51.81 -11.43
CA SER B 464 0.61 51.39 -11.34
C SER B 464 -0.25 51.58 -12.62
N THR B 465 0.23 52.42 -13.55
CA THR B 465 -0.42 52.60 -14.87
C THR B 465 -0.40 51.30 -15.70
N THR B 466 0.75 50.60 -15.62
CA THR B 466 1.09 49.46 -16.47
C THR B 466 0.12 48.34 -16.17
N PRO B 467 -0.51 47.81 -17.22
CA PRO B 467 -1.43 46.73 -16.97
C PRO B 467 -0.67 45.44 -16.79
N VAL B 468 -1.39 44.47 -16.23
CA VAL B 468 -0.87 43.12 -16.03
C VAL B 468 -1.81 41.97 -16.43
N ILE B 469 -1.20 40.99 -17.10
CA ILE B 469 -1.86 39.75 -17.36
C ILE B 469 -1.24 38.63 -16.51
N MET B 470 -2.11 37.98 -15.73
CA MET B 470 -1.77 36.85 -14.86
C MET B 470 -2.41 35.53 -15.30
N VAL B 471 -1.54 34.58 -15.57
CA VAL B 471 -1.93 33.24 -15.95
C VAL B 471 -1.51 32.29 -14.81
N GLY B 472 -2.51 31.79 -14.09
CA GLY B 472 -2.26 30.95 -12.92
C GLY B 472 -3.29 29.87 -12.66
N PRO B 473 -3.13 28.72 -13.33
CA PRO B 473 -4.09 27.67 -13.12
C PRO B 473 -3.81 27.02 -11.76
N GLY B 474 -4.86 26.63 -11.01
CA GLY B 474 -4.73 25.79 -9.79
C GLY B 474 -3.98 26.54 -8.71
N THR B 475 -3.09 25.87 -7.98
CA THR B 475 -2.24 26.61 -7.04
C THR B 475 -1.25 27.57 -7.67
N GLY B 476 -1.16 27.60 -8.99
CA GLY B 476 -0.30 28.55 -9.66
C GLY B 476 -0.86 29.93 -9.38
N ILE B 477 -2.04 29.96 -8.74
CA ILE B 477 -2.72 31.21 -8.39
C ILE B 477 -2.03 31.90 -7.24
N ALA B 478 -1.09 31.20 -6.61
CA ALA B 478 -0.51 31.67 -5.37
C ALA B 478 -0.01 33.09 -5.46
N PRO B 479 1.10 33.32 -6.21
CA PRO B 479 1.78 34.58 -6.03
C PRO B 479 0.71 35.63 -6.36
N PHE B 480 -0.25 35.20 -7.18
CA PHE B 480 -1.21 36.09 -7.81
C PHE B 480 -2.26 36.60 -6.88
N MET B 481 -2.59 35.87 -5.83
CA MET B 481 -3.44 36.45 -4.78
C MET B 481 -2.74 37.62 -4.11
N GLY B 482 -1.43 37.46 -3.90
CA GLY B 482 -0.56 38.52 -3.38
C GLY B 482 -0.63 39.71 -4.29
N PHE B 483 -0.49 39.42 -5.59
CA PHE B 483 -0.52 40.49 -6.62
C PHE B 483 -1.82 41.25 -6.56
N ILE B 484 -2.91 40.50 -6.45
CA ILE B 484 -4.22 41.15 -6.45
C ILE B 484 -4.39 42.00 -5.22
N GLN B 485 -3.88 41.54 -4.08
CA GLN B 485 -3.93 42.30 -2.84
C GLN B 485 -3.17 43.62 -3.03
N GLU B 486 -1.97 43.50 -3.61
CA GLU B 486 -1.09 44.67 -3.72
C GLU B 486 -1.71 45.69 -4.63
N ARG B 487 -2.26 45.21 -5.73
CA ARG B 487 -2.92 46.06 -6.74
C ARG B 487 -4.09 46.78 -6.09
N ALA B 488 -4.87 46.04 -5.30
CA ALA B 488 -6.03 46.59 -4.62
C ALA B 488 -5.60 47.72 -3.70
N TRP B 489 -4.53 47.46 -2.96
CA TRP B 489 -3.96 48.39 -2.00
C TRP B 489 -3.54 49.67 -2.73
N LEU B 490 -2.90 49.51 -3.88
CA LEU B 490 -2.53 50.63 -4.70
C LEU B 490 -3.75 51.45 -5.11
N ARG B 491 -4.91 50.80 -5.28
CA ARG B 491 -6.16 51.48 -5.60
C ARG B 491 -6.60 52.38 -4.48
N GLU B 492 -6.53 51.82 -3.26
CA GLU B 492 -6.93 52.52 -2.04
C GLU B 492 -6.14 53.81 -1.88
N GLN B 493 -4.82 53.70 -2.04
CA GLN B 493 -3.91 54.86 -2.05
C GLN B 493 -4.11 55.76 -3.27
N GLY B 494 -5.13 55.43 -4.07
CA GLY B 494 -5.66 56.33 -5.10
C GLY B 494 -4.89 56.38 -6.38
N LYS B 495 -3.62 55.94 -6.36
CA LYS B 495 -2.77 55.99 -7.55
C LYS B 495 -3.54 55.32 -8.69
N GLU B 496 -3.36 55.85 -9.90
CA GLU B 496 -4.13 55.38 -11.02
C GLU B 496 -3.71 53.93 -11.31
N VAL B 497 -4.58 52.95 -11.05
CA VAL B 497 -4.24 51.56 -11.35
C VAL B 497 -4.75 51.04 -12.69
N GLY B 498 -3.81 50.76 -13.60
CA GLY B 498 -4.10 50.25 -14.95
C GLY B 498 -4.61 48.82 -14.90
N GLU B 499 -4.97 48.29 -16.06
CA GLU B 499 -5.73 47.03 -16.12
C GLU B 499 -5.07 45.85 -15.38
N THR B 500 -5.88 45.09 -14.65
CA THR B 500 -5.42 43.92 -13.91
C THR B 500 -6.24 42.67 -14.32
N LEU B 501 -5.57 41.72 -14.96
CA LEU B 501 -6.23 40.57 -15.58
C LEU B 501 -5.84 39.20 -14.98
N LEU B 502 -6.86 38.45 -14.55
CA LEU B 502 -6.63 37.10 -14.08
C LEU B 502 -7.20 36.00 -14.95
N TYR B 503 -6.29 35.17 -15.42
CA TYR B 503 -6.63 33.98 -16.11
C TYR B 503 -6.33 32.79 -15.21
N TYR B 504 -7.40 32.29 -14.56
CA TYR B 504 -7.35 31.21 -13.57
C TYR B 504 -8.06 30.01 -14.11
N GLY B 505 -7.49 28.84 -13.78
CA GLY B 505 -8.01 27.53 -14.20
C GLY B 505 -8.14 26.50 -13.08
N CYS B 506 -9.21 25.72 -13.13
CA CYS B 506 -9.45 24.71 -12.13
C CYS B 506 -10.35 23.63 -12.71
N ARG B 507 -10.82 22.75 -11.83
CA ARG B 507 -11.52 21.56 -12.27
C ARG B 507 -13.00 21.78 -12.49
N ARG B 508 -13.71 22.13 -11.42
CA ARG B 508 -15.14 22.49 -11.52
C ARG B 508 -15.48 23.67 -10.61
N SER B 509 -16.43 24.45 -11.10
CA SER B 509 -17.03 25.56 -10.39
C SER B 509 -17.20 25.35 -8.89
N ASP B 510 -17.66 24.15 -8.51
CA ASP B 510 -18.01 23.86 -7.12
C ASP B 510 -17.05 22.90 -6.46
N GLU B 511 -15.86 22.78 -7.03
CA GLU B 511 -14.91 21.76 -6.60
C GLU B 511 -13.63 22.34 -6.03
N ASP B 512 -12.75 22.82 -6.90
CA ASP B 512 -11.52 23.38 -6.41
C ASP B 512 -11.26 24.76 -6.95
N TYR B 513 -12.33 25.57 -6.88
CA TYR B 513 -12.28 26.94 -7.33
C TYR B 513 -11.65 27.71 -6.20
N LEU B 514 -10.31 27.69 -6.12
CA LEU B 514 -9.58 28.30 -5.00
C LEU B 514 -9.95 29.77 -4.82
N TYR B 515 -10.12 30.19 -3.57
CA TYR B 515 -10.40 31.62 -3.31
C TYR B 515 -11.63 32.20 -3.98
N ARG B 516 -12.68 31.41 -4.16
CA ARG B 516 -13.83 31.86 -4.93
C ARG B 516 -14.33 33.23 -4.45
N GLU B 517 -14.73 33.26 -3.17
CA GLU B 517 -15.42 34.41 -2.61
C GLU B 517 -14.54 35.63 -2.67
N GLU B 518 -13.27 35.44 -2.30
CA GLU B 518 -12.30 36.54 -2.27
C GLU B 518 -12.15 37.12 -3.69
N LEU B 519 -12.04 36.23 -4.67
CA LEU B 519 -11.87 36.71 -6.03
C LEU B 519 -13.10 37.44 -6.52
N ALA B 520 -14.27 36.94 -6.14
CA ALA B 520 -15.54 37.59 -6.47
C ALA B 520 -15.58 38.98 -5.92
N ARG B 521 -15.13 39.13 -4.66
CA ARG B 521 -14.98 40.41 -3.98
C ARG B 521 -14.06 41.34 -4.87
N PHE B 522 -12.95 40.75 -5.30
CA PHE B 522 -12.01 41.53 -6.03
C PHE B 522 -12.60 42.03 -7.36
N HIS B 523 -13.45 41.23 -7.99
CA HIS B 523 -13.95 41.61 -9.28
C HIS B 523 -14.88 42.79 -9.14
N LYS B 524 -15.79 42.71 -8.16
CA LYS B 524 -16.81 43.75 -8.04
C LYS B 524 -16.13 45.04 -7.63
N ASP B 525 -15.04 44.91 -6.89
CA ASP B 525 -14.35 46.07 -6.36
C ASP B 525 -13.58 46.91 -7.38
N GLY B 526 -13.55 46.44 -8.63
CA GLY B 526 -12.75 47.11 -9.65
C GLY B 526 -11.27 46.80 -9.49
N ALA B 527 -10.91 46.09 -8.44
CA ALA B 527 -9.50 45.70 -8.21
C ALA B 527 -9.03 44.66 -9.20
N LEU B 528 -9.92 43.73 -9.51
CA LEU B 528 -9.64 42.73 -10.50
C LEU B 528 -10.44 43.05 -11.77
N THR B 529 -9.72 43.39 -12.85
CA THR B 529 -10.33 43.87 -14.10
C THR B 529 -11.10 42.80 -14.88
N GLN B 530 -10.41 41.71 -15.21
CA GLN B 530 -11.15 40.58 -15.74
C GLN B 530 -10.94 39.35 -14.88
N LEU B 531 -12.06 38.68 -14.59
CA LEU B 531 -11.99 37.38 -13.93
C LEU B 531 -12.31 36.27 -14.90
N ASN B 532 -11.23 35.69 -15.44
CA ASN B 532 -11.30 34.61 -16.40
C ASN B 532 -11.04 33.20 -15.81
N VAL B 533 -12.10 32.38 -15.73
CA VAL B 533 -12.03 31.09 -15.07
C VAL B 533 -12.22 29.89 -16.00
N ALA B 534 -11.15 29.10 -16.12
CA ALA B 534 -11.09 27.94 -17.02
C ALA B 534 -11.60 26.69 -16.32
N PHE B 535 -12.89 26.44 -16.47
CA PHE B 535 -13.53 25.28 -15.90
C PHE B 535 -13.25 24.01 -16.70
N SER B 536 -12.21 23.26 -16.33
CA SER B 536 -11.68 22.22 -17.24
C SER B 536 -12.49 20.92 -17.31
N ARG B 537 -13.54 20.85 -16.53
CA ARG B 537 -14.33 19.65 -16.53
C ARG B 537 -15.82 19.96 -16.46
N GLU B 538 -16.22 21.16 -16.83
CA GLU B 538 -17.63 21.49 -16.73
C GLU B 538 -18.35 21.13 -18.00
N GLN B 539 -17.55 20.76 -19.00
CA GLN B 539 -18.08 20.34 -20.28
C GLN B 539 -17.27 19.13 -20.75
N ALA B 540 -17.69 18.54 -21.86
CA ALA B 540 -17.05 17.37 -22.40
C ALA B 540 -15.54 17.55 -22.66
N HIS B 541 -15.19 18.61 -23.41
CA HIS B 541 -13.80 18.85 -23.82
C HIS B 541 -13.04 19.68 -22.82
N LYS B 542 -11.74 19.47 -22.72
CA LYS B 542 -11.00 20.16 -21.67
C LYS B 542 -10.73 21.58 -22.00
N VAL B 543 -10.94 22.44 -21.02
CA VAL B 543 -10.75 23.89 -21.18
C VAL B 543 -9.78 24.52 -20.18
N TYR B 544 -8.67 24.95 -20.70
CA TYR B 544 -7.57 25.26 -19.88
C TYR B 544 -7.45 26.74 -20.01
N VAL B 545 -6.65 27.36 -19.15
CA VAL B 545 -6.40 28.83 -19.15
C VAL B 545 -5.99 29.46 -20.47
N GLN B 546 -5.15 28.73 -21.23
CA GLN B 546 -4.68 29.25 -22.53
C GLN B 546 -5.84 29.49 -23.45
N HIS B 547 -6.80 28.57 -23.46
CA HIS B 547 -8.05 28.69 -24.22
C HIS B 547 -8.72 30.04 -24.02
N LEU B 548 -8.77 30.46 -22.78
CA LEU B 548 -9.29 31.78 -22.47
C LEU B 548 -8.44 32.86 -23.09
N LEU B 549 -7.13 32.67 -23.03
CA LEU B 549 -6.20 33.63 -23.64
C LEU B 549 -6.45 33.72 -25.14
N LYS B 550 -6.64 32.55 -25.76
CA LYS B 550 -6.87 32.49 -27.20
C LYS B 550 -8.16 33.22 -27.55
N ARG B 551 -9.19 33.03 -26.71
CA ARG B 551 -10.48 33.71 -26.88
C ARG B 551 -10.31 35.21 -26.86
N ASP B 552 -9.52 35.68 -25.90
CA ASP B 552 -9.39 37.11 -25.71
C ASP B 552 -8.30 37.74 -26.53
N ARG B 553 -7.68 36.91 -27.35
CA ARG B 553 -6.55 37.28 -28.19
C ARG B 553 -6.48 38.76 -28.52
N GLU B 554 -7.60 39.33 -28.98
CA GLU B 554 -7.57 40.65 -29.62
C GLU B 554 -7.21 41.69 -28.59
N HIS B 555 -8.00 41.66 -27.51
CA HIS B 555 -7.83 42.60 -26.38
C HIS B 555 -6.41 42.48 -25.83
N LEU B 556 -5.97 41.23 -25.66
CA LEU B 556 -4.67 40.92 -25.11
C LEU B 556 -3.57 41.50 -25.95
N TRP B 557 -3.73 41.47 -27.27
CA TRP B 557 -2.73 42.06 -28.16
C TRP B 557 -2.57 43.53 -27.90
N LYS B 558 -3.70 44.22 -27.69
CA LYS B 558 -3.73 45.63 -27.39
C LYS B 558 -2.89 45.91 -26.13
N LEU B 559 -3.14 45.10 -25.11
CA LEU B 559 -2.46 45.30 -23.82
C LEU B 559 -0.97 45.06 -24.00
N ILE B 560 -0.66 44.01 -24.76
CA ILE B 560 0.70 43.46 -24.79
C ILE B 560 1.48 44.45 -25.60
N HIS B 561 0.88 44.94 -26.67
CA HIS B 561 1.66 45.67 -27.64
C HIS B 561 1.57 47.18 -27.51
N GLU B 562 0.36 47.69 -27.35
CA GLU B 562 0.16 49.11 -27.29
C GLU B 562 0.18 49.54 -25.82
N GLY B 563 -0.50 48.77 -24.95
CA GLY B 563 -0.62 49.08 -23.54
C GLY B 563 0.70 48.91 -22.81
N GLY B 564 1.65 48.25 -23.47
CA GLY B 564 2.99 47.97 -22.93
C GLY B 564 2.92 47.08 -21.71
N ALA B 565 2.00 46.12 -21.74
CA ALA B 565 1.59 45.38 -20.56
C ALA B 565 2.63 44.39 -20.10
N HIS B 566 2.28 43.68 -19.02
CA HIS B 566 3.05 42.57 -18.50
C HIS B 566 2.42 41.21 -18.53
N ILE B 567 3.26 40.19 -18.70
CA ILE B 567 2.79 38.85 -18.55
C ILE B 567 3.47 38.11 -17.42
N TYR B 568 2.62 37.41 -16.66
CA TYR B 568 3.07 36.54 -15.61
C TYR B 568 2.47 35.15 -15.71
N VAL B 569 3.31 34.13 -15.76
CA VAL B 569 2.80 32.79 -15.73
C VAL B 569 3.38 32.04 -14.57
N CYS B 570 2.51 31.43 -13.78
CA CYS B 570 2.94 30.61 -12.67
C CYS B 570 2.17 29.33 -12.67
N GLY B 571 2.88 28.26 -12.35
CA GLY B 571 2.23 26.97 -12.23
C GLY B 571 3.00 25.81 -12.81
N ASP B 572 2.23 24.77 -13.14
CA ASP B 572 2.73 23.55 -13.76
C ASP B 572 3.59 23.85 -15.00
N ALA B 573 4.88 23.60 -14.92
CA ALA B 573 5.81 24.04 -15.98
C ALA B 573 5.91 23.08 -17.16
N ARG B 574 5.68 21.80 -16.91
CA ARG B 574 5.89 20.77 -17.92
C ARG B 574 4.97 20.98 -19.11
N ASN B 575 3.68 21.16 -18.83
CA ASN B 575 2.66 21.32 -19.86
C ASN B 575 2.13 22.75 -20.02
N MET B 576 1.42 23.20 -19.00
CA MET B 576 0.57 24.39 -19.10
C MET B 576 1.39 25.61 -19.44
N ALA B 577 2.55 25.73 -18.81
CA ALA B 577 3.42 26.88 -18.94
C ALA B 577 3.82 27.08 -20.39
N LYS B 578 4.16 25.99 -21.06
CA LYS B 578 4.57 26.05 -22.46
C LYS B 578 3.46 25.95 -23.46
N ASP B 579 2.28 25.49 -23.04
CA ASP B 579 1.03 25.66 -23.81
C ASP B 579 0.77 27.16 -23.96
N VAL B 580 0.76 27.81 -22.81
CA VAL B 580 0.47 29.26 -22.76
C VAL B 580 1.58 30.01 -23.50
N GLN B 581 2.82 29.62 -23.31
CA GLN B 581 3.89 30.35 -24.03
C GLN B 581 3.60 30.29 -25.54
N ASN B 582 3.23 29.11 -26.02
CA ASN B 582 2.88 28.99 -27.42
C ASN B 582 1.69 29.90 -27.77
N THR B 583 0.76 30.05 -26.82
CA THR B 583 -0.42 30.79 -27.12
C THR B 583 -0.08 32.29 -27.38
N PHE B 584 0.85 32.82 -26.61
CA PHE B 584 1.21 34.21 -26.86
C PHE B 584 1.92 34.37 -28.17
N TYR B 585 2.76 33.39 -28.55
CA TYR B 585 3.41 33.34 -29.85
C TYR B 585 2.29 33.50 -30.85
N ASP B 586 1.31 32.60 -30.79
CA ASP B 586 0.22 32.52 -31.74
C ASP B 586 -0.52 33.86 -31.87
N ILE B 587 -0.76 34.49 -30.73
CA ILE B 587 -1.42 35.77 -30.72
C ILE B 587 -0.58 36.81 -31.46
N VAL B 588 0.71 36.78 -31.19
CA VAL B 588 1.65 37.73 -31.81
C VAL B 588 1.68 37.53 -33.32
N ALA B 589 1.66 36.27 -33.74
CA ALA B 589 1.64 35.95 -35.17
C ALA B 589 0.50 36.69 -35.86
N GLU B 590 -0.63 36.77 -35.16
CA GLU B 590 -1.87 37.26 -35.71
C GLU B 590 -1.92 38.75 -35.75
N PHE B 591 -1.31 39.44 -34.79
CA PHE B 591 -1.85 40.78 -34.56
C PHE B 591 -1.14 42.04 -35.06
N GLY B 592 0.10 41.86 -35.51
CA GLY B 592 0.81 42.87 -36.33
C GLY B 592 1.36 41.76 -37.16
N PRO B 593 0.53 41.23 -38.06
CA PRO B 593 0.79 39.91 -38.61
C PRO B 593 2.28 39.56 -38.68
N MET B 594 2.68 38.46 -38.05
CA MET B 594 4.05 37.96 -38.16
C MET B 594 4.12 36.57 -38.74
N GLU B 595 5.29 36.23 -39.29
CA GLU B 595 5.70 34.85 -39.45
C GLU B 595 5.69 34.28 -38.06
N HIS B 596 5.22 33.04 -37.91
CA HIS B 596 5.27 32.45 -36.60
C HIS B 596 6.66 32.62 -35.99
N THR B 597 7.71 32.17 -36.65
CA THR B 597 9.04 32.29 -36.03
C THR B 597 9.62 33.72 -35.91
N GLN B 598 8.82 34.71 -36.30
CA GLN B 598 9.07 36.08 -35.86
C GLN B 598 8.41 36.36 -34.55
N ALA B 599 7.23 35.79 -34.32
CA ALA B 599 6.52 35.98 -33.07
C ALA B 599 7.26 35.34 -31.92
N VAL B 600 7.98 34.25 -32.14
CA VAL B 600 8.82 33.72 -31.06
C VAL B 600 9.90 34.70 -30.71
N ASP B 601 10.46 35.39 -31.70
CA ASP B 601 11.43 36.42 -31.39
C ASP B 601 10.82 37.55 -30.60
N TYR B 602 9.57 37.91 -30.93
CA TYR B 602 8.82 38.93 -30.16
C TYR B 602 8.71 38.52 -28.72
N VAL B 603 8.36 37.28 -28.50
CA VAL B 603 8.10 36.97 -27.13
C VAL B 603 9.40 36.79 -26.36
N LYS B 604 10.42 36.18 -26.95
CA LYS B 604 11.76 36.13 -26.34
C LYS B 604 12.29 37.50 -26.09
N LYS B 605 12.03 38.44 -27.00
CA LYS B 605 12.40 39.82 -26.76
C LYS B 605 11.66 40.37 -25.50
N LEU B 606 10.39 39.99 -25.36
CA LEU B 606 9.57 40.40 -24.23
C LEU B 606 10.16 39.89 -22.94
N MET B 607 10.67 38.65 -22.93
CA MET B 607 11.25 38.17 -21.67
C MET B 607 12.48 38.98 -21.30
N THR B 608 13.28 39.29 -22.31
CA THR B 608 14.53 40.02 -22.13
C THR B 608 14.25 41.40 -21.56
N LYS B 609 13.25 42.05 -22.14
CA LYS B 609 12.87 43.41 -21.74
C LYS B 609 12.16 43.27 -20.38
N GLY B 610 12.16 42.06 -19.82
CA GLY B 610 11.51 41.78 -18.55
C GLY B 610 10.01 41.83 -18.48
N ARG B 611 9.33 41.55 -19.59
CA ARG B 611 7.87 41.78 -19.66
C ARG B 611 7.02 40.50 -19.63
N TYR B 612 7.65 39.38 -19.98
CA TYR B 612 7.07 38.05 -19.77
C TYR B 612 7.89 37.32 -18.68
N SER B 613 7.27 37.17 -17.51
CA SER B 613 7.94 36.57 -16.36
C SER B 613 7.15 35.38 -15.81
N LEU B 614 7.87 34.31 -15.48
CA LEU B 614 7.23 33.09 -14.97
C LEU B 614 7.83 32.52 -13.67
N ASP B 615 7.02 31.71 -13.00
CA ASP B 615 7.33 31.17 -11.70
C ASP B 615 6.78 29.76 -11.67
N VAL B 616 7.66 28.82 -11.95
CA VAL B 616 7.18 27.48 -12.20
C VAL B 616 7.95 26.42 -11.45
N TRP B 617 7.31 25.25 -11.40
CA TRP B 617 7.77 24.10 -10.68
C TRP B 617 7.06 22.87 -11.31
N SER B 618 6.75 21.83 -10.53
CA SER B 618 5.98 20.66 -11.04
C SER B 618 4.80 20.15 -10.11
N SER C 10 -32.20 -38.71 35.21
CA SER C 10 -32.06 -37.30 35.74
C SER C 10 -33.42 -36.57 35.74
N GLN C 11 -33.37 -35.24 35.88
CA GLN C 11 -34.56 -34.40 36.04
C GLN C 11 -35.17 -34.02 34.65
N ASP C 12 -34.30 -33.58 33.75
CA ASP C 12 -34.72 -33.09 32.46
C ASP C 12 -35.01 -34.24 31.52
N LEU C 13 -36.05 -34.08 30.71
CA LEU C 13 -36.58 -35.13 29.87
C LEU C 13 -35.48 -35.76 29.00
N SER C 14 -34.70 -34.87 28.41
CA SER C 14 -33.65 -35.22 27.46
C SER C 14 -32.63 -36.10 28.13
N GLU C 15 -32.17 -35.66 29.31
CA GLU C 15 -31.17 -36.39 30.09
C GLU C 15 -31.72 -37.79 30.42
N ALA C 16 -32.98 -37.79 30.85
CA ALA C 16 -33.65 -38.99 31.32
C ALA C 16 -33.68 -40.05 30.22
N LEU C 17 -34.07 -39.59 29.02
CA LEU C 17 -34.38 -40.52 27.94
C LEU C 17 -33.15 -41.28 27.54
N LYS C 18 -32.00 -40.58 27.47
CA LYS C 18 -30.74 -41.23 27.07
C LYS C 18 -30.40 -42.34 28.05
N GLU C 19 -30.56 -42.05 29.33
CA GLU C 19 -30.27 -43.05 30.35
C GLU C 19 -31.19 -44.24 30.24
N ALA C 20 -32.46 -43.95 29.98
CA ALA C 20 -33.52 -44.97 29.95
C ALA C 20 -33.45 -45.88 28.72
N THR C 21 -32.87 -45.34 27.65
CA THR C 21 -32.68 -46.07 26.39
C THR C 21 -31.22 -46.39 26.15
N LYS C 22 -30.36 -46.18 27.14
CA LYS C 22 -28.96 -46.49 26.91
C LYS C 22 -28.79 -47.96 26.58
N GLU C 23 -29.53 -48.82 27.29
CA GLU C 23 -29.38 -50.26 27.15
C GLU C 23 -29.83 -50.66 25.75
N VAL C 24 -31.05 -50.23 25.42
CA VAL C 24 -31.74 -50.65 24.20
C VAL C 24 -30.92 -50.27 22.97
N HIS C 25 -30.32 -49.08 23.01
CA HIS C 25 -29.54 -48.55 21.90
C HIS C 25 -28.41 -49.52 21.55
N ILE C 26 -27.71 -49.98 22.60
CA ILE C 26 -26.56 -50.85 22.40
C ILE C 26 -27.02 -52.15 21.72
N ARG C 27 -28.20 -52.67 22.06
CA ARG C 27 -28.65 -53.88 21.43
C ARG C 27 -29.14 -53.65 20.02
N ALA C 28 -29.77 -52.49 19.78
CA ALA C 28 -30.22 -52.14 18.44
C ALA C 28 -29.04 -52.05 17.49
N GLU C 29 -27.95 -51.44 17.96
CA GLU C 29 -26.77 -51.21 17.13
C GLU C 29 -25.89 -52.44 16.93
N ASN C 30 -26.05 -53.46 17.75
CA ASN C 30 -25.28 -54.70 17.59
C ASN C 30 -26.05 -55.85 16.94
N SER C 31 -27.31 -55.60 16.57
CA SER C 31 -28.11 -56.57 15.78
C SER C 31 -27.36 -56.85 14.48
N GLU C 32 -27.61 -58.00 13.86
CA GLU C 32 -26.73 -58.46 12.81
C GLU C 32 -26.73 -57.49 11.62
N PHE C 33 -27.93 -56.99 11.30
CA PHE C 33 -28.13 -56.12 10.15
C PHE C 33 -27.25 -54.87 10.29
N MET C 34 -27.30 -54.30 11.49
CA MET C 34 -26.66 -53.04 11.75
C MET C 34 -25.17 -53.22 11.68
N ARG C 35 -24.66 -54.26 12.34
CA ARG C 35 -23.20 -54.47 12.43
C ARG C 35 -22.63 -54.67 11.03
N ASN C 36 -23.33 -55.49 10.25
CA ASN C 36 -22.91 -55.78 8.87
C ASN C 36 -22.90 -54.50 8.04
N PHE C 37 -23.94 -53.70 8.23
CA PHE C 37 -24.09 -52.41 7.55
C PHE C 37 -22.89 -51.52 7.84
N GLN C 38 -22.53 -51.47 9.12
CA GLN C 38 -21.39 -50.69 9.60
C GLN C 38 -20.05 -51.12 8.99
N LYS C 39 -19.90 -52.35 8.49
CA LYS C 39 -18.65 -52.75 7.80
C LYS C 39 -18.81 -52.63 6.28
N GLY C 40 -19.98 -52.14 5.86
CA GLY C 40 -20.29 -51.89 4.45
C GLY C 40 -20.93 -53.05 3.70
N GLN C 41 -21.69 -53.87 4.41
CA GLN C 41 -22.23 -55.08 3.81
C GLN C 41 -23.74 -55.10 3.70
N VAL C 42 -24.25 -54.28 2.79
CA VAL C 42 -25.66 -54.33 2.46
C VAL C 42 -25.84 -54.62 0.98
N SER C 43 -26.90 -55.36 0.66
CA SER C 43 -27.26 -55.60 -0.72
C SER C 43 -28.26 -54.53 -1.16
N ARG C 44 -28.31 -54.28 -2.47
CA ARG C 44 -29.28 -53.33 -3.05
C ARG C 44 -30.69 -53.70 -2.60
N GLU C 45 -31.00 -54.99 -2.62
CA GLU C 45 -32.31 -55.43 -2.14
C GLU C 45 -32.46 -55.13 -0.66
N GLY C 46 -31.38 -55.38 0.09
CA GLY C 46 -31.37 -55.22 1.54
C GLY C 46 -31.68 -53.77 1.89
N PHE C 47 -30.98 -52.88 1.21
CA PHE C 47 -31.15 -51.43 1.43
C PHE C 47 -32.58 -51.03 1.04
N LYS C 48 -33.01 -51.55 -0.10
CA LYS C 48 -34.28 -51.23 -0.72
C LYS C 48 -35.43 -51.51 0.22
N LEU C 49 -35.37 -52.69 0.85
CA LEU C 49 -36.39 -53.13 1.79
C LEU C 49 -36.57 -52.13 2.93
N VAL C 50 -35.45 -51.84 3.59
CA VAL C 50 -35.47 -51.07 4.84
C VAL C 50 -36.06 -49.69 4.59
N MET C 51 -35.62 -49.07 3.49
CA MET C 51 -36.07 -47.74 3.09
C MET C 51 -37.59 -47.73 2.92
N ALA C 52 -38.08 -48.75 2.23
CA ALA C 52 -39.50 -48.92 1.97
C ALA C 52 -40.29 -48.97 3.27
N SER C 53 -39.77 -49.78 4.20
CA SER C 53 -40.38 -49.95 5.52
C SER C 53 -40.45 -48.60 6.25
N LEU C 54 -39.34 -47.90 6.18
CA LEU C 54 -39.16 -46.60 6.84
C LEU C 54 -40.13 -45.60 6.29
N TYR C 55 -40.43 -45.66 4.98
CA TYR C 55 -41.34 -44.73 4.34
C TYR C 55 -42.70 -44.76 5.04
N HIS C 56 -43.19 -45.99 5.27
CA HIS C 56 -44.49 -46.16 5.92
C HIS C 56 -44.50 -45.54 7.30
N ILE C 57 -43.41 -45.81 8.02
CA ILE C 57 -43.22 -45.37 9.39
C ILE C 57 -43.32 -43.86 9.45
N TYR C 58 -42.55 -43.25 8.57
CA TYR C 58 -42.50 -41.79 8.62
C TYR C 58 -43.82 -41.20 8.17
N THR C 59 -44.51 -41.84 7.22
CA THR C 59 -45.83 -41.39 6.80
C THR C 59 -46.79 -41.41 7.97
N ALA C 60 -46.73 -42.48 8.77
CA ALA C 60 -47.62 -42.59 9.90
C ALA C 60 -47.28 -41.51 10.94
N LEU C 61 -45.97 -41.45 11.21
CA LEU C 61 -45.41 -40.61 12.26
C LEU C 61 -45.74 -39.15 11.96
N GLU C 62 -45.46 -38.77 10.72
CA GLU C 62 -45.68 -37.39 10.28
C GLU C 62 -47.14 -37.03 10.09
N GLU C 63 -47.98 -38.03 9.87
CA GLU C 63 -49.44 -37.82 9.88
C GLU C 63 -49.86 -37.44 11.30
N GLU C 64 -49.38 -38.25 12.25
CA GLU C 64 -49.73 -38.06 13.66
C GLU C 64 -49.25 -36.69 14.14
N ILE C 65 -48.04 -36.33 13.74
CA ILE C 65 -47.42 -35.06 14.07
C ILE C 65 -48.28 -33.92 13.58
N GLU C 66 -48.72 -34.05 12.33
CA GLU C 66 -49.57 -33.05 11.68
C GLU C 66 -50.86 -32.86 12.48
N ARG C 67 -51.44 -33.99 12.86
CA ARG C 67 -52.67 -34.01 13.66
C ARG C 67 -52.47 -33.24 14.99
N ASN C 68 -51.36 -33.56 15.68
CA ASN C 68 -51.02 -33.05 17.04
C ASN C 68 -49.93 -31.95 17.07
N LYS C 69 -49.82 -31.20 15.97
CA LYS C 69 -48.79 -30.16 15.88
C LYS C 69 -49.10 -28.98 16.81
N GLN C 70 -50.35 -28.91 17.28
CA GLN C 70 -50.78 -27.81 18.12
C GLN C 70 -51.01 -28.17 19.59
N ASN C 71 -51.03 -29.47 19.92
CA ASN C 71 -51.12 -29.91 21.33
C ASN C 71 -49.77 -29.73 22.06
N PRO C 72 -49.77 -28.98 23.19
CA PRO C 72 -48.51 -28.60 23.87
C PRO C 72 -47.69 -29.77 24.47
N VAL C 73 -48.21 -30.99 24.32
CA VAL C 73 -47.47 -32.20 24.69
C VAL C 73 -46.47 -32.57 23.59
N TYR C 74 -46.62 -31.92 22.42
CA TYR C 74 -45.72 -32.05 21.24
C TYR C 74 -45.36 -30.77 20.42
N ALA C 75 -46.27 -29.81 20.30
CA ALA C 75 -46.02 -28.51 19.58
C ALA C 75 -44.58 -27.94 19.63
N PRO C 76 -43.94 -27.90 20.83
CA PRO C 76 -42.52 -27.52 20.91
C PRO C 76 -41.53 -28.43 20.21
N LEU C 77 -41.96 -29.58 19.70
CA LEU C 77 -41.07 -30.50 18.95
C LEU C 77 -41.40 -30.60 17.45
N TYR C 78 -42.27 -29.69 16.98
CA TYR C 78 -42.68 -29.63 15.58
C TYR C 78 -41.61 -28.94 14.77
N PHE C 79 -40.96 -29.70 13.90
CA PHE C 79 -39.92 -29.17 13.00
C PHE C 79 -40.14 -29.59 11.54
N PRO C 80 -41.22 -29.05 10.91
CA PRO C 80 -41.52 -29.48 9.55
C PRO C 80 -40.40 -29.11 8.60
N GLU C 81 -39.90 -27.88 8.71
CA GLU C 81 -38.88 -27.38 7.81
C GLU C 81 -37.60 -28.20 7.97
N GLU C 82 -37.18 -28.37 9.23
CA GLU C 82 -35.84 -28.85 9.52
C GLU C 82 -35.74 -30.36 9.50
N LEU C 83 -36.82 -31.06 9.82
CA LEU C 83 -36.73 -32.52 9.87
C LEU C 83 -37.58 -33.30 8.87
N HIS C 84 -38.90 -33.05 8.82
CA HIS C 84 -39.85 -33.88 8.04
C HIS C 84 -39.23 -34.73 6.92
N ARG C 85 -39.51 -36.03 6.93
CA ARG C 85 -38.84 -36.93 6.02
C ARG C 85 -39.68 -37.50 4.83
N ARG C 86 -40.96 -37.12 4.76
CA ARG C 86 -41.85 -37.84 3.84
C ARG C 86 -41.55 -37.60 2.38
N ALA C 87 -41.43 -36.33 2.00
CA ALA C 87 -41.11 -35.96 0.62
C ALA C 87 -39.77 -36.56 0.21
N ALA C 88 -38.79 -36.45 1.12
CA ALA C 88 -37.46 -36.98 0.86
C ALA C 88 -37.51 -38.48 0.63
N LEU C 89 -38.31 -39.18 1.44
CA LEU C 89 -38.50 -40.61 1.31
C LEU C 89 -39.16 -41.00 0.01
N GLU C 90 -40.13 -40.20 -0.40
CA GLU C 90 -40.82 -40.36 -1.68
C GLU C 90 -39.83 -40.28 -2.81
N GLN C 91 -38.88 -39.33 -2.72
CA GLN C 91 -37.86 -39.16 -3.75
C GLN C 91 -37.05 -40.45 -3.91
N ASP C 92 -36.67 -41.01 -2.76
CA ASP C 92 -35.87 -42.23 -2.69
C ASP C 92 -36.60 -43.49 -3.15
N MET C 93 -37.91 -43.49 -2.92
CA MET C 93 -38.79 -44.55 -3.42
C MET C 93 -38.82 -44.46 -4.94
N ALA C 94 -38.95 -43.24 -5.48
CA ALA C 94 -38.94 -43.04 -6.94
C ALA C 94 -37.61 -43.56 -7.53
N PHE C 95 -36.53 -43.20 -6.86
CA PHE C 95 -35.21 -43.63 -7.30
C PHE C 95 -35.08 -45.14 -7.18
N TRP C 96 -35.46 -45.73 -6.04
CA TRP C 96 -35.19 -47.15 -5.78
C TRP C 96 -36.20 -48.15 -6.33
N TYR C 97 -37.46 -47.75 -6.47
CA TYR C 97 -38.50 -48.65 -6.98
C TYR C 97 -39.07 -48.16 -8.30
N GLY C 98 -38.54 -47.05 -8.80
CA GLY C 98 -38.92 -46.52 -10.09
C GLY C 98 -40.23 -45.74 -10.00
N PRO C 99 -40.72 -45.25 -11.13
CA PRO C 99 -42.03 -44.55 -11.19
C PRO C 99 -43.24 -45.32 -10.60
N HIS C 100 -43.10 -46.62 -10.35
CA HIS C 100 -44.20 -47.41 -9.82
C HIS C 100 -44.12 -47.66 -8.30
N TRP C 101 -43.15 -47.03 -7.63
CA TRP C 101 -42.85 -47.28 -6.20
C TRP C 101 -44.09 -47.46 -5.32
N GLN C 102 -45.10 -46.62 -5.58
CA GLN C 102 -46.39 -46.59 -4.86
C GLN C 102 -46.79 -47.86 -4.09
N GLU C 103 -47.30 -48.86 -4.80
CA GLU C 103 -47.62 -50.14 -4.14
C GLU C 103 -46.59 -51.21 -4.53
N ALA C 104 -45.45 -50.77 -5.07
CA ALA C 104 -44.34 -51.66 -5.42
C ALA C 104 -43.50 -51.97 -4.20
N ILE C 105 -43.37 -50.97 -3.34
CA ILE C 105 -42.66 -51.13 -2.08
C ILE C 105 -43.39 -52.10 -1.11
N PRO C 106 -42.63 -52.96 -0.40
CA PRO C 106 -43.17 -53.93 0.57
C PRO C 106 -43.74 -53.29 1.85
N TYR C 107 -44.33 -54.08 2.74
CA TYR C 107 -44.92 -53.55 3.99
C TYR C 107 -44.85 -54.59 5.14
N THR C 108 -43.63 -54.89 5.59
CA THR C 108 -43.34 -56.00 6.52
C THR C 108 -44.19 -55.98 7.82
N PRO C 109 -44.31 -57.14 8.50
CA PRO C 109 -45.10 -57.27 9.71
C PRO C 109 -44.60 -56.32 10.80
N ALA C 110 -43.27 -56.27 10.93
CA ALA C 110 -42.63 -55.39 11.92
C ALA C 110 -43.03 -53.94 11.69
N THR C 111 -42.97 -53.55 10.42
CA THR C 111 -43.31 -52.21 9.96
C THR C 111 -44.75 -51.88 10.39
N GLN C 112 -45.62 -52.83 10.06
CA GLN C 112 -47.05 -52.71 10.26
C GLN C 112 -47.37 -52.48 11.71
N HIS C 113 -46.75 -53.31 12.54
CA HIS C 113 -46.95 -53.27 14.00
C HIS C 113 -46.55 -51.88 14.53
N TYR C 114 -45.39 -51.42 14.04
CA TYR C 114 -44.81 -50.17 14.44
C TYR C 114 -45.80 -49.02 14.11
N VAL C 115 -46.32 -49.09 12.89
CA VAL C 115 -47.20 -48.06 12.37
C VAL C 115 -48.47 -48.03 13.20
N LYS C 116 -49.01 -49.21 13.47
CA LYS C 116 -50.28 -49.28 14.20
C LYS C 116 -50.12 -48.75 15.61
N ARG C 117 -48.96 -49.05 16.23
CA ARG C 117 -48.60 -48.46 17.54
C ARG C 117 -48.61 -46.94 17.43
N LEU C 118 -48.03 -46.43 16.35
CA LEU C 118 -47.94 -45.01 16.08
C LEU C 118 -49.33 -44.38 16.04
N HIS C 119 -50.23 -45.06 15.33
CA HIS C 119 -51.61 -44.63 15.19
C HIS C 119 -52.28 -44.53 16.54
N GLU C 120 -52.06 -45.54 17.37
CA GLU C 120 -52.63 -45.56 18.73
C GLU C 120 -52.13 -44.36 19.52
N VAL C 121 -50.83 -44.15 19.42
CA VAL C 121 -50.13 -43.13 20.21
C VAL C 121 -50.67 -41.76 19.85
N GLY C 122 -50.84 -41.53 18.54
CA GLY C 122 -51.29 -40.24 18.04
C GLY C 122 -52.77 -40.13 18.30
N GLY C 123 -53.44 -41.29 18.29
CA GLY C 123 -54.88 -41.40 18.45
C GLY C 123 -55.39 -41.12 19.86
N THR C 124 -54.69 -41.69 20.87
CA THR C 124 -55.08 -41.54 22.28
C THR C 124 -53.94 -41.25 23.29
N HIS C 125 -52.69 -41.30 22.84
CA HIS C 125 -51.55 -41.00 23.74
C HIS C 125 -50.57 -39.88 23.24
N PRO C 126 -51.09 -38.73 22.72
CA PRO C 126 -50.23 -37.66 22.16
C PRO C 126 -49.02 -37.30 23.00
N GLU C 127 -49.20 -37.26 24.31
CA GLU C 127 -48.14 -36.87 25.21
C GLU C 127 -46.90 -37.71 24.99
N LEU C 128 -47.07 -38.89 24.40
CA LEU C 128 -45.99 -39.86 24.22
C LEU C 128 -45.33 -39.83 22.84
N LEU C 129 -45.93 -39.11 21.91
CA LEU C 129 -45.38 -39.01 20.57
C LEU C 129 -43.85 -38.79 20.63
N VAL C 130 -43.49 -37.87 21.51
CA VAL C 130 -42.14 -37.38 21.66
C VAL C 130 -41.15 -38.51 21.91
N ALA C 131 -41.59 -39.62 22.48
CA ALA C 131 -40.68 -40.75 22.66
C ALA C 131 -40.25 -41.30 21.29
N HIS C 132 -41.25 -41.45 20.41
CA HIS C 132 -40.99 -41.95 19.07
C HIS C 132 -40.06 -41.01 18.32
N ALA C 133 -40.40 -39.71 18.46
CA ALA C 133 -39.65 -38.67 17.75
C ALA C 133 -38.20 -38.67 18.20
N TYR C 134 -38.00 -38.81 19.51
CA TYR C 134 -36.67 -38.85 20.10
C TYR C 134 -35.85 -39.99 19.50
N THR C 135 -36.50 -41.15 19.42
CA THR C 135 -35.86 -42.36 18.89
C THR C 135 -35.43 -42.13 17.45
N ARG C 136 -36.35 -41.53 16.68
CA ARG C 136 -36.20 -41.48 15.21
C ARG C 136 -35.16 -40.45 14.69
N TYR C 137 -35.58 -39.20 14.82
CA TYR C 137 -34.91 -38.08 14.21
C TYR C 137 -33.50 -37.96 14.74
N LEU C 138 -33.36 -38.12 16.06
CA LEU C 138 -32.04 -37.98 16.68
C LEU C 138 -31.09 -39.04 16.15
N GLY C 139 -31.58 -40.26 15.98
CA GLY C 139 -30.81 -41.36 15.42
C GLY C 139 -30.26 -40.99 14.04
N ASP C 140 -31.15 -40.44 13.23
CA ASP C 140 -30.83 -40.01 11.87
C ASP C 140 -29.73 -38.99 11.88
N LEU C 141 -29.60 -38.20 12.93
CA LEU C 141 -28.58 -37.14 12.98
C LEU C 141 -27.29 -37.56 13.72
N SER C 142 -27.21 -38.84 14.07
CA SER C 142 -26.03 -39.30 14.74
C SER C 142 -25.41 -40.40 13.90
N GLY C 143 -26.01 -41.58 13.94
CA GLY C 143 -25.57 -42.69 13.11
C GLY C 143 -25.77 -42.40 11.64
N GLY C 144 -26.77 -41.58 11.32
CA GLY C 144 -27.31 -41.44 9.98
C GLY C 144 -26.27 -40.92 9.01
N GLN C 145 -25.45 -39.97 9.47
CA GLN C 145 -24.53 -39.34 8.56
C GLN C 145 -23.46 -40.31 8.10
N VAL C 146 -22.98 -41.14 9.01
CA VAL C 146 -21.98 -42.14 8.59
C VAL C 146 -22.63 -43.15 7.62
N LEU C 147 -23.86 -43.53 7.95
CA LEU C 147 -24.62 -44.52 7.21
C LEU C 147 -24.84 -44.11 5.79
N LYS C 148 -25.13 -42.83 5.59
CA LYS C 148 -25.30 -42.24 4.25
C LYS C 148 -24.04 -42.51 3.40
N LYS C 149 -22.90 -42.24 4.03
CA LYS C 149 -21.61 -42.25 3.38
C LYS C 149 -21.04 -43.64 3.12
N ILE C 150 -21.45 -44.60 3.95
CA ILE C 150 -21.18 -46.02 3.66
C ILE C 150 -21.93 -46.47 2.42
N ALA C 151 -23.14 -45.92 2.20
CA ALA C 151 -23.96 -46.27 1.04
C ALA C 151 -23.18 -46.03 -0.26
N GLN C 152 -22.40 -44.97 -0.30
CA GLN C 152 -21.63 -44.66 -1.49
C GLN C 152 -20.59 -45.74 -1.74
N LYS C 153 -19.94 -46.23 -0.70
CA LYS C 153 -18.95 -47.29 -0.92
C LYS C 153 -19.65 -48.56 -1.36
N ALA C 154 -20.79 -48.84 -0.72
CA ALA C 154 -21.50 -50.11 -0.92
C ALA C 154 -22.17 -50.22 -2.30
N MET C 155 -23.04 -49.26 -2.57
CA MET C 155 -23.89 -49.26 -3.75
C MET C 155 -23.27 -48.40 -4.86
N ALA C 156 -22.12 -47.78 -4.52
CA ALA C 156 -21.43 -46.70 -5.29
C ALA C 156 -22.33 -45.78 -6.11
N LEU C 157 -23.11 -44.96 -5.39
CA LEU C 157 -24.13 -44.10 -5.97
C LEU C 157 -23.57 -42.71 -6.30
N PRO C 158 -24.37 -41.87 -6.98
CA PRO C 158 -23.82 -40.61 -7.39
C PRO C 158 -23.63 -39.67 -6.19
N SER C 159 -22.53 -38.92 -6.16
CA SER C 159 -22.42 -37.82 -5.22
C SER C 159 -23.31 -36.68 -5.74
N SER C 160 -24.09 -36.97 -6.78
CA SER C 160 -25.27 -36.17 -7.12
C SER C 160 -26.35 -36.43 -6.07
N GLY C 161 -26.21 -37.54 -5.33
CA GLY C 161 -26.92 -37.74 -4.08
C GLY C 161 -28.19 -38.55 -4.20
N GLU C 162 -28.49 -38.97 -5.43
CA GLU C 162 -29.73 -39.66 -5.73
C GLU C 162 -29.80 -40.95 -4.95
N GLY C 163 -30.94 -41.14 -4.26
CA GLY C 163 -31.22 -42.32 -3.42
C GLY C 163 -30.94 -42.15 -1.93
N LEU C 164 -30.36 -41.01 -1.58
CA LEU C 164 -29.96 -40.76 -0.23
C LEU C 164 -30.55 -39.44 0.26
N ALA C 165 -31.79 -39.16 -0.15
CA ALA C 165 -32.52 -37.93 0.28
C ALA C 165 -32.90 -37.99 1.74
N PHE C 166 -33.33 -39.18 2.16
CA PHE C 166 -33.65 -39.50 3.56
C PHE C 166 -32.50 -39.22 4.54
N PHE C 167 -31.27 -39.39 4.06
CA PHE C 167 -30.05 -39.13 4.84
C PHE C 167 -29.47 -37.72 4.65
N THR C 168 -30.08 -36.92 3.79
CA THR C 168 -29.59 -35.58 3.57
C THR C 168 -30.54 -34.55 4.21
N PHE C 169 -29.95 -33.67 5.01
CA PHE C 169 -30.73 -32.71 5.75
C PHE C 169 -30.55 -31.28 5.27
N PRO C 170 -31.55 -30.80 4.49
CA PRO C 170 -31.54 -29.54 3.76
C PRO C 170 -31.27 -28.36 4.67
N SER C 171 -32.05 -28.28 5.73
CA SER C 171 -32.21 -27.07 6.50
C SER C 171 -31.26 -27.04 7.69
N ILE C 172 -30.73 -28.19 8.04
CA ILE C 172 -29.98 -28.35 9.26
C ILE C 172 -28.49 -28.23 9.01
N ASP C 173 -27.93 -27.11 9.43
CA ASP C 173 -26.54 -26.74 9.10
C ASP C 173 -25.50 -27.45 9.98
N ASN C 174 -25.93 -27.98 11.12
CA ASN C 174 -25.08 -28.63 12.10
C ASN C 174 -25.95 -29.55 12.96
N PRO C 175 -25.88 -30.86 12.66
CA PRO C 175 -26.69 -31.82 13.39
C PRO C 175 -26.37 -31.79 14.87
N THR C 176 -25.10 -31.58 15.22
CA THR C 176 -24.68 -31.46 16.63
C THR C 176 -25.45 -30.33 17.30
N LYS C 177 -25.47 -29.20 16.60
CA LYS C 177 -26.17 -28.00 17.07
C LYS C 177 -27.67 -28.33 17.23
N PHE C 178 -28.20 -29.01 16.22
CA PHE C 178 -29.62 -29.26 16.21
C PHE C 178 -30.07 -30.12 17.33
N LYS C 179 -29.27 -31.13 17.65
CA LYS C 179 -29.53 -32.04 18.78
C LYS C 179 -29.63 -31.23 20.08
N GLN C 180 -28.68 -30.32 20.24
CA GLN C 180 -28.71 -29.30 21.29
C GLN C 180 -30.15 -28.81 21.46
N LEU C 181 -30.63 -28.14 20.42
CA LEU C 181 -31.92 -27.46 20.46
C LEU C 181 -33.04 -28.43 20.75
N TYR C 182 -32.98 -29.60 20.12
CA TYR C 182 -34.02 -30.60 20.24
C TYR C 182 -34.17 -31.04 21.67
N ARG C 183 -33.04 -31.28 22.32
CA ARG C 183 -33.04 -31.72 23.72
C ARG C 183 -33.70 -30.66 24.60
N ALA C 184 -33.34 -29.40 24.34
CA ALA C 184 -33.91 -28.28 25.11
C ALA C 184 -35.40 -28.22 24.93
N ARG C 185 -35.86 -28.42 23.69
CA ARG C 185 -37.26 -28.40 23.32
C ARG C 185 -38.01 -29.43 24.13
N MET C 186 -37.44 -30.63 24.27
CA MET C 186 -38.15 -31.68 25.01
C MET C 186 -38.35 -31.28 26.47
N ASN C 187 -37.30 -30.72 27.04
CA ASN C 187 -37.34 -30.23 28.42
C ASN C 187 -38.44 -29.22 28.66
N THR C 188 -38.89 -28.54 27.61
CA THR C 188 -39.84 -27.46 27.65
C THR C 188 -41.29 -27.96 27.72
N LEU C 189 -41.44 -29.26 27.50
CA LEU C 189 -42.72 -29.89 27.68
C LEU C 189 -43.03 -29.96 29.16
N GLU C 190 -44.27 -29.63 29.53
CA GLU C 190 -44.71 -29.81 30.91
C GLU C 190 -45.25 -31.22 31.17
N MET C 191 -44.52 -31.97 32.01
CA MET C 191 -44.97 -33.30 32.42
C MET C 191 -44.50 -33.71 33.82
N THR C 192 -45.44 -34.37 34.51
CA THR C 192 -45.28 -34.95 35.83
C THR C 192 -44.24 -36.07 35.74
N PRO C 193 -43.43 -36.32 36.80
CA PRO C 193 -42.46 -37.42 36.59
C PRO C 193 -43.04 -38.84 36.46
N GLU C 194 -44.34 -38.95 36.77
CA GLU C 194 -45.12 -40.14 36.39
C GLU C 194 -45.16 -40.25 34.87
N VAL C 195 -45.58 -39.13 34.27
CA VAL C 195 -45.67 -39.02 32.81
C VAL C 195 -44.28 -39.15 32.20
N LYS C 196 -43.25 -38.61 32.85
CA LYS C 196 -41.85 -38.75 32.44
C LYS C 196 -41.49 -40.23 32.34
N HIS C 197 -41.87 -40.99 33.36
CA HIS C 197 -41.58 -42.41 33.36
C HIS C 197 -42.27 -43.12 32.23
N ARG C 198 -43.53 -42.75 31.98
CA ARG C 198 -44.30 -43.30 30.86
C ARG C 198 -43.58 -43.06 29.54
N VAL C 199 -43.11 -41.83 29.39
CA VAL C 199 -42.43 -41.41 28.16
C VAL C 199 -41.14 -42.22 28.00
N THR C 200 -40.42 -42.42 29.09
CA THR C 200 -39.19 -43.20 29.07
C THR C 200 -39.47 -44.62 28.65
N GLU C 201 -40.55 -45.19 29.17
CA GLU C 201 -40.98 -46.54 28.83
C GLU C 201 -41.24 -46.63 27.31
N GLU C 202 -41.99 -45.63 26.85
CA GLU C 202 -42.38 -45.54 25.43
C GLU C 202 -41.17 -45.43 24.56
N ALA C 203 -40.11 -44.74 24.98
CA ALA C 203 -38.85 -44.67 24.26
C ALA C 203 -38.29 -46.08 24.03
N LYS C 204 -38.31 -46.85 25.12
CA LYS C 204 -37.82 -48.23 25.09
C LYS C 204 -38.63 -49.05 24.10
N THR C 205 -39.94 -48.87 24.15
CA THR C 205 -40.89 -49.54 23.26
C THR C 205 -40.53 -49.25 21.80
N ALA C 206 -40.29 -47.97 21.53
CA ALA C 206 -39.97 -47.52 20.18
C ALA C 206 -38.68 -48.16 19.72
N PHE C 207 -37.69 -48.21 20.61
CA PHE C 207 -36.40 -48.83 20.33
C PHE C 207 -36.58 -50.29 19.95
N LEU C 208 -37.41 -50.96 20.73
CA LEU C 208 -37.73 -52.38 20.53
C LEU C 208 -38.33 -52.58 19.14
N LEU C 209 -39.25 -51.70 18.78
CA LEU C 209 -39.92 -51.70 17.48
C LEU C 209 -38.89 -51.64 16.36
N ASN C 210 -37.90 -50.78 16.49
CA ASN C 210 -36.85 -50.70 15.50
C ASN C 210 -36.06 -52.03 15.46
N ILE C 211 -35.74 -52.51 16.66
CA ILE C 211 -34.83 -53.66 16.80
C ILE C 211 -35.43 -54.88 16.13
N GLU C 212 -36.73 -55.08 16.35
CA GLU C 212 -37.47 -56.20 15.79
C GLU C 212 -37.41 -56.16 14.28
N LEU C 213 -37.53 -54.97 13.69
CA LEU C 213 -37.45 -54.81 12.25
C LEU C 213 -36.12 -55.34 11.71
N PHE C 214 -35.06 -54.93 12.40
CA PHE C 214 -33.69 -55.15 11.89
C PHE C 214 -33.41 -56.63 11.76
N GLU C 215 -33.82 -57.38 12.77
CA GLU C 215 -33.61 -58.82 12.84
C GLU C 215 -34.49 -59.57 11.86
N GLU C 216 -35.67 -59.04 11.58
CA GLU C 216 -36.61 -59.64 10.65
C GLU C 216 -35.96 -59.70 9.25
N LEU C 217 -35.56 -58.50 8.83
CA LEU C 217 -35.03 -58.27 7.50
C LEU C 217 -33.72 -58.99 7.26
N GLN C 218 -32.91 -59.15 8.33
CA GLN C 218 -31.68 -59.92 8.25
C GLN C 218 -31.98 -61.36 7.85
N ALA C 219 -33.08 -61.93 8.36
CA ALA C 219 -33.48 -63.29 8.00
C ALA C 219 -33.68 -63.40 6.48
N LEU C 220 -34.39 -62.41 5.96
CA LEU C 220 -34.86 -62.41 4.59
C LEU C 220 -33.86 -62.02 3.53
N LEU C 221 -32.68 -61.57 3.95
CA LEU C 221 -31.58 -61.25 3.04
C LEU C 221 -30.66 -62.43 2.66
N THR C 222 -29.87 -62.85 3.65
CA THR C 222 -28.92 -63.97 3.56
C THR C 222 -29.60 -65.22 3.03
N GLU C 223 -30.93 -65.24 3.14
CA GLU C 223 -31.82 -66.30 2.68
C GLU C 223 -31.55 -66.75 1.23
N SER D 10 17.09 51.61 -30.89
CA SER D 10 15.64 51.25 -31.05
C SER D 10 14.60 52.32 -30.58
N GLN D 11 13.41 51.81 -30.27
CA GLN D 11 12.38 52.58 -29.62
C GLN D 11 12.51 52.28 -28.13
N ASP D 12 12.57 51.01 -27.76
CA ASP D 12 12.68 50.66 -26.33
C ASP D 12 14.11 50.76 -25.78
N LEU D 13 14.22 51.27 -24.55
CA LEU D 13 15.50 51.70 -24.00
C LEU D 13 16.52 50.58 -23.81
N SER D 14 16.07 49.49 -23.21
CA SER D 14 16.93 48.40 -22.79
C SER D 14 17.63 47.80 -23.98
N GLU D 15 16.82 47.50 -24.99
CA GLU D 15 17.33 46.89 -26.23
C GLU D 15 18.32 47.89 -26.89
N ALA D 16 17.88 49.14 -26.93
CA ALA D 16 18.57 50.21 -27.63
C ALA D 16 19.98 50.36 -27.11
N LEU D 17 20.09 50.32 -25.77
CA LEU D 17 21.37 50.51 -25.11
C LEU D 17 22.34 49.42 -25.55
N LYS D 18 21.84 48.20 -25.42
CA LYS D 18 22.58 46.97 -25.70
C LYS D 18 23.10 47.01 -27.12
N GLU D 19 22.24 47.53 -28.00
CA GLU D 19 22.54 47.49 -29.45
C GLU D 19 23.53 48.58 -29.70
N ALA D 20 23.38 49.70 -28.97
CA ALA D 20 24.22 50.84 -29.28
C ALA D 20 25.63 50.67 -28.65
N THR D 21 25.76 49.75 -27.71
CA THR D 21 27.08 49.53 -27.13
C THR D 21 27.80 48.37 -27.81
N LYS D 22 27.11 47.61 -28.65
CA LYS D 22 27.57 46.27 -29.00
C LYS D 22 29.04 46.27 -29.37
N GLU D 23 29.46 47.31 -30.12
CA GLU D 23 30.82 47.35 -30.65
C GLU D 23 31.81 47.58 -29.51
N VAL D 24 31.50 48.64 -28.79
CA VAL D 24 32.34 49.12 -27.70
C VAL D 24 32.44 48.08 -26.62
N HIS D 25 31.37 47.35 -26.32
CA HIS D 25 31.37 46.23 -25.39
C HIS D 25 32.43 45.21 -25.79
N ILE D 26 32.39 44.87 -27.07
CA ILE D 26 33.32 43.92 -27.67
C ILE D 26 34.77 44.38 -27.46
N ARG D 27 34.97 45.67 -27.74
CA ARG D 27 36.28 46.30 -27.59
C ARG D 27 36.78 46.16 -26.16
N ALA D 28 35.89 46.43 -25.23
CA ALA D 28 36.17 46.37 -23.79
C ALA D 28 36.60 44.97 -23.42
N GLU D 29 35.83 43.99 -23.90
CA GLU D 29 36.06 42.63 -23.43
C GLU D 29 37.29 42.03 -24.12
N ASN D 30 37.86 42.76 -25.07
CA ASN D 30 39.05 42.31 -25.79
C ASN D 30 40.27 43.23 -25.60
N SER D 31 40.15 44.26 -24.76
CA SER D 31 41.30 45.06 -24.37
C SER D 31 42.23 44.09 -23.69
N GLU D 32 43.52 44.40 -23.68
CA GLU D 32 44.54 43.39 -23.41
C GLU D 32 44.30 42.56 -22.13
N PHE D 33 43.87 43.25 -21.08
CA PHE D 33 43.86 42.68 -19.75
C PHE D 33 42.79 41.60 -19.63
N MET D 34 41.64 41.83 -20.25
CA MET D 34 40.48 40.98 -20.09
C MET D 34 40.79 39.55 -20.52
N ARG D 35 41.45 39.47 -21.68
CA ARG D 35 41.83 38.17 -22.26
C ARG D 35 42.75 37.42 -21.29
N ASN D 36 43.72 38.16 -20.75
CA ASN D 36 44.69 37.62 -19.80
C ASN D 36 43.97 37.05 -18.58
N PHE D 37 43.02 37.84 -18.09
CA PHE D 37 42.21 37.49 -16.92
C PHE D 37 41.48 36.17 -17.19
N GLN D 38 40.88 36.09 -18.37
CA GLN D 38 40.03 34.98 -18.72
C GLN D 38 40.77 33.66 -18.67
N LYS D 39 41.99 33.67 -19.20
CA LYS D 39 42.87 32.48 -19.16
C LYS D 39 43.55 32.29 -17.80
N GLY D 40 43.23 33.17 -16.86
CA GLY D 40 43.73 33.12 -15.50
C GLY D 40 45.15 33.61 -15.29
N GLN D 41 45.72 34.34 -16.26
CA GLN D 41 47.09 34.92 -16.11
C GLN D 41 47.03 36.33 -15.54
N VAL D 42 46.10 36.50 -14.62
CA VAL D 42 46.02 37.67 -13.78
C VAL D 42 46.92 37.41 -12.57
N SER D 43 47.81 38.35 -12.26
CA SER D 43 48.63 38.23 -11.03
C SER D 43 47.89 38.75 -9.80
N ARG D 44 48.19 38.16 -8.65
CA ARG D 44 47.79 38.72 -7.38
C ARG D 44 47.89 40.25 -7.44
N GLU D 45 49.02 40.71 -7.98
CA GLU D 45 49.34 42.13 -8.07
C GLU D 45 48.26 42.83 -8.89
N GLY D 46 48.00 42.24 -10.05
CA GLY D 46 47.09 42.82 -11.04
C GLY D 46 45.69 42.93 -10.43
N PHE D 47 45.29 41.85 -9.77
CA PHE D 47 43.91 41.73 -9.26
C PHE D 47 43.64 42.82 -8.24
N LYS D 48 44.63 43.05 -7.37
CA LYS D 48 44.57 44.07 -6.33
C LYS D 48 44.31 45.44 -6.96
N LEU D 49 45.06 45.72 -8.03
CA LEU D 49 45.02 46.98 -8.73
C LEU D 49 43.62 47.36 -9.22
N VAL D 50 43.07 46.47 -10.04
CA VAL D 50 41.73 46.67 -10.64
C VAL D 50 40.70 46.88 -9.54
N MET D 51 40.78 46.01 -8.52
CA MET D 51 39.88 46.01 -7.41
C MET D 51 39.90 47.39 -6.71
N ALA D 52 41.11 47.89 -6.49
CA ALA D 52 41.33 49.15 -5.84
C ALA D 52 40.65 50.28 -6.62
N SER D 53 40.86 50.24 -7.93
CA SER D 53 40.30 51.23 -8.83
C SER D 53 38.77 51.22 -8.75
N LEU D 54 38.23 50.01 -8.75
CA LEU D 54 36.78 49.79 -8.66
C LEU D 54 36.22 50.39 -7.42
N TYR D 55 36.95 50.22 -6.29
CA TYR D 55 36.54 50.87 -5.03
C TYR D 55 36.03 52.31 -5.15
N HIS D 56 36.91 53.16 -5.66
CA HIS D 56 36.60 54.58 -5.77
C HIS D 56 35.40 54.79 -6.70
N ILE D 57 35.43 54.03 -7.81
CA ILE D 57 34.46 54.12 -8.87
C ILE D 57 33.05 53.87 -8.35
N TYR D 58 32.86 52.69 -7.77
CA TYR D 58 31.58 52.31 -7.19
C TYR D 58 31.18 53.29 -6.09
N THR D 59 32.19 53.65 -5.25
CA THR D 59 31.92 54.57 -4.14
C THR D 59 31.45 55.90 -4.68
N ALA D 60 32.11 56.38 -5.75
CA ALA D 60 31.74 57.65 -6.37
C ALA D 60 30.29 57.52 -6.92
N LEU D 61 30.15 56.47 -7.71
CA LEU D 61 28.93 56.15 -8.42
C LEU D 61 27.83 55.97 -7.38
N GLU D 62 28.12 55.18 -6.36
CA GLU D 62 27.08 54.88 -5.40
C GLU D 62 26.80 56.07 -4.52
N GLU D 63 27.73 56.96 -4.29
CA GLU D 63 27.40 58.20 -3.58
C GLU D 63 26.40 59.01 -4.43
N GLU D 64 26.72 59.10 -5.72
CA GLU D 64 25.88 59.84 -6.68
C GLU D 64 24.51 59.21 -6.74
N ILE D 65 24.46 57.89 -6.77
CA ILE D 65 23.21 57.14 -6.81
C ILE D 65 22.35 57.49 -5.60
N GLU D 66 23.00 57.49 -4.44
CA GLU D 66 22.35 57.79 -3.18
C GLU D 66 21.74 59.20 -3.22
N ARG D 67 22.54 60.13 -3.74
CA ARG D 67 22.17 61.53 -3.88
C ARG D 67 20.92 61.64 -4.76
N ASN D 68 20.92 60.87 -5.85
CA ASN D 68 19.83 61.00 -6.84
C ASN D 68 18.68 60.04 -6.57
N LYS D 69 18.76 59.30 -5.47
CA LYS D 69 17.90 58.14 -5.31
C LYS D 69 16.37 58.41 -5.46
N GLN D 70 15.96 59.65 -5.39
CA GLN D 70 14.53 59.94 -5.52
C GLN D 70 14.17 60.84 -6.71
N ASN D 71 15.18 61.09 -7.53
CA ASN D 71 14.96 61.71 -8.82
C ASN D 71 14.38 60.66 -9.73
N PRO D 72 13.25 60.98 -10.31
CA PRO D 72 12.53 60.02 -11.13
C PRO D 72 13.30 59.44 -12.34
N VAL D 73 14.42 60.03 -12.74
CA VAL D 73 15.23 59.45 -13.81
C VAL D 73 16.33 58.56 -13.26
N TYR D 74 16.18 58.16 -11.98
CA TYR D 74 16.94 57.01 -11.38
C TYR D 74 16.00 56.07 -10.61
N ALA D 75 15.09 56.61 -9.86
CA ALA D 75 14.51 55.84 -8.75
C ALA D 75 14.04 54.42 -9.08
N PRO D 76 13.44 54.22 -10.24
CA PRO D 76 13.09 52.81 -10.46
C PRO D 76 14.33 51.99 -10.91
N LEU D 77 15.53 52.54 -10.73
CA LEU D 77 16.79 51.79 -10.87
C LEU D 77 17.52 51.62 -9.52
N TYR D 78 16.83 52.02 -8.46
CA TYR D 78 17.43 52.09 -7.15
C TYR D 78 17.31 50.70 -6.65
N PHE D 79 18.43 49.98 -6.77
CA PHE D 79 18.52 48.63 -6.22
C PHE D 79 19.64 48.52 -5.22
N PRO D 80 19.43 49.14 -4.05
CA PRO D 80 20.52 49.28 -3.12
C PRO D 80 20.87 47.96 -2.52
N GLU D 81 19.86 47.22 -2.09
CA GLU D 81 20.07 45.93 -1.43
C GLU D 81 20.92 45.02 -2.32
N GLU D 82 20.58 45.08 -3.58
CA GLU D 82 20.72 43.97 -4.47
C GLU D 82 22.02 44.01 -5.22
N LEU D 83 22.39 45.19 -5.68
CA LEU D 83 23.60 45.31 -6.50
C LEU D 83 24.69 46.07 -5.75
N HIS D 84 24.30 46.99 -4.87
CA HIS D 84 25.24 48.00 -4.39
C HIS D 84 26.55 47.29 -4.01
N ARG D 85 27.65 47.85 -4.51
CA ARG D 85 28.92 47.19 -4.44
C ARG D 85 29.95 47.75 -3.46
N ARG D 86 29.85 49.02 -3.08
CA ARG D 86 30.77 49.53 -2.06
C ARG D 86 30.77 48.64 -0.86
N ALA D 87 29.59 48.14 -0.47
CA ALA D 87 29.44 47.31 0.71
C ALA D 87 30.63 46.34 0.74
N ALA D 88 30.53 45.47 -0.24
CA ALA D 88 31.44 44.40 -0.41
C ALA D 88 32.82 44.94 -0.84
N LEU D 89 32.91 46.06 -1.55
CA LEU D 89 34.21 46.55 -1.90
C LEU D 89 35.06 46.87 -0.66
N GLU D 90 34.41 47.38 0.38
CA GLU D 90 35.08 47.70 1.62
C GLU D 90 35.71 46.46 2.23
N GLN D 91 34.96 45.35 2.21
CA GLN D 91 35.45 44.07 2.73
C GLN D 91 36.71 43.65 1.99
N ASP D 92 36.64 43.76 0.67
CA ASP D 92 37.70 43.37 -0.23
C ASP D 92 38.92 44.26 0.00
N MET D 93 38.76 45.50 0.32
CA MET D 93 39.91 46.33 0.49
C MET D 93 40.67 45.96 1.76
N ALA D 94 39.93 45.70 2.82
CA ALA D 94 40.51 45.31 4.11
C ALA D 94 41.34 44.04 3.96
N PHE D 95 40.73 43.08 3.27
CA PHE D 95 41.32 41.77 3.04
C PHE D 95 42.63 41.98 2.23
N TRP D 96 42.58 42.83 1.23
CA TRP D 96 43.67 42.87 0.30
C TRP D 96 44.77 43.81 0.66
N TYR D 97 44.45 44.78 1.51
CA TYR D 97 45.44 45.80 1.78
C TYR D 97 45.70 46.05 3.28
N GLY D 98 45.08 45.25 4.13
CA GLY D 98 45.33 45.37 5.56
C GLY D 98 44.40 46.41 6.10
N PRO D 99 44.34 46.55 7.43
CA PRO D 99 43.31 47.52 7.83
C PRO D 99 43.70 48.99 7.61
N HIS D 100 44.90 49.18 7.05
CA HIS D 100 45.29 50.51 6.56
C HIS D 100 44.93 50.85 5.09
N TRP D 101 43.93 50.14 4.56
CA TRP D 101 43.58 50.18 3.12
C TRP D 101 43.17 51.53 2.68
N GLN D 102 42.27 52.08 3.47
CA GLN D 102 41.87 53.46 3.41
C GLN D 102 43.00 54.33 2.83
N GLU D 103 44.17 54.36 3.47
CA GLU D 103 45.24 55.25 3.00
C GLU D 103 46.21 54.54 2.07
N ALA D 104 46.00 53.26 1.86
CA ALA D 104 46.96 52.49 1.09
C ALA D 104 46.64 52.37 -0.40
N ILE D 105 45.36 52.11 -0.70
CA ILE D 105 44.92 51.67 -2.05
C ILE D 105 45.20 52.69 -3.17
N PRO D 106 45.96 52.27 -4.23
CA PRO D 106 46.37 53.23 -5.26
C PRO D 106 45.21 53.62 -6.17
N TYR D 107 45.39 54.66 -6.96
CA TYR D 107 44.25 55.37 -7.49
C TYR D 107 44.71 55.94 -8.82
N THR D 108 44.47 55.15 -9.85
CA THR D 108 45.01 55.36 -11.18
C THR D 108 44.37 56.54 -11.91
N PRO D 109 45.15 57.23 -12.76
CA PRO D 109 44.75 58.43 -13.49
C PRO D 109 43.42 58.22 -14.21
N ALA D 110 43.36 57.09 -14.90
CA ALA D 110 42.16 56.67 -15.64
C ALA D 110 40.98 56.55 -14.67
N THR D 111 41.25 55.91 -13.53
CA THR D 111 40.25 55.70 -12.49
C THR D 111 39.70 57.03 -12.01
N GLN D 112 40.64 57.94 -11.77
CA GLN D 112 40.31 59.30 -11.29
C GLN D 112 39.39 59.98 -12.28
N HIS D 113 39.75 59.87 -13.55
CA HIS D 113 39.00 60.46 -14.66
C HIS D 113 37.57 59.93 -14.65
N TYR D 114 37.47 58.61 -14.50
CA TYR D 114 36.18 57.90 -14.48
C TYR D 114 35.30 58.49 -13.33
N VAL D 115 35.95 58.59 -12.18
CA VAL D 115 35.30 59.07 -10.97
C VAL D 115 34.80 60.50 -11.17
N LYS D 116 35.66 61.31 -11.77
CA LYS D 116 35.38 62.71 -12.07
C LYS D 116 34.12 62.80 -12.94
N ARG D 117 34.10 61.96 -13.97
CA ARG D 117 32.99 61.91 -14.92
C ARG D 117 31.69 61.59 -14.18
N LEU D 118 31.79 60.57 -13.34
CA LEU D 118 30.69 60.04 -12.57
C LEU D 118 30.07 61.11 -11.72
N HIS D 119 30.94 61.82 -11.03
CA HIS D 119 30.55 62.89 -10.11
C HIS D 119 29.78 63.96 -10.87
N GLU D 120 30.33 64.33 -12.05
CA GLU D 120 29.75 65.35 -12.93
C GLU D 120 28.33 64.95 -13.29
N VAL D 121 28.22 63.68 -13.71
CA VAL D 121 26.97 63.14 -14.20
C VAL D 121 25.93 63.17 -13.09
N GLY D 122 26.34 62.78 -11.89
CA GLY D 122 25.44 62.70 -10.74
C GLY D 122 25.01 64.07 -10.32
N GLY D 123 25.88 65.06 -10.47
CA GLY D 123 25.70 66.42 -9.97
C GLY D 123 24.84 67.27 -10.87
N THR D 124 25.14 67.29 -12.16
CA THR D 124 24.35 68.09 -13.12
C THR D 124 23.57 67.29 -14.20
N HIS D 125 23.83 65.98 -14.36
CA HIS D 125 23.20 65.16 -15.43
C HIS D 125 22.50 63.89 -15.00
N PRO D 126 21.61 63.97 -14.02
CA PRO D 126 20.98 62.74 -13.52
C PRO D 126 20.33 61.83 -14.61
N GLU D 127 19.81 62.44 -15.67
CA GLU D 127 19.11 61.69 -16.67
C GLU D 127 20.02 60.62 -17.18
N LEU D 128 21.30 60.84 -17.01
CA LEU D 128 22.35 59.97 -17.55
C LEU D 128 22.96 58.99 -16.54
N LEU D 129 22.59 59.15 -15.26
CA LEU D 129 23.07 58.18 -14.28
C LEU D 129 22.87 56.77 -14.81
N VAL D 130 21.65 56.57 -15.35
CA VAL D 130 21.17 55.25 -15.70
C VAL D 130 22.15 54.53 -16.59
N ALA D 131 22.78 55.25 -17.50
CA ALA D 131 23.72 54.69 -18.44
C ALA D 131 24.88 54.08 -17.68
N HIS D 132 25.39 54.83 -16.70
CA HIS D 132 26.54 54.27 -15.97
C HIS D 132 26.17 53.08 -15.17
N ALA D 133 24.95 53.10 -14.59
CA ALA D 133 24.46 51.96 -13.81
C ALA D 133 24.39 50.72 -14.68
N TYR D 134 23.85 50.91 -15.86
CA TYR D 134 23.66 49.86 -16.85
C TYR D 134 25.02 49.29 -17.22
N THR D 135 25.98 50.17 -17.45
CA THR D 135 27.35 49.78 -17.81
C THR D 135 27.94 48.90 -16.72
N ARG D 136 27.75 49.34 -15.49
CA ARG D 136 28.47 48.69 -14.43
C ARG D 136 27.81 47.41 -13.91
N TYR D 137 26.61 47.59 -13.38
CA TYR D 137 25.98 46.55 -12.57
C TYR D 137 25.72 45.31 -13.40
N LEU D 138 25.26 45.52 -14.64
CA LEU D 138 24.95 44.41 -15.52
C LEU D 138 26.17 43.57 -15.79
N GLY D 139 27.32 44.23 -16.00
CA GLY D 139 28.60 43.55 -16.22
C GLY D 139 28.93 42.57 -15.11
N ASP D 140 28.81 43.10 -13.92
CA ASP D 140 29.17 42.24 -12.81
C ASP D 140 28.16 41.16 -12.57
N LEU D 141 26.89 41.42 -12.87
CA LEU D 141 25.87 40.36 -12.93
C LEU D 141 26.10 39.29 -13.97
N SER D 142 26.98 39.56 -14.93
CA SER D 142 27.15 38.60 -16.00
C SER D 142 28.52 37.98 -15.99
N GLY D 143 29.51 38.73 -16.48
CA GLY D 143 30.92 38.28 -16.52
C GLY D 143 31.43 37.99 -15.13
N GLY D 144 30.92 38.78 -14.19
CA GLY D 144 31.21 38.67 -12.77
C GLY D 144 31.09 37.28 -12.19
N GLN D 145 30.00 36.60 -12.53
CA GLN D 145 29.76 35.26 -12.01
C GLN D 145 30.80 34.20 -12.47
N VAL D 146 31.26 34.38 -13.72
CA VAL D 146 32.29 33.58 -14.37
C VAL D 146 33.64 33.89 -13.73
N LEU D 147 33.89 35.19 -13.62
CA LEU D 147 35.18 35.71 -13.20
C LEU D 147 35.48 35.32 -11.77
N LYS D 148 34.45 35.30 -10.92
CA LYS D 148 34.58 34.99 -9.50
C LYS D 148 35.23 33.61 -9.33
N LYS D 149 34.67 32.66 -10.08
CA LYS D 149 35.09 31.26 -9.99
C LYS D 149 36.46 31.04 -10.60
N ILE D 150 36.91 31.91 -11.51
CA ILE D 150 38.27 31.83 -12.00
C ILE D 150 39.23 32.14 -10.83
N ALA D 151 38.89 33.19 -10.08
CA ALA D 151 39.80 33.74 -9.09
C ALA D 151 40.07 32.72 -8.00
N GLN D 152 39.00 32.04 -7.56
CA GLN D 152 39.10 31.02 -6.51
C GLN D 152 40.13 29.97 -6.85
N LYS D 153 40.20 29.57 -8.12
CA LYS D 153 41.17 28.56 -8.56
C LYS D 153 42.57 29.16 -8.74
N ALA D 154 42.70 30.22 -9.51
CA ALA D 154 44.05 30.69 -9.85
C ALA D 154 44.80 31.50 -8.77
N MET D 155 44.06 31.99 -7.76
CA MET D 155 44.64 32.72 -6.61
C MET D 155 44.63 31.85 -5.32
N ALA D 156 43.70 30.90 -5.29
CA ALA D 156 43.38 30.06 -4.11
C ALA D 156 43.04 30.87 -2.87
N LEU D 157 41.88 31.52 -2.94
CA LEU D 157 41.33 32.21 -1.80
C LEU D 157 40.24 31.30 -1.22
N PRO D 158 39.67 31.68 -0.07
CA PRO D 158 38.96 30.71 0.78
C PRO D 158 37.60 30.27 0.25
N SER D 159 37.25 29.00 0.47
CA SER D 159 35.90 28.48 0.18
C SER D 159 34.84 29.11 1.08
N SER D 160 35.27 30.12 1.84
CA SER D 160 34.35 31.02 2.53
C SER D 160 33.97 32.12 1.55
N GLY D 161 34.94 32.51 0.73
CA GLY D 161 34.69 33.43 -0.39
C GLY D 161 35.15 34.86 -0.15
N GLU D 162 35.86 35.10 0.96
CA GLU D 162 36.46 36.40 1.22
C GLU D 162 37.49 36.77 0.15
N GLY D 163 37.57 38.07 -0.15
CA GLY D 163 38.44 38.63 -1.22
C GLY D 163 37.68 38.94 -2.52
N LEU D 164 36.47 38.40 -2.56
CA LEU D 164 35.63 38.35 -3.74
C LEU D 164 34.18 38.58 -3.37
N ALA D 165 33.97 39.40 -2.34
CA ALA D 165 32.62 39.66 -1.89
C ALA D 165 31.93 40.47 -2.99
N PHE D 166 32.78 41.11 -3.78
CA PHE D 166 32.39 41.94 -4.91
C PHE D 166 31.57 41.21 -5.99
N PHE D 167 31.94 39.96 -6.22
CA PHE D 167 31.31 39.13 -7.22
C PHE D 167 30.32 38.22 -6.52
N THR D 168 30.00 38.54 -5.27
CA THR D 168 29.01 37.78 -4.56
C THR D 168 27.81 38.66 -4.43
N PHE D 169 26.72 38.20 -5.03
CA PHE D 169 25.49 38.98 -5.03
C PHE D 169 24.44 38.27 -4.24
N PRO D 170 24.62 38.35 -2.94
CA PRO D 170 23.89 37.69 -1.90
C PRO D 170 22.38 37.78 -2.06
N SER D 171 21.86 38.84 -2.67
CA SER D 171 20.40 39.01 -2.82
C SER D 171 19.91 38.60 -4.23
N ILE D 172 20.86 38.53 -5.15
CA ILE D 172 20.55 38.14 -6.50
C ILE D 172 20.59 36.61 -6.71
N ASP D 173 19.51 36.02 -6.22
CA ASP D 173 19.16 34.63 -6.44
C ASP D 173 19.70 34.10 -7.79
N ASN D 174 19.34 34.78 -8.90
CA ASN D 174 19.42 34.29 -10.31
C ASN D 174 19.77 35.41 -11.32
N PRO D 175 21.08 35.68 -11.53
CA PRO D 175 21.55 36.92 -12.12
C PRO D 175 20.88 37.20 -13.44
N THR D 176 20.67 36.16 -14.23
CA THR D 176 20.04 36.37 -15.52
C THR D 176 18.59 36.85 -15.33
N LYS D 177 17.90 36.28 -14.34
CA LYS D 177 16.54 36.71 -14.07
C LYS D 177 16.52 38.15 -13.60
N PHE D 178 17.50 38.53 -12.78
CA PHE D 178 17.59 39.88 -12.26
C PHE D 178 17.76 40.88 -13.40
N LYS D 179 18.71 40.57 -14.26
CA LYS D 179 19.01 41.38 -15.45
C LYS D 179 17.74 41.72 -16.21
N GLN D 180 16.82 40.75 -16.28
CA GLN D 180 15.56 40.89 -16.96
C GLN D 180 14.96 42.20 -16.44
N LEU D 181 14.72 42.14 -15.13
CA LEU D 181 13.95 43.15 -14.44
C LEU D 181 14.69 44.47 -14.49
N TYR D 182 16.02 44.47 -14.40
CA TYR D 182 16.75 45.74 -14.43
C TYR D 182 16.38 46.57 -15.67
N ARG D 183 16.46 45.85 -16.79
CA ARG D 183 16.13 46.36 -18.12
C ARG D 183 14.70 46.87 -18.13
N ALA D 184 13.81 46.07 -17.57
CA ALA D 184 12.39 46.38 -17.49
C ALA D 184 12.18 47.74 -16.78
N ARG D 185 12.92 47.92 -15.70
CA ARG D 185 12.85 49.13 -14.89
C ARG D 185 13.34 50.31 -15.72
N MET D 186 14.49 50.12 -16.37
CA MET D 186 15.12 51.16 -17.20
C MET D 186 14.16 51.67 -18.26
N ASN D 187 13.52 50.73 -18.93
CA ASN D 187 12.45 51.00 -19.88
C ASN D 187 11.38 51.93 -19.30
N THR D 188 11.15 51.81 -17.99
CA THR D 188 10.11 52.52 -17.29
C THR D 188 10.41 53.97 -17.09
N LEU D 189 11.68 54.32 -17.06
CA LEU D 189 12.10 55.70 -17.05
C LEU D 189 11.41 56.33 -18.25
N GLU D 190 10.28 57.01 -18.03
CA GLU D 190 9.59 57.68 -19.12
C GLU D 190 10.52 58.78 -19.61
N MET D 191 11.02 58.64 -20.84
CA MET D 191 11.86 59.68 -21.43
C MET D 191 11.62 59.95 -22.92
N THR D 192 11.78 61.25 -23.25
CA THR D 192 11.63 61.77 -24.61
C THR D 192 12.66 61.06 -25.46
N PRO D 193 12.27 60.65 -26.67
CA PRO D 193 13.14 59.84 -27.48
C PRO D 193 14.37 60.56 -27.96
N GLU D 194 14.37 61.89 -27.93
CA GLU D 194 15.62 62.59 -28.21
C GLU D 194 16.70 62.23 -27.14
N VAL D 195 16.29 62.36 -25.88
CA VAL D 195 17.15 62.19 -24.70
C VAL D 195 17.68 60.78 -24.58
N LYS D 196 16.84 59.82 -24.92
CA LYS D 196 17.19 58.41 -25.05
C LYS D 196 18.41 58.21 -25.92
N HIS D 197 18.58 59.04 -26.94
CA HIS D 197 19.81 59.01 -27.73
C HIS D 197 20.99 59.39 -26.83
N ARG D 198 20.76 60.45 -26.05
CA ARG D 198 21.83 61.01 -25.19
C ARG D 198 22.27 59.96 -24.19
N VAL D 199 21.31 59.24 -23.62
CA VAL D 199 21.57 58.18 -22.64
C VAL D 199 22.50 57.12 -23.25
N THR D 200 22.13 56.72 -24.48
CA THR D 200 22.89 55.72 -25.20
C THR D 200 24.30 56.18 -25.42
N GLU D 201 24.44 57.43 -25.83
CA GLU D 201 25.72 58.06 -26.10
C GLU D 201 26.59 58.00 -24.84
N GLU D 202 25.96 58.35 -23.71
CA GLU D 202 26.63 58.37 -22.41
C GLU D 202 27.16 56.97 -22.07
N ALA D 203 26.31 55.97 -22.31
CA ALA D 203 26.65 54.60 -22.07
C ALA D 203 27.95 54.22 -22.82
N LYS D 204 28.06 54.69 -24.05
CA LYS D 204 29.25 54.55 -24.88
C LYS D 204 30.45 55.14 -24.17
N THR D 205 30.25 56.35 -23.63
CA THR D 205 31.31 57.06 -22.91
C THR D 205 31.80 56.22 -21.75
N ALA D 206 30.85 55.66 -21.01
CA ALA D 206 31.06 54.82 -19.85
C ALA D 206 31.97 53.68 -20.25
N PHE D 207 31.57 53.00 -21.33
CA PHE D 207 32.34 51.83 -21.78
C PHE D 207 33.74 52.20 -22.14
N LEU D 208 33.87 53.34 -22.83
CA LEU D 208 35.17 53.85 -23.23
C LEU D 208 36.06 54.08 -22.03
N LEU D 209 35.47 54.66 -20.98
CA LEU D 209 36.17 54.93 -19.73
C LEU D 209 36.75 53.66 -19.15
N ASN D 210 35.90 52.64 -19.12
CA ASN D 210 36.29 51.32 -18.59
C ASN D 210 37.45 50.76 -19.37
N ILE D 211 37.32 50.86 -20.69
CA ILE D 211 38.32 50.35 -21.62
C ILE D 211 39.64 51.08 -21.37
N GLU D 212 39.57 52.38 -21.21
CA GLU D 212 40.84 53.08 -21.02
C GLU D 212 41.44 52.79 -19.70
N LEU D 213 40.64 52.53 -18.65
CA LEU D 213 41.15 52.06 -17.35
C LEU D 213 41.93 50.76 -17.57
N PHE D 214 41.27 49.86 -18.28
CA PHE D 214 41.79 48.51 -18.51
C PHE D 214 43.12 48.57 -19.24
N GLU D 215 43.19 49.43 -20.26
CA GLU D 215 44.39 49.57 -21.07
C GLU D 215 45.49 50.27 -20.29
N GLU D 216 45.15 51.19 -19.39
CA GLU D 216 46.21 51.82 -18.61
C GLU D 216 46.78 50.81 -17.63
N LEU D 217 45.88 50.13 -16.93
CA LEU D 217 46.22 49.17 -15.88
C LEU D 217 47.13 48.08 -16.43
N GLN D 218 46.70 47.55 -17.57
CA GLN D 218 47.44 46.47 -18.24
C GLN D 218 48.84 46.95 -18.60
N ALA D 219 48.90 48.16 -19.14
CA ALA D 219 50.16 48.78 -19.54
C ALA D 219 51.10 48.90 -18.35
N LEU D 220 50.55 49.33 -17.23
CA LEU D 220 51.27 49.62 -16.01
C LEU D 220 52.10 48.43 -15.57
N LEU D 221 51.41 47.29 -15.55
CA LEU D 221 51.98 46.04 -15.04
C LEU D 221 53.12 45.50 -15.95
N THR D 222 52.81 45.29 -17.23
CA THR D 222 53.74 44.66 -18.17
C THR D 222 55.00 45.51 -18.42
N GLU D 223 54.90 46.80 -18.10
CA GLU D 223 56.02 47.73 -18.19
C GLU D 223 57.31 47.30 -17.47
PA FAD E . -12.42 -9.88 4.18
O1A FAD E . -12.14 -9.28 2.83
O2A FAD E . -12.85 -11.30 4.25
O5B FAD E . -11.09 -9.71 5.03
C5B FAD E . -11.19 -9.82 6.45
C4B FAD E . -10.12 -10.78 6.90
O4B FAD E . -8.84 -10.14 6.77
C3B FAD E . -10.28 -11.10 8.39
O3B FAD E . -11.21 -12.16 8.76
C2B FAD E . -8.84 -11.39 8.76
O2B FAD E . -8.45 -12.63 8.16
C1B FAD E . -8.09 -10.31 8.01
N9A FAD E . -7.84 -9.03 8.80
C8A FAD E . -8.70 -8.06 9.20
N7A FAD E . -8.08 -7.06 9.89
C5A FAD E . -6.76 -7.39 9.94
C6A FAD E . -5.49 -6.82 10.49
N6A FAD E . -5.49 -5.64 11.17
N1A FAD E . -4.31 -7.49 10.32
C2A FAD E . -4.28 -8.67 9.65
N3A FAD E . -5.38 -9.26 9.11
C4A FAD E . -6.62 -8.68 9.22
N1 FAD E . -19.29 -10.35 11.11
C2 FAD E . -19.99 -9.27 11.48
O2 FAD E . -19.37 -8.17 11.34
N3 FAD E . -21.27 -9.39 11.97
C4 FAD E . -21.93 -10.59 12.11
O4 FAD E . -23.10 -10.67 12.55
C4X FAD E . -21.20 -11.80 11.72
N5 FAD E . -21.73 -13.04 11.81
C5X FAD E . -21.02 -14.12 11.43
C6 FAD E . -21.56 -15.41 11.53
C7 FAD E . -20.81 -16.51 11.13
C7M FAD E . -21.41 -17.89 11.24
C8 FAD E . -19.41 -16.33 10.60
C8M FAD E . -18.55 -17.48 10.15
C9 FAD E . -18.90 -15.06 10.51
C9A FAD E . -19.64 -13.96 10.90
N10 FAD E . -19.08 -12.69 10.80
C10 FAD E . -19.84 -11.59 11.20
C1' FAD E . -17.73 -12.49 10.24
C2' FAD E . -17.92 -12.07 8.75
O2' FAD E . -18.70 -13.01 7.96
C3' FAD E . -16.62 -11.67 8.02
O3' FAD E . -15.45 -12.41 8.44
C4' FAD E . -16.37 -10.17 8.15
O4' FAD E . -17.61 -9.44 8.12
C5' FAD E . -15.40 -9.62 7.10
O5' FAD E . -15.75 -9.95 5.76
P FAD E . -15.11 -9.14 4.51
O1P FAD E . -15.27 -9.94 3.23
O2P FAD E . -15.67 -7.75 4.56
O3P FAD E . -13.53 -8.97 4.87
N1 FMN F . -12.05 -38.56 14.97
C2 FMN F . -11.30 -37.98 15.95
O2 FMN F . -10.54 -37.06 15.63
N3 FMN F . -11.35 -38.40 17.24
C4 FMN F . -12.16 -39.39 17.64
O4 FMN F . -12.17 -39.71 18.86
C4A FMN F . -13.02 -40.07 16.62
N5 FMN F . -13.87 -41.10 16.90
C5A FMN F . -14.63 -41.67 15.93
C6 FMN F . -15.49 -42.71 16.25
C7 FMN F . -16.28 -43.32 15.26
C7M FMN F . -17.20 -44.45 15.66
C8 FMN F . -16.21 -42.86 13.83
C8M FMN F . -17.04 -43.47 12.73
C9 FMN F . -15.35 -41.83 13.53
C9A FMN F . -14.56 -41.21 14.50
N10 FMN F . -13.68 -40.16 14.17
C10 FMN F . -12.91 -39.59 15.21
C1' FMN F . -13.58 -39.65 12.78
C2' FMN F . -13.21 -40.68 11.73
O2' FMN F . -11.80 -40.91 11.78
C3' FMN F . -13.67 -40.14 10.37
O3' FMN F . -15.07 -40.39 10.23
C4' FMN F . -12.95 -40.69 9.13
O4' FMN F . -13.41 -39.93 8.02
C5' FMN F . -13.20 -42.15 8.82
O5' FMN F . -12.25 -42.55 7.83
P FMN F . -12.41 -43.92 7.00
O1P FMN F . -11.21 -43.99 6.08
O2P FMN F . -13.73 -43.74 6.30
O3P FMN F . -12.40 -45.01 8.04
PA NAP G . -13.88 -4.97 19.16
O1A NAP G . -12.72 -5.68 18.52
O2A NAP G . -13.75 -3.49 19.36
O5B NAP G . -14.23 -5.72 20.55
C5B NAP G . -15.53 -5.66 21.21
C4B NAP G . -15.42 -5.42 22.72
O4B NAP G . -14.95 -6.60 23.37
C3B NAP G . -14.46 -4.28 23.10
O3B NAP G . -14.90 -3.65 24.31
C2B NAP G . -13.14 -4.97 23.31
O2B NAP G . -12.19 -4.27 24.13
C1B NAP G . -13.68 -6.24 23.95
N9A NAP G . -12.73 -7.36 23.91
C8A NAP G . -11.57 -7.56 23.26
N7A NAP G . -11.06 -8.78 23.60
C5A NAP G . -11.92 -9.35 24.48
C6A NAP G . -12.04 -10.61 25.26
N6A NAP G . -11.14 -11.63 25.21
N1A NAP G . -13.14 -10.72 26.06
C2A NAP G . -14.09 -9.76 26.15
N3A NAP G . -14.06 -8.62 25.48
C4A NAP G . -13.01 -8.39 24.67
O3 NAP G . -15.23 -5.16 18.30
PN NAP G . -15.55 -6.37 17.26
O1N NAP G . -15.83 -7.64 18.20
O2N NAP G . -16.89 -6.08 16.62
O5D NAP G . -14.29 -6.74 16.48
P2B NAP G . -10.71 -3.88 23.64
O1X NAP G . -9.73 -4.88 24.18
O2X NAP G . -10.47 -2.48 24.15
O3X NAP G . -10.82 -3.91 22.13
PA FAD H . 7.29 15.35 -1.53
O1A FAD H . 7.36 14.45 -0.34
O2A FAD H . 8.57 16.12 -1.80
O5B FAD H . 6.90 14.35 -2.75
C5B FAD H . 6.10 14.81 -3.83
C4B FAD H . 6.31 13.88 -5.03
O4B FAD H . 5.09 13.16 -5.25
C3B FAD H . 6.64 14.48 -6.41
O3B FAD H . 8.06 14.70 -6.58
C2B FAD H . 6.10 13.43 -7.37
O2B FAD H . 7.15 12.57 -7.83
C1B FAD H . 5.22 12.53 -6.53
N9A FAD H . 3.87 12.31 -7.06
C8A FAD H . 2.82 13.14 -6.91
N7A FAD H . 1.70 12.64 -7.49
C5A FAD H . 2.02 11.44 -8.02
C6A FAD H . 1.32 10.37 -8.81
N6A FAD H . -0.01 10.45 -9.14
N1A FAD H . 2.07 9.28 -9.16
C2A FAD H . 3.39 9.16 -8.84
N3A FAD H . 4.09 10.11 -8.16
C4A FAD H . 3.47 11.24 -7.73
N1 FAD H . 3.60 24.05 -4.46
C2 FAD H . 2.36 24.49 -4.13
O2 FAD H . 1.48 23.60 -3.81
N3 FAD H . 2.12 25.83 -4.14
C4 FAD H . 3.04 26.78 -4.44
O4 FAD H . 2.76 28.00 -4.39
C4X FAD H . 4.40 26.33 -4.84
N5 FAD H . 5.40 27.15 -5.20
C5X FAD H . 6.65 26.70 -5.54
C6 FAD H . 7.70 27.58 -5.92
C7 FAD H . 8.95 27.07 -6.25
C7M FAD H . 10.12 27.95 -6.65
C8 FAD H . 9.20 25.61 -6.21
C8M FAD H . 10.54 25.06 -6.60
C9 FAD H . 8.17 24.78 -5.85
C9A FAD H . 6.91 25.26 -5.51
N10 FAD H . 5.87 24.38 -5.13
C10 FAD H . 4.61 24.88 -4.81
C1' FAD H . 6.09 22.92 -5.07
C2' FAD H . 6.46 22.63 -3.59
O2' FAD H . 7.75 23.23 -3.26
C3' FAD H . 6.47 21.13 -3.20
O3' FAD H . 7.47 20.47 -4.00
C4' FAD H . 5.11 20.39 -3.28
O4' FAD H . 3.97 21.04 -2.69
C5' FAD H . 5.19 19.01 -2.62
O5' FAD H . 6.09 18.94 -1.50
P FAD H . 5.98 17.71 -0.48
O1P FAD H . 7.25 17.81 0.33
O2P FAD H . 4.62 17.82 0.15
O3P FAD H . 5.99 16.32 -1.30
N1 FMN I . 30.57 25.20 -21.70
C2 FMN I . 30.04 24.63 -22.81
O2 FMN I . 29.32 23.61 -22.65
N3 FMN I . 30.25 25.11 -24.06
C4 FMN I . 30.99 26.21 -24.30
O4 FMN I . 31.15 26.62 -25.48
C4A FMN I . 31.62 26.89 -23.13
N5 FMN I . 32.41 27.99 -23.27
C5A FMN I . 32.96 28.59 -22.17
C6 FMN I . 33.76 29.73 -22.34
C7 FMN I . 34.35 30.38 -21.24
C7M FMN I . 35.20 31.60 -21.46
C8 FMN I . 34.12 29.82 -19.86
C8M FMN I . 34.73 30.48 -18.64
C9 FMN I . 33.33 28.69 -19.69
C9A FMN I . 32.72 28.04 -20.78
N10 FMN I . 31.90 26.87 -20.62
C10 FMN I . 31.35 26.30 -21.78
C1' FMN I . 31.60 26.23 -19.32
C2' FMN I . 32.79 25.42 -18.78
O2' FMN I . 33.16 24.37 -19.67
C3' FMN I . 32.50 24.74 -17.46
O3' FMN I . 32.05 25.69 -16.52
C4' FMN I . 33.72 23.98 -16.91
O4' FMN I . 33.34 23.50 -15.61
C5' FMN I . 35.06 24.72 -16.79
O5' FMN I . 36.02 23.77 -16.27
P FMN I . 37.61 24.06 -15.98
O1P FMN I . 38.21 22.68 -15.88
O2P FMN I . 37.66 24.85 -14.69
O3P FMN I . 38.15 24.86 -17.14
PA NAP J . -4.56 20.90 -10.56
O1A NAP J . -3.87 19.57 -10.81
O2A NAP J . -5.92 21.01 -9.90
O5B NAP J . -4.65 21.55 -12.00
C5B NAP J . -5.29 22.81 -12.13
C4B NAP J . -6.04 22.99 -13.44
O4B NAP J . -5.18 23.04 -14.59
C3B NAP J . -7.07 21.92 -13.77
O3B NAP J . -8.14 22.65 -14.43
C2B NAP J . -6.41 21.04 -14.79
O2B NAP J . -7.40 20.44 -15.59
C1B NAP J . -5.72 22.14 -15.56
N9A NAP J . -4.70 21.76 -16.54
C8A NAP J . -3.96 20.67 -16.83
N7A NAP J . -3.14 20.95 -17.90
C5A NAP J . -3.38 22.22 -18.24
C6A NAP J . -2.93 23.17 -19.22
N6A NAP J . -1.99 22.80 -20.11
N1A NAP J . -3.52 24.41 -19.21
C2A NAP J . -4.45 24.81 -18.34
N3A NAP J . -4.90 23.98 -17.41
C4A NAP J . -4.41 22.73 -17.34
O3 NAP J . -3.69 21.91 -9.72
PN NAP J . -2.09 21.75 -9.57
O1N NAP J . -1.51 20.45 -10.11
O2N NAP J . -1.93 22.19 -8.16
O5D NAP J . -1.49 22.92 -10.49
P2B NAP J . -7.49 18.84 -15.68
O1X NAP J . -6.92 18.48 -17.01
O2X NAP J . -8.97 18.56 -15.48
O3X NAP J . -6.59 18.37 -14.58
CHA HEM K . -27.40 -41.02 19.54
CHB HEM K . -24.09 -44.14 17.89
CHC HEM K . -27.65 -46.45 15.45
CHD HEM K . -30.99 -43.81 17.80
C1A HEM K . -26.20 -41.67 19.30
C2A HEM K . -24.93 -41.23 19.77
C3A HEM K . -23.99 -42.10 19.30
C4A HEM K . -24.70 -43.09 18.56
CMA HEM K . -22.49 -42.05 19.56
CAA HEM K . -24.65 -40.01 20.62
CBA HEM K . -24.68 -38.77 19.71
CGA HEM K . -23.90 -37.64 20.35
O1A HEM K . -22.70 -37.80 20.57
O2A HEM K . -24.47 -36.57 20.65
C1B HEM K . -24.78 -45.01 17.02
C2B HEM K . -24.11 -46.00 16.24
C3B HEM K . -25.08 -46.67 15.54
C4B HEM K . -26.38 -46.06 15.92
CMB HEM K . -22.61 -46.25 16.21
CAB HEM K . -24.88 -47.78 14.61
CBB HEM K . -24.97 -47.53 13.30
C1C HEM K . -28.88 -46.03 15.98
C2C HEM K . -30.13 -46.65 15.80
C3C HEM K . -31.08 -45.89 16.46
C4C HEM K . -30.39 -44.80 17.06
CMC HEM K . -30.39 -47.92 15.03
CAC HEM K . -32.54 -46.17 16.55
CBC HEM K . -33.29 -46.24 15.45
C1D HEM K . -30.22 -42.84 18.42
C2D HEM K . -30.89 -41.74 19.14
C3D HEM K . -29.89 -40.95 19.64
C4D HEM K . -28.63 -41.58 19.19
CMD HEM K . -32.37 -41.55 19.29
CAD HEM K . -30.03 -39.68 20.47
CBD HEM K . -29.50 -39.91 21.89
CGD HEM K . -29.27 -38.64 22.72
O1D HEM K . -30.21 -37.82 22.89
O2D HEM K . -28.13 -38.44 23.24
NA HEM K . -26.05 -42.79 18.53
NB HEM K . -26.10 -45.08 16.81
NC HEM K . -29.07 -44.92 16.76
ND HEM K . -28.86 -42.71 18.49
FE HEM K . -27.56 -43.85 17.73
CHA HEM L . 26.71 41.81 -21.23
CHB HEM L . 30.24 38.59 -20.34
CHC HEM L . 33.35 42.38 -20.40
CHD HEM L . 29.59 45.15 -19.13
C1A HEM L . 27.38 40.61 -21.12
C2A HEM L . 26.83 39.33 -21.33
C3A HEM L . 27.81 38.40 -21.08
C4A HEM L . 28.99 39.12 -20.71
CMA HEM L . 27.64 36.90 -21.17
CAA HEM L . 25.40 39.03 -21.74
CBA HEM L . 24.52 39.13 -20.50
CGA HEM L . 23.21 38.39 -20.64
O1A HEM L . 22.23 38.91 -21.21
O2A HEM L . 23.09 37.23 -20.16
C1B HEM L . 31.45 39.33 -20.36
C2B HEM L . 32.78 38.78 -20.40
C3B HEM L . 33.67 39.83 -20.43
C4B HEM L . 32.84 41.06 -20.39
CMB HEM L . 33.17 37.31 -20.43
CAB HEM L . 35.14 39.76 -20.48
CBB HEM L . 35.87 39.68 -19.37
C1C HEM L . 32.63 43.51 -19.95
C2C HEM L . 33.15 44.75 -19.49
C3C HEM L . 32.06 45.54 -19.11
C4C HEM L . 30.88 44.77 -19.36
CMC HEM L . 34.61 45.16 -19.43
CAC HEM L . 32.12 46.92 -18.59
CBC HEM L . 33.01 47.24 -17.66
C1D HEM L . 28.52 44.44 -19.71
C2D HEM L . 27.18 45.05 -19.82
C3D HEM L . 26.36 44.17 -20.39
C4D HEM L . 27.20 42.96 -20.63
CMD HEM L . 26.81 46.44 -19.38
CAD HEM L . 24.89 44.48 -20.62
CBD HEM L . 24.21 44.34 -21.99
CGD HEM L . 22.72 44.09 -21.74
O1D HEM L . 21.84 44.97 -21.86
O2D HEM L . 22.35 42.93 -21.40
NA HEM L . 28.70 40.46 -20.71
NB HEM L . 31.56 40.65 -20.36
NC HEM L . 31.27 43.53 -19.83
ND HEM L . 28.47 43.19 -20.22
FE HEM L . 29.92 41.97 -20.26
#